data_9BD0
#
_entry.id   9BD0
#
_entity_poly.entity_id   1
_entity_poly.type   'polypeptide(L)'
_entity_poly.pdbx_seq_one_letter_code
;GSTGSKCYSQNGLVLHCDANFLEHELSYIDVLLDKNADQATKDNLRSYFADKGLHSIKDIINKAKQDGFDVSKYEHVK
;
_entity_poly.pdbx_strand_id   A
#
# COMPACT_ATOMS: atom_id res chain seq x y z
N LYS A 6 10.66 -1.40 -8.90
CA LYS A 6 9.36 -2.04 -8.90
C LYS A 6 9.37 -3.28 -9.78
N CYS A 7 9.55 -3.10 -11.07
CA CYS A 7 9.58 -4.20 -12.02
C CYS A 7 10.78 -5.12 -11.75
N TYR A 8 10.54 -6.15 -10.95
CA TYR A 8 11.60 -7.09 -10.61
C TYR A 8 11.02 -8.43 -10.18
N SER A 9 11.80 -9.50 -10.32
CA SER A 9 11.37 -10.83 -9.96
C SER A 9 11.64 -11.11 -8.48
N GLN A 10 10.62 -11.59 -7.78
CA GLN A 10 10.76 -11.90 -6.35
C GLN A 10 10.94 -13.40 -6.13
N ASN A 11 10.38 -14.18 -7.05
CA ASN A 11 10.47 -15.65 -6.94
C ASN A 11 10.30 -16.29 -8.32
N GLY A 12 10.57 -15.52 -9.37
CA GLY A 12 10.44 -16.04 -10.71
C GLY A 12 10.02 -14.97 -11.71
N LEU A 13 8.94 -14.26 -11.39
CA LEU A 13 8.43 -13.21 -12.26
C LEU A 13 7.21 -12.53 -11.65
N VAL A 14 7.42 -11.38 -11.02
CA VAL A 14 6.33 -10.64 -10.40
C VAL A 14 6.43 -9.15 -10.71
N LEU A 15 7.11 -8.82 -11.81
CA LEU A 15 7.28 -7.43 -12.21
C LEU A 15 5.93 -6.74 -12.35
N HIS A 16 5.64 -5.82 -11.43
CA HIS A 16 4.38 -5.08 -11.45
C HIS A 16 4.60 -3.63 -11.02
N CYS A 17 4.52 -2.72 -11.99
CA CYS A 17 4.71 -1.29 -11.72
C CYS A 17 3.37 -0.58 -11.60
N ASP A 18 2.36 -1.30 -11.10
CA ASP A 18 1.03 -0.74 -10.94
C ASP A 18 0.78 -0.37 -9.48
N ALA A 19 1.83 0.04 -8.78
CA ALA A 19 1.72 0.43 -7.38
C ALA A 19 1.31 1.89 -7.25
N ASN A 20 0.19 2.12 -6.57
CA ASN A 20 -0.31 3.47 -6.37
C ASN A 20 -1.61 3.46 -5.56
N PHE A 21 -2.70 3.07 -6.21
CA PHE A 21 -4.01 3.01 -5.57
C PHE A 21 -5.07 2.51 -6.53
N LEU A 22 -4.69 1.61 -7.43
CA LEU A 22 -5.61 1.05 -8.41
C LEU A 22 -6.10 -0.33 -7.97
N GLU A 23 -6.89 -0.96 -8.83
CA GLU A 23 -7.42 -2.29 -8.53
C GLU A 23 -6.30 -3.24 -8.11
N HIS A 24 -5.22 -3.25 -8.88
CA HIS A 24 -4.09 -4.12 -8.59
C HIS A 24 -3.50 -3.80 -7.21
N GLU A 25 -3.66 -2.55 -6.79
CA GLU A 25 -3.14 -2.12 -5.50
C GLU A 25 -4.00 -2.64 -4.36
N LEU A 26 -5.30 -2.77 -4.62
CA LEU A 26 -6.23 -3.27 -3.61
C LEU A 26 -5.88 -4.69 -3.20
N SER A 27 -5.35 -5.46 -4.14
CA SER A 27 -4.98 -6.85 -3.87
C SER A 27 -3.75 -6.91 -2.98
N TYR A 28 -2.97 -5.83 -2.97
CA TYR A 28 -1.77 -5.76 -2.16
C TYR A 28 -2.11 -5.86 -0.67
N ILE A 29 -3.04 -5.02 -0.23
CA ILE A 29 -3.46 -5.01 1.16
C ILE A 29 -3.73 -6.42 1.68
N ASP A 30 -4.10 -7.31 0.76
CA ASP A 30 -4.39 -8.71 1.11
C ASP A 30 -3.28 -9.27 2.00
N VAL A 31 -2.05 -9.20 1.52
CA VAL A 31 -0.90 -9.71 2.27
C VAL A 31 -0.76 -9.01 3.61
N LEU A 32 -1.17 -7.74 3.65
CA LEU A 32 -1.10 -6.96 4.87
C LEU A 32 -2.18 -7.37 5.86
N LEU A 33 -3.31 -7.83 5.34
CA LEU A 33 -4.42 -8.28 6.17
C LEU A 33 -4.28 -9.75 6.53
N ASP A 34 -3.49 -10.48 5.74
CA ASP A 34 -3.27 -11.90 5.98
C ASP A 34 -1.95 -12.13 6.68
N LYS A 35 -1.92 -13.11 7.58
CA LYS A 35 -0.72 -13.44 8.33
C LYS A 35 0.26 -14.23 7.47
N ASN A 36 -0.16 -14.56 6.25
CA ASN A 36 0.68 -15.31 5.32
C ASN A 36 1.89 -14.49 4.90
N ALA A 37 1.73 -13.17 4.86
CA ALA A 37 2.80 -12.28 4.47
C ALA A 37 3.88 -12.20 5.55
N ASP A 38 4.79 -11.25 5.40
CA ASP A 38 5.86 -11.06 6.37
C ASP A 38 6.00 -9.59 6.76
N GLN A 39 6.76 -9.34 7.83
CA GLN A 39 6.97 -7.97 8.30
C GLN A 39 7.58 -7.10 7.20
N ALA A 40 8.46 -7.69 6.41
CA ALA A 40 9.10 -6.96 5.31
C ALA A 40 8.13 -6.74 4.16
N THR A 41 7.07 -7.54 4.12
CA THR A 41 6.06 -7.43 3.08
C THR A 41 5.20 -6.19 3.25
N LYS A 42 4.85 -5.89 4.50
CA LYS A 42 4.04 -4.73 4.82
C LYS A 42 4.89 -3.46 4.87
N ASP A 43 6.11 -3.60 5.36
CA ASP A 43 7.02 -2.46 5.46
C ASP A 43 7.27 -1.84 4.09
N ASN A 44 6.99 -2.61 3.04
CA ASN A 44 7.19 -2.13 1.67
C ASN A 44 6.08 -1.16 1.28
N LEU A 45 4.86 -1.46 1.71
CA LEU A 45 3.71 -0.61 1.40
C LEU A 45 3.58 0.53 2.41
N ARG A 46 4.05 0.27 3.63
CA ARG A 46 3.99 1.27 4.69
C ARG A 46 4.98 2.40 4.43
N SER A 47 5.96 2.14 3.58
CA SER A 47 6.98 3.13 3.26
C SER A 47 6.50 4.05 2.14
N TYR A 48 5.48 3.60 1.40
CA TYR A 48 4.93 4.38 0.31
C TYR A 48 4.58 5.80 0.76
N PHE A 49 3.86 5.89 1.88
CA PHE A 49 3.45 7.18 2.42
C PHE A 49 4.67 8.07 2.65
N ALA A 50 5.84 7.45 2.80
CA ALA A 50 7.08 8.18 3.02
C ALA A 50 7.58 8.83 1.73
N ASP A 51 7.42 8.12 0.62
CA ASP A 51 7.86 8.62 -0.67
C ASP A 51 6.84 9.59 -1.25
N LYS A 52 5.57 9.41 -0.87
CA LYS A 52 4.50 10.27 -1.36
C LYS A 52 4.42 11.55 -0.54
N GLY A 53 4.94 11.50 0.69
CA GLY A 53 4.92 12.65 1.56
C GLY A 53 3.61 12.79 2.31
N LEU A 54 3.22 11.74 3.01
CA LEU A 54 1.97 11.75 3.77
C LEU A 54 2.18 12.39 5.14
N HIS A 55 1.12 12.97 5.68
CA HIS A 55 1.18 13.62 6.98
C HIS A 55 1.12 12.59 8.10
N SER A 56 0.26 11.59 7.94
CA SER A 56 0.10 10.54 8.94
C SER A 56 -1.02 9.57 8.54
N ILE A 57 -1.33 8.64 9.43
CA ILE A 57 -2.37 7.66 9.17
C ILE A 57 -3.61 8.31 8.55
N LYS A 58 -3.94 9.50 9.03
CA LYS A 58 -5.09 10.24 8.52
C LYS A 58 -4.96 10.50 7.03
N ASP A 59 -3.92 11.22 6.65
CA ASP A 59 -3.67 11.53 5.25
C ASP A 59 -3.35 10.27 4.46
N ILE A 60 -2.98 9.21 5.16
CA ILE A 60 -2.65 7.94 4.52
C ILE A 60 -3.90 7.15 4.16
N ILE A 61 -4.87 7.15 5.08
CA ILE A 61 -6.12 6.44 4.86
C ILE A 61 -7.12 7.30 4.08
N ASN A 62 -7.14 8.59 4.40
CA ASN A 62 -8.03 9.52 3.73
C ASN A 62 -7.81 9.51 2.22
N LYS A 63 -6.61 9.15 1.81
CA LYS A 63 -6.26 9.09 0.39
C LYS A 63 -6.96 7.93 -0.29
N ALA A 64 -6.61 6.71 0.12
CA ALA A 64 -7.22 5.51 -0.45
C ALA A 64 -8.74 5.56 -0.35
N LYS A 65 -9.23 5.89 0.84
CA LYS A 65 -10.67 5.97 1.07
C LYS A 65 -11.34 6.88 0.05
N GLN A 66 -10.75 8.05 -0.17
CA GLN A 66 -11.28 9.01 -1.12
C GLN A 66 -11.50 8.36 -2.48
N ASP A 67 -10.50 7.63 -2.96
CA ASP A 67 -10.59 6.95 -4.24
C ASP A 67 -11.72 5.94 -4.25
N GLY A 68 -12.13 5.50 -3.06
CA GLY A 68 -13.20 4.54 -2.95
C GLY A 68 -12.70 3.18 -2.48
N PHE A 69 -11.50 3.15 -1.91
CA PHE A 69 -10.91 1.91 -1.42
C PHE A 69 -10.65 1.99 0.08
N ASP A 70 -11.09 0.96 0.79
CA ASP A 70 -10.92 0.91 2.24
C ASP A 70 -9.58 0.26 2.60
N VAL A 71 -8.61 1.09 2.98
CA VAL A 71 -7.29 0.59 3.35
C VAL A 71 -7.02 0.79 4.83
N SER A 72 -8.10 0.85 5.62
CA SER A 72 -7.99 1.04 7.06
C SER A 72 -7.34 -0.18 7.71
N LYS A 73 -7.50 -1.34 7.09
CA LYS A 73 -6.93 -2.57 7.61
C LYS A 73 -5.50 -2.78 7.10
N TYR A 74 -5.02 -1.82 6.32
CA TYR A 74 -3.67 -1.89 5.77
C TYR A 74 -2.66 -1.26 6.72
N GLU A 75 -3.16 -0.51 7.69
CA GLU A 75 -2.31 0.14 8.68
C GLU A 75 -1.79 -0.85 9.70
N HIS A 76 -1.07 -1.87 9.23
CA HIS A 76 -0.52 -2.89 10.10
C HIS A 76 -1.49 -3.21 11.24
N VAL A 77 -2.76 -3.36 10.90
CA VAL A 77 -3.79 -3.67 11.89
C VAL A 77 -4.63 -4.87 11.47
N LYS A 78 -4.04 -5.71 10.61
CA LYS A 78 -4.73 -6.90 10.13
C LYS A 78 -3.75 -7.88 9.48
N LYS A 6 5.52 2.72 -19.65
CA LYS A 6 5.75 3.50 -18.44
C LYS A 6 6.21 2.61 -17.30
N CYS A 7 5.37 1.66 -16.91
CA CYS A 7 5.70 0.75 -15.83
C CYS A 7 7.00 -0.01 -16.13
N TYR A 8 8.03 0.29 -15.35
CA TYR A 8 9.33 -0.36 -15.52
C TYR A 8 9.92 -0.77 -14.18
N SER A 9 10.34 -2.02 -14.09
CA SER A 9 10.93 -2.54 -12.86
C SER A 9 12.45 -2.38 -12.86
N GLN A 10 13.06 -2.65 -11.72
CA GLN A 10 14.51 -2.54 -11.60
C GLN A 10 14.94 -1.07 -11.54
N ASN A 11 14.57 -0.31 -12.56
CA ASN A 11 14.92 1.11 -12.62
C ASN A 11 14.26 1.87 -11.48
N GLY A 12 12.94 1.72 -11.34
CA GLY A 12 12.21 2.40 -10.30
C GLY A 12 11.66 1.45 -9.26
N LEU A 13 11.37 0.22 -9.68
CA LEU A 13 10.83 -0.79 -8.77
C LEU A 13 9.50 -0.33 -8.18
N VAL A 14 8.80 0.54 -8.90
CA VAL A 14 7.51 1.05 -8.45
C VAL A 14 6.63 1.45 -9.62
N LEU A 15 6.89 0.84 -10.78
CA LEU A 15 6.12 1.13 -11.99
C LEU A 15 6.09 2.63 -12.26
N HIS A 16 5.25 3.04 -13.21
CA HIS A 16 5.12 4.44 -13.58
C HIS A 16 3.68 4.79 -13.92
N CYS A 17 2.75 4.04 -13.36
CA CYS A 17 1.32 4.26 -13.61
C CYS A 17 0.47 3.58 -12.55
N ASP A 18 0.60 4.04 -11.32
CA ASP A 18 -0.17 3.47 -10.21
C ASP A 18 -1.45 4.27 -9.96
N ALA A 19 -1.46 5.51 -10.42
CA ALA A 19 -2.62 6.39 -10.25
C ALA A 19 -2.83 6.75 -8.79
N ASN A 20 -1.85 6.41 -7.96
CA ASN A 20 -1.92 6.70 -6.53
C ASN A 20 -3.03 5.89 -5.88
N PHE A 21 -3.55 4.92 -6.60
CA PHE A 21 -4.62 4.07 -6.09
C PHE A 21 -5.07 3.06 -7.15
N LEU A 22 -4.10 2.39 -7.77
CA LEU A 22 -4.40 1.39 -8.80
C LEU A 22 -5.29 0.29 -8.24
N GLU A 23 -5.76 -0.58 -9.15
CA GLU A 23 -6.63 -1.69 -8.75
C GLU A 23 -5.82 -2.81 -8.10
N HIS A 24 -4.78 -3.25 -8.80
CA HIS A 24 -3.92 -4.32 -8.29
C HIS A 24 -3.36 -3.97 -6.93
N GLU A 25 -3.26 -2.67 -6.64
CA GLU A 25 -2.74 -2.21 -5.37
C GLU A 25 -3.68 -2.57 -4.22
N LEU A 26 -4.99 -2.47 -4.48
CA LEU A 26 -6.00 -2.79 -3.49
C LEU A 26 -5.85 -4.23 -3.01
N SER A 27 -5.59 -5.14 -3.95
CA SER A 27 -5.44 -6.55 -3.62
C SER A 27 -4.17 -6.78 -2.80
N TYR A 28 -3.26 -5.82 -2.83
CA TYR A 28 -2.01 -5.92 -2.10
C TYR A 28 -2.26 -5.97 -0.60
N ILE A 29 -3.10 -5.05 -0.12
CA ILE A 29 -3.44 -4.99 1.30
C ILE A 29 -3.78 -6.38 1.84
N ASP A 30 -4.28 -7.24 0.97
CA ASP A 30 -4.64 -8.60 1.37
C ASP A 30 -3.55 -9.23 2.21
N VAL A 31 -2.33 -9.27 1.66
CA VAL A 31 -1.20 -9.85 2.36
C VAL A 31 -0.91 -9.10 3.66
N LEU A 32 -1.13 -7.80 3.64
CA LEU A 32 -0.90 -6.96 4.82
C LEU A 32 -1.92 -7.26 5.91
N LEU A 33 -3.10 -7.72 5.51
CA LEU A 33 -4.16 -8.04 6.45
C LEU A 33 -4.10 -9.51 6.85
N ASP A 34 -3.41 -10.31 6.03
CA ASP A 34 -3.28 -11.74 6.29
C ASP A 34 -1.93 -12.05 6.95
N LYS A 35 -1.94 -13.01 7.87
CA LYS A 35 -0.72 -13.41 8.57
C LYS A 35 0.18 -14.24 7.67
N ASN A 36 -0.36 -14.68 6.53
CA ASN A 36 0.39 -15.48 5.59
C ASN A 36 1.57 -14.71 5.02
N ALA A 37 1.43 -13.39 4.95
CA ALA A 37 2.48 -12.53 4.44
C ALA A 37 3.66 -12.45 5.41
N ASP A 38 4.57 -11.51 5.15
CA ASP A 38 5.73 -11.34 6.01
C ASP A 38 5.83 -9.89 6.51
N GLN A 39 6.56 -9.69 7.60
CA GLN A 39 6.73 -8.36 8.17
C GLN A 39 7.36 -7.41 7.15
N ALA A 40 8.27 -7.94 6.35
CA ALA A 40 8.95 -7.14 5.34
C ALA A 40 7.98 -6.71 4.24
N THR A 41 6.85 -7.40 4.14
CA THR A 41 5.84 -7.10 3.14
C THR A 41 5.04 -5.85 3.52
N LYS A 42 4.95 -5.59 4.82
CA LYS A 42 4.22 -4.44 5.33
C LYS A 42 5.08 -3.19 5.29
N ASP A 43 6.36 -3.35 5.59
CA ASP A 43 7.30 -2.24 5.60
C ASP A 43 7.53 -1.71 4.19
N ASN A 44 7.22 -2.54 3.20
CA ASN A 44 7.39 -2.17 1.80
C ASN A 44 6.28 -1.22 1.34
N LEU A 45 5.05 -1.53 1.74
CA LEU A 45 3.90 -0.71 1.38
C LEU A 45 3.74 0.47 2.35
N ARG A 46 4.15 0.25 3.60
CA ARG A 46 4.05 1.28 4.62
C ARG A 46 5.02 2.42 4.34
N SER A 47 6.04 2.14 3.54
CA SER A 47 7.05 3.14 3.19
C SER A 47 6.56 4.02 2.05
N TYR A 48 5.56 3.54 1.32
CA TYR A 48 4.99 4.30 0.21
C TYR A 48 4.62 5.71 0.64
N PHE A 49 3.92 5.82 1.76
CA PHE A 49 3.51 7.11 2.29
C PHE A 49 4.71 8.03 2.49
N ALA A 50 5.88 7.43 2.62
CA ALA A 50 7.11 8.19 2.82
C ALA A 50 7.65 8.74 1.50
N ASP A 51 7.25 8.10 0.40
CA ASP A 51 7.69 8.52 -0.93
C ASP A 51 6.82 9.65 -1.45
N LYS A 52 5.54 9.64 -1.09
CA LYS A 52 4.60 10.66 -1.51
C LYS A 52 4.58 11.83 -0.53
N GLY A 53 5.00 11.57 0.70
CA GLY A 53 5.01 12.60 1.71
C GLY A 53 3.67 12.75 2.42
N LEU A 54 3.22 11.68 3.05
CA LEU A 54 1.95 11.69 3.76
C LEU A 54 2.11 12.29 5.16
N HIS A 55 1.08 12.96 5.65
CA HIS A 55 1.10 13.56 6.97
C HIS A 55 1.06 12.49 8.06
N SER A 56 0.19 11.50 7.87
CA SER A 56 0.04 10.42 8.84
C SER A 56 -1.04 9.44 8.40
N ILE A 57 -1.35 8.49 9.26
CA ILE A 57 -2.38 7.49 8.97
C ILE A 57 -3.61 8.14 8.34
N LYS A 58 -3.98 9.31 8.85
CA LYS A 58 -5.14 10.03 8.33
C LYS A 58 -4.97 10.34 6.84
N ASP A 59 -3.93 11.09 6.52
CA ASP A 59 -3.66 11.45 5.13
C ASP A 59 -3.31 10.22 4.30
N ILE A 60 -2.97 9.13 4.99
CA ILE A 60 -2.61 7.89 4.31
C ILE A 60 -3.87 7.11 3.92
N ILE A 61 -4.83 7.05 4.84
CA ILE A 61 -6.07 6.34 4.58
C ILE A 61 -7.07 7.21 3.83
N ASN A 62 -7.12 8.48 4.17
CA ASN A 62 -8.03 9.43 3.53
C ASN A 62 -7.94 9.31 2.01
N LYS A 63 -6.71 9.19 1.50
CA LYS A 63 -6.49 9.06 0.07
C LYS A 63 -7.22 7.84 -0.49
N ALA A 64 -6.83 6.66 -0.04
CA ALA A 64 -7.44 5.42 -0.49
C ALA A 64 -8.95 5.45 -0.28
N LYS A 65 -9.37 5.73 0.95
CA LYS A 65 -10.78 5.79 1.29
C LYS A 65 -11.53 6.73 0.33
N GLN A 66 -10.98 7.92 0.13
CA GLN A 66 -11.60 8.89 -0.77
C GLN A 66 -11.86 8.28 -2.14
N ASP A 67 -10.86 7.60 -2.68
CA ASP A 67 -10.98 6.96 -3.99
C ASP A 67 -12.09 5.91 -3.98
N GLY A 68 -12.44 5.44 -2.79
CA GLY A 68 -13.48 4.42 -2.67
C GLY A 68 -12.93 3.08 -2.28
N PHE A 69 -11.71 3.05 -1.75
CA PHE A 69 -11.06 1.81 -1.34
C PHE A 69 -10.77 1.82 0.16
N ASP A 70 -11.16 0.74 0.84
CA ASP A 70 -10.94 0.63 2.27
C ASP A 70 -9.57 0.04 2.57
N VAL A 71 -8.64 0.89 3.00
CA VAL A 71 -7.29 0.47 3.32
C VAL A 71 -7.00 0.62 4.81
N SER A 72 -8.05 0.58 5.62
CA SER A 72 -7.91 0.73 7.07
C SER A 72 -7.20 -0.48 7.66
N LYS A 73 -7.28 -1.61 6.97
CA LYS A 73 -6.64 -2.85 7.43
C LYS A 73 -5.22 -2.94 6.91
N TYR A 74 -4.78 -1.91 6.19
CA TYR A 74 -3.43 -1.88 5.64
C TYR A 74 -2.45 -1.27 6.63
N GLU A 75 -2.98 -0.60 7.65
CA GLU A 75 -2.16 0.03 8.67
C GLU A 75 -1.63 -1.01 9.67
N HIS A 76 -0.91 -2.00 9.16
CA HIS A 76 -0.35 -3.05 10.00
C HIS A 76 -1.43 -3.69 10.87
N VAL A 77 -2.68 -3.59 10.41
CA VAL A 77 -3.81 -4.15 11.15
C VAL A 77 -3.61 -4.01 12.65
N LYS A 78 -3.19 -2.81 13.07
CA LYS A 78 -2.95 -2.55 14.49
C LYS A 78 -3.46 -1.15 14.86
N LYS A 6 5.94 -0.93 -4.27
CA LYS A 6 6.09 -2.30 -3.82
C LYS A 6 7.42 -2.89 -4.29
N CYS A 7 7.53 -3.10 -5.59
CA CYS A 7 8.75 -3.66 -6.17
C CYS A 7 9.14 -4.95 -5.47
N TYR A 8 8.16 -5.66 -4.94
CA TYR A 8 8.41 -6.92 -4.24
C TYR A 8 9.18 -7.89 -5.13
N SER A 9 9.73 -8.93 -4.51
CA SER A 9 10.49 -9.93 -5.23
C SER A 9 9.63 -11.14 -5.57
N GLN A 10 9.67 -11.55 -6.84
CA GLN A 10 8.88 -12.69 -7.30
C GLN A 10 9.54 -13.34 -8.51
N ASN A 11 10.04 -12.52 -9.42
CA ASN A 11 10.69 -13.02 -10.63
C ASN A 11 12.19 -13.21 -10.39
N GLY A 12 12.70 -12.59 -9.34
CA GLY A 12 14.11 -12.70 -9.02
C GLY A 12 14.88 -11.45 -9.40
N LEU A 13 14.17 -10.33 -9.53
CA LEU A 13 14.80 -9.06 -9.88
C LEU A 13 14.13 -7.90 -9.15
N VAL A 14 12.93 -7.54 -9.60
CA VAL A 14 12.19 -6.44 -8.98
C VAL A 14 10.83 -6.25 -9.67
N LEU A 15 9.78 -6.19 -8.86
CA LEU A 15 8.43 -6.01 -9.38
C LEU A 15 8.31 -4.69 -10.13
N HIS A 16 7.07 -4.30 -10.43
CA HIS A 16 6.83 -3.05 -11.16
C HIS A 16 5.96 -2.11 -10.32
N CYS A 17 6.51 -1.62 -9.22
CA CYS A 17 5.79 -0.71 -8.34
C CYS A 17 5.21 0.46 -9.13
N ASP A 18 3.91 0.41 -9.37
CA ASP A 18 3.22 1.47 -10.12
C ASP A 18 3.02 2.70 -9.23
N ALA A 19 3.20 2.53 -7.93
CA ALA A 19 3.03 3.63 -6.99
C ALA A 19 1.66 4.28 -7.14
N ASN A 20 0.65 3.67 -6.52
CA ASN A 20 -0.71 4.20 -6.58
C ASN A 20 -1.64 3.40 -5.67
N PHE A 21 -2.94 3.64 -5.81
CA PHE A 21 -3.93 2.95 -5.00
C PHE A 21 -5.00 2.30 -5.88
N LEU A 22 -4.62 1.99 -7.12
CA LEU A 22 -5.56 1.37 -8.06
C LEU A 22 -5.70 -0.13 -7.78
N GLU A 23 -6.64 -0.76 -8.47
CA GLU A 23 -6.88 -2.18 -8.30
C GLU A 23 -5.58 -2.98 -8.42
N HIS A 24 -4.81 -2.66 -9.45
CA HIS A 24 -3.53 -3.35 -9.68
C HIS A 24 -2.66 -3.30 -8.42
N GLU A 25 -2.79 -2.23 -7.65
CA GLU A 25 -2.01 -2.06 -6.44
C GLU A 25 -2.72 -2.70 -5.25
N LEU A 26 -4.04 -2.85 -5.36
CA LEU A 26 -4.84 -3.44 -4.29
C LEU A 26 -4.50 -4.92 -4.13
N SER A 27 -3.94 -5.51 -5.17
CA SER A 27 -3.57 -6.93 -5.14
C SER A 27 -2.57 -7.20 -4.04
N TYR A 28 -1.50 -6.40 -4.00
CA TYR A 28 -0.46 -6.57 -2.99
C TYR A 28 -1.05 -6.43 -1.58
N ILE A 29 -1.85 -5.40 -1.38
CA ILE A 29 -2.48 -5.16 -0.08
C ILE A 29 -3.11 -6.43 0.47
N ASP A 30 -3.50 -7.33 -0.43
CA ASP A 30 -4.12 -8.59 -0.03
C ASP A 30 -3.37 -9.22 1.14
N VAL A 31 -2.07 -9.43 0.96
CA VAL A 31 -1.24 -10.03 2.00
C VAL A 31 -1.21 -9.15 3.25
N LEU A 32 -1.23 -7.84 3.04
CA LEU A 32 -1.20 -6.89 4.15
C LEU A 32 -2.45 -7.02 5.01
N LEU A 33 -3.56 -7.43 4.38
CA LEU A 33 -4.82 -7.60 5.10
C LEU A 33 -4.80 -8.88 5.92
N ASP A 34 -3.98 -9.83 5.51
CA ASP A 34 -3.88 -11.11 6.22
C ASP A 34 -2.64 -11.14 7.11
N LYS A 35 -2.76 -11.78 8.26
CA LYS A 35 -1.65 -11.89 9.20
C LYS A 35 -0.53 -12.74 8.63
N ASN A 36 -0.79 -13.38 7.50
CA ASN A 36 0.19 -14.23 6.84
C ASN A 36 1.38 -13.41 6.34
N ALA A 37 1.12 -12.15 6.01
CA ALA A 37 2.17 -11.26 5.51
C ALA A 37 3.25 -11.06 6.58
N ASP A 38 4.50 -11.17 6.15
CA ASP A 38 5.64 -11.00 7.06
C ASP A 38 5.92 -9.52 7.30
N GLN A 39 6.80 -9.25 8.26
CA GLN A 39 7.15 -7.87 8.59
C GLN A 39 7.63 -7.11 7.37
N ALA A 40 8.39 -7.79 6.51
CA ALA A 40 8.91 -7.18 5.29
C ALA A 40 7.81 -7.03 4.25
N THR A 41 6.74 -7.78 4.41
CA THR A 41 5.61 -7.74 3.48
C THR A 41 4.74 -6.51 3.74
N LYS A 42 4.59 -6.16 5.01
CA LYS A 42 3.78 -5.01 5.39
C LYS A 42 4.58 -3.72 5.29
N ASP A 43 5.87 -3.80 5.63
CA ASP A 43 6.75 -2.64 5.57
C ASP A 43 6.77 -2.04 4.17
N ASN A 44 6.41 -2.86 3.17
CA ASN A 44 6.40 -2.42 1.79
C ASN A 44 5.38 -1.30 1.59
N LEU A 45 4.29 -1.35 2.35
CA LEU A 45 3.24 -0.33 2.26
C LEU A 45 3.57 0.87 3.13
N ARG A 46 4.24 0.62 4.24
CA ARG A 46 4.61 1.70 5.16
C ARG A 46 5.61 2.64 4.52
N SER A 47 6.28 2.16 3.46
CA SER A 47 7.26 2.97 2.75
C SER A 47 6.60 3.83 1.68
N TYR A 48 5.38 3.47 1.31
CA TYR A 48 4.62 4.21 0.30
C TYR A 48 4.34 5.63 0.77
N PHE A 49 3.66 5.75 1.90
CA PHE A 49 3.33 7.06 2.46
C PHE A 49 4.57 7.93 2.59
N ALA A 50 5.73 7.30 2.76
CA ALA A 50 6.99 8.00 2.90
C ALA A 50 7.51 8.46 1.54
N ASP A 51 7.15 7.73 0.49
CA ASP A 51 7.58 8.06 -0.87
C ASP A 51 6.63 9.07 -1.50
N LYS A 52 5.35 8.99 -1.15
CA LYS A 52 4.35 9.89 -1.69
C LYS A 52 4.33 11.20 -0.93
N GLY A 53 4.83 11.17 0.31
CA GLY A 53 4.86 12.36 1.13
C GLY A 53 3.58 12.58 1.91
N LEU A 54 3.12 11.52 2.58
CA LEU A 54 1.89 11.59 3.36
C LEU A 54 2.20 11.95 4.82
N HIS A 55 1.39 12.84 5.38
CA HIS A 55 1.57 13.27 6.76
C HIS A 55 1.69 12.06 7.70
N SER A 56 0.83 11.07 7.49
CA SER A 56 0.84 9.86 8.31
C SER A 56 -0.32 8.94 7.94
N ILE A 57 -0.54 7.92 8.75
CA ILE A 57 -1.62 6.97 8.52
C ILE A 57 -2.93 7.69 8.21
N LYS A 58 -3.15 8.80 8.89
CA LYS A 58 -4.37 9.59 8.70
C LYS A 58 -4.49 10.06 7.25
N ASP A 59 -3.50 10.83 6.80
CA ASP A 59 -3.51 11.34 5.44
C ASP A 59 -3.49 10.20 4.43
N ILE A 60 -3.12 9.01 4.89
CA ILE A 60 -3.06 7.83 4.03
C ILE A 60 -4.42 7.17 3.92
N ILE A 61 -5.06 6.96 5.07
CA ILE A 61 -6.38 6.34 5.11
C ILE A 61 -7.47 7.29 4.61
N ASN A 62 -7.36 8.56 5.01
CA ASN A 62 -8.32 9.57 4.60
C ASN A 62 -8.32 9.75 3.09
N LYS A 63 -7.24 9.29 2.45
CA LYS A 63 -7.11 9.41 1.00
C LYS A 63 -7.77 8.22 0.30
N ALA A 64 -7.24 7.03 0.54
CA ALA A 64 -7.77 5.81 -0.06
C ALA A 64 -9.28 5.71 0.16
N LYS A 65 -9.73 6.10 1.35
CA LYS A 65 -11.14 6.05 1.69
C LYS A 65 -11.96 6.88 0.71
N GLN A 66 -11.49 8.09 0.42
CA GLN A 66 -12.18 8.97 -0.52
C GLN A 66 -12.46 8.28 -1.84
N ASP A 67 -11.47 7.53 -2.33
CA ASP A 67 -11.60 6.81 -3.59
C ASP A 67 -12.68 5.74 -3.48
N GLY A 68 -12.98 5.33 -2.26
CA GLY A 68 -14.00 4.31 -2.04
C GLY A 68 -13.41 2.96 -1.69
N PHE A 69 -12.19 2.98 -1.17
CA PHE A 69 -11.50 1.75 -0.80
C PHE A 69 -11.19 1.74 0.70
N ASP A 70 -11.13 0.54 1.28
CA ASP A 70 -10.83 0.39 2.70
C ASP A 70 -9.32 0.46 2.96
N VAL A 71 -8.92 1.41 3.79
CA VAL A 71 -7.51 1.58 4.12
C VAL A 71 -7.20 1.03 5.51
N SER A 72 -8.11 0.21 6.03
CA SER A 72 -7.94 -0.38 7.35
C SER A 72 -6.84 -1.44 7.32
N LYS A 73 -6.68 -2.10 6.18
CA LYS A 73 -5.66 -3.14 6.02
C LYS A 73 -4.34 -2.54 5.57
N TYR A 74 -4.30 -1.22 5.45
CA TYR A 74 -3.09 -0.52 5.03
C TYR A 74 -2.18 -0.23 6.22
N GLU A 75 -2.77 -0.14 7.40
CA GLU A 75 -2.01 0.12 8.61
C GLU A 75 -1.65 -1.18 9.34
N HIS A 76 -1.04 -2.10 8.60
CA HIS A 76 -0.63 -3.38 9.16
C HIS A 76 -1.81 -4.05 9.88
N VAL A 77 -3.02 -3.68 9.49
CA VAL A 77 -4.22 -4.24 10.09
C VAL A 77 -4.14 -4.21 11.62
N LYS A 78 -4.48 -3.07 12.19
CA LYS A 78 -4.44 -2.90 13.64
C LYS A 78 -5.83 -2.57 14.19
N LYS A 6 8.10 -3.93 -9.75
CA LYS A 6 6.85 -4.67 -9.97
C LYS A 6 6.32 -4.42 -11.38
N CYS A 7 7.21 -4.07 -12.29
CA CYS A 7 6.83 -3.80 -13.67
C CYS A 7 8.06 -3.57 -14.55
N TYR A 8 9.16 -4.23 -14.20
CA TYR A 8 10.41 -4.08 -14.95
C TYR A 8 10.14 -4.12 -16.45
N SER A 9 10.65 -3.13 -17.16
CA SER A 9 10.47 -3.05 -18.61
C SER A 9 10.98 -4.32 -19.29
N GLN A 10 10.15 -4.89 -20.16
CA GLN A 10 10.52 -6.10 -20.87
C GLN A 10 9.41 -6.52 -21.83
N ASN A 11 8.17 -6.44 -21.38
CA ASN A 11 7.02 -6.80 -22.20
C ASN A 11 5.74 -6.23 -21.64
N GLY A 12 5.84 -5.06 -21.01
CA GLY A 12 4.66 -4.42 -20.43
C GLY A 12 4.58 -2.95 -20.76
N LEU A 13 5.61 -2.20 -20.39
CA LEU A 13 5.65 -0.77 -20.66
C LEU A 13 6.94 -0.15 -20.15
N VAL A 14 7.03 0.01 -18.82
CA VAL A 14 8.22 0.58 -18.20
C VAL A 14 8.39 0.08 -16.77
N LEU A 15 9.64 0.04 -16.32
CA LEU A 15 9.94 -0.43 -14.96
C LEU A 15 9.06 0.28 -13.94
N HIS A 16 8.30 -0.51 -13.19
CA HIS A 16 7.41 0.04 -12.17
C HIS A 16 6.33 0.91 -12.80
N CYS A 17 5.11 0.40 -12.83
CA CYS A 17 3.98 1.12 -13.40
C CYS A 17 2.69 0.83 -12.65
N ASP A 18 1.62 1.53 -13.00
CA ASP A 18 0.33 1.34 -12.35
C ASP A 18 0.45 1.45 -10.85
N ALA A 19 1.38 2.29 -10.40
CA ALA A 19 1.60 2.50 -8.97
C ALA A 19 0.84 3.72 -8.47
N ASN A 20 -0.45 3.78 -8.77
CA ASN A 20 -1.28 4.90 -8.34
C ASN A 20 -2.19 4.50 -7.19
N PHE A 21 -3.24 3.73 -7.49
CA PHE A 21 -4.18 3.27 -6.48
C PHE A 21 -5.27 2.41 -7.10
N LEU A 22 -4.87 1.57 -8.04
CA LEU A 22 -5.82 0.67 -8.72
C LEU A 22 -5.92 -0.66 -8.00
N GLU A 23 -6.74 -1.56 -8.53
CA GLU A 23 -6.91 -2.88 -7.95
C GLU A 23 -5.57 -3.57 -7.75
N HIS A 24 -4.60 -3.24 -8.60
CA HIS A 24 -3.26 -3.82 -8.51
C HIS A 24 -2.70 -3.68 -7.10
N GLU A 25 -2.92 -2.52 -6.49
CA GLU A 25 -2.43 -2.26 -5.14
C GLU A 25 -3.44 -2.71 -4.10
N LEU A 26 -4.70 -2.81 -4.52
CA LEU A 26 -5.77 -3.23 -3.62
C LEU A 26 -5.59 -4.69 -3.20
N SER A 27 -5.10 -5.50 -4.12
CA SER A 27 -4.89 -6.92 -3.85
C SER A 27 -3.71 -7.12 -2.91
N TYR A 28 -2.77 -6.18 -2.94
CA TYR A 28 -1.58 -6.25 -2.09
C TYR A 28 -1.89 -5.73 -0.69
N ILE A 29 -2.79 -4.75 -0.61
CA ILE A 29 -3.16 -4.17 0.67
C ILE A 29 -3.81 -5.21 1.58
N ASP A 30 -4.36 -6.26 0.97
CA ASP A 30 -5.01 -7.32 1.73
C ASP A 30 -3.98 -8.15 2.49
N VAL A 31 -2.78 -8.26 1.91
CA VAL A 31 -1.70 -9.02 2.53
C VAL A 31 -1.28 -8.41 3.86
N LEU A 32 -1.52 -7.12 4.01
CA LEU A 32 -1.18 -6.41 5.23
C LEU A 32 -2.14 -6.75 6.36
N LEU A 33 -3.33 -7.22 5.99
CA LEU A 33 -4.35 -7.59 6.97
C LEU A 33 -4.31 -9.09 7.24
N ASP A 34 -3.76 -9.85 6.31
CA ASP A 34 -3.66 -11.29 6.46
C ASP A 34 -2.26 -11.70 6.95
N LYS A 35 -2.21 -12.71 7.79
CA LYS A 35 -0.95 -13.19 8.34
C LYS A 35 -0.18 -14.01 7.29
N ASN A 36 -0.82 -14.23 6.14
CA ASN A 36 -0.20 -14.99 5.07
C ASN A 36 1.00 -14.24 4.50
N ALA A 37 0.97 -12.92 4.57
CA ALA A 37 2.05 -12.09 4.07
C ALA A 37 3.26 -12.14 5.02
N ASP A 38 4.23 -11.26 4.77
CA ASP A 38 5.43 -11.20 5.60
C ASP A 38 5.64 -9.78 6.14
N GLN A 39 6.48 -9.68 7.17
CA GLN A 39 6.77 -8.39 7.78
C GLN A 39 7.34 -7.41 6.75
N ALA A 40 8.17 -7.92 5.85
CA ALA A 40 8.77 -7.09 4.81
C ALA A 40 7.72 -6.61 3.81
N THR A 41 6.57 -7.27 3.80
CA THR A 41 5.49 -6.92 2.90
C THR A 41 4.76 -5.67 3.38
N LYS A 42 4.83 -5.42 4.69
CA LYS A 42 4.17 -4.26 5.27
C LYS A 42 5.05 -3.01 5.14
N ASP A 43 6.36 -3.19 5.28
CA ASP A 43 7.30 -2.09 5.17
C ASP A 43 7.41 -1.61 3.73
N ASN A 44 6.99 -2.46 2.79
CA ASN A 44 7.04 -2.13 1.38
C ASN A 44 6.04 -1.02 1.04
N LEU A 45 4.87 -1.10 1.65
CA LEU A 45 3.82 -0.09 1.42
C LEU A 45 4.02 1.12 2.33
N ARG A 46 4.36 0.87 3.58
CA ARG A 46 4.58 1.94 4.54
C ARG A 46 5.72 2.85 4.10
N SER A 47 6.55 2.34 3.19
CA SER A 47 7.68 3.11 2.69
C SER A 47 7.26 4.01 1.52
N TYR A 48 6.13 3.68 0.92
CA TYR A 48 5.60 4.46 -0.20
C TYR A 48 5.13 5.84 0.26
N PHE A 49 4.18 5.84 1.19
CA PHE A 49 3.64 7.08 1.72
C PHE A 49 4.73 7.94 2.33
N ALA A 50 5.82 7.30 2.73
CA ALA A 50 6.95 8.00 3.33
C ALA A 50 7.69 8.85 2.30
N ASP A 51 7.66 8.42 1.05
CA ASP A 51 8.31 9.15 -0.02
C ASP A 51 7.47 10.34 -0.47
N LYS A 52 6.16 10.22 -0.34
CA LYS A 52 5.23 11.27 -0.73
C LYS A 52 5.10 12.31 0.38
N GLY A 53 5.40 11.90 1.62
CA GLY A 53 5.31 12.80 2.75
C GLY A 53 3.91 12.86 3.32
N LEU A 54 3.29 11.69 3.51
CA LEU A 54 1.94 11.63 4.05
C LEU A 54 1.92 12.10 5.51
N HIS A 55 0.93 12.92 5.83
CA HIS A 55 0.78 13.44 7.19
C HIS A 55 0.84 12.32 8.21
N SER A 56 0.12 11.23 7.93
CA SER A 56 0.09 10.09 8.84
C SER A 56 -0.89 9.03 8.33
N ILE A 57 -1.12 8.01 9.15
CA ILE A 57 -2.04 6.94 8.79
C ILE A 57 -3.32 7.49 8.17
N LYS A 58 -3.83 8.56 8.76
CA LYS A 58 -5.05 9.18 8.27
C LYS A 58 -4.88 9.68 6.83
N ASP A 59 -3.84 10.46 6.60
CA ASP A 59 -3.55 11.00 5.28
C ASP A 59 -3.16 9.87 4.32
N ILE A 60 -2.75 8.74 4.87
CA ILE A 60 -2.35 7.60 4.07
C ILE A 60 -3.56 6.75 3.67
N ILE A 61 -4.51 6.62 4.58
CA ILE A 61 -5.72 5.84 4.32
C ILE A 61 -6.77 6.68 3.61
N ASN A 62 -6.86 7.95 4.00
CA ASN A 62 -7.84 8.86 3.39
C ASN A 62 -7.79 8.79 1.87
N LYS A 63 -6.58 8.64 1.34
CA LYS A 63 -6.39 8.56 -0.11
C LYS A 63 -7.17 7.39 -0.69
N ALA A 64 -6.80 6.18 -0.28
CA ALA A 64 -7.48 4.97 -0.77
C ALA A 64 -8.96 5.00 -0.42
N LYS A 65 -9.28 5.47 0.78
CA LYS A 65 -10.67 5.55 1.22
C LYS A 65 -11.49 6.44 0.29
N GLN A 66 -10.94 7.61 -0.03
CA GLN A 66 -11.62 8.55 -0.90
C GLN A 66 -11.99 7.90 -2.23
N ASP A 67 -11.03 7.21 -2.83
CA ASP A 67 -11.26 6.53 -4.10
C ASP A 67 -12.32 5.45 -3.97
N GLY A 68 -12.55 5.00 -2.73
CA GLY A 68 -13.55 3.98 -2.48
C GLY A 68 -12.94 2.65 -2.11
N PHE A 69 -11.70 2.68 -1.60
CA PHE A 69 -11.00 1.47 -1.20
C PHE A 69 -10.69 1.50 0.29
N ASP A 70 -10.98 0.39 0.97
CA ASP A 70 -10.74 0.28 2.40
C ASP A 70 -9.28 -0.11 2.67
N VAL A 71 -8.56 0.76 3.36
CA VAL A 71 -7.16 0.50 3.68
C VAL A 71 -6.82 0.98 5.08
N SER A 72 -7.85 1.21 5.89
CA SER A 72 -7.65 1.68 7.26
C SER A 72 -7.03 0.59 8.12
N LYS A 73 -7.67 -0.58 8.14
CA LYS A 73 -7.18 -1.71 8.92
C LYS A 73 -6.06 -2.43 8.19
N TYR A 74 -5.77 -2.00 6.97
CA TYR A 74 -4.72 -2.61 6.16
C TYR A 74 -3.45 -1.76 6.20
N GLU A 75 -3.33 -0.94 7.24
CA GLU A 75 -2.16 -0.09 7.41
C GLU A 75 -1.50 -0.30 8.77
N HIS A 76 -0.49 -1.16 8.81
CA HIS A 76 0.22 -1.45 10.04
C HIS A 76 -0.71 -2.12 11.06
N VAL A 77 -1.87 -2.58 10.58
CA VAL A 77 -2.84 -3.25 11.44
C VAL A 77 -3.08 -2.44 12.71
N LYS A 78 -3.91 -1.41 12.61
CA LYS A 78 -4.22 -0.56 13.75
C LYS A 78 -5.65 -0.02 13.66
N LYS A 6 12.77 0.23 -7.79
CA LYS A 6 11.50 -0.14 -7.17
C LYS A 6 10.40 -0.25 -8.24
N CYS A 7 10.79 -0.62 -9.45
CA CYS A 7 9.84 -0.76 -10.55
C CYS A 7 10.08 -2.06 -11.30
N TYR A 8 10.62 -3.06 -10.60
CA TYR A 8 10.90 -4.36 -11.20
C TYR A 8 10.79 -5.47 -10.17
N SER A 9 10.80 -6.71 -10.64
CA SER A 9 10.69 -7.86 -9.76
C SER A 9 11.85 -7.90 -8.77
N GLN A 10 11.52 -8.07 -7.49
CA GLN A 10 12.52 -8.11 -6.43
C GLN A 10 12.51 -9.45 -5.71
N ASN A 11 11.33 -10.08 -5.66
CA ASN A 11 11.19 -11.37 -5.00
C ASN A 11 9.91 -12.07 -5.47
N GLY A 12 9.46 -11.73 -6.67
CA GLY A 12 8.26 -12.33 -7.21
C GLY A 12 7.06 -11.42 -7.12
N LEU A 13 7.23 -10.17 -7.51
CA LEU A 13 6.16 -9.18 -7.47
C LEU A 13 6.63 -7.83 -7.99
N VAL A 14 6.30 -7.55 -9.25
CA VAL A 14 6.68 -6.29 -9.88
C VAL A 14 6.09 -5.10 -9.14
N LEU A 15 6.94 -4.32 -8.49
CA LEU A 15 6.50 -3.16 -7.73
C LEU A 15 5.78 -2.16 -8.65
N HIS A 16 6.43 -1.79 -9.73
CA HIS A 16 5.85 -0.84 -10.69
C HIS A 16 5.43 0.44 -9.99
N CYS A 17 6.35 1.05 -9.26
CA CYS A 17 6.07 2.29 -8.54
C CYS A 17 5.45 3.32 -9.47
N ASP A 18 4.14 3.57 -9.28
CA ASP A 18 3.43 4.54 -10.10
C ASP A 18 2.88 5.67 -9.24
N ALA A 19 2.97 5.50 -7.92
CA ALA A 19 2.47 6.50 -6.99
C ALA A 19 1.03 6.90 -7.31
N ASN A 20 0.08 6.14 -6.76
CA ASN A 20 -1.33 6.40 -6.98
C ASN A 20 -2.20 5.46 -6.15
N PHE A 21 -3.49 5.46 -6.43
CA PHE A 21 -4.43 4.60 -5.70
C PHE A 21 -5.10 3.62 -6.65
N LEU A 22 -4.34 3.13 -7.63
CA LEU A 22 -4.87 2.17 -8.60
C LEU A 22 -5.41 0.92 -7.90
N GLU A 23 -5.96 0.01 -8.69
CA GLU A 23 -6.51 -1.23 -8.15
C GLU A 23 -5.40 -2.22 -7.82
N HIS A 24 -4.39 -2.26 -8.68
CA HIS A 24 -3.26 -3.17 -8.48
C HIS A 24 -2.68 -3.03 -7.08
N GLU A 25 -2.72 -1.80 -6.54
CA GLU A 25 -2.20 -1.53 -5.21
C GLU A 25 -3.16 -2.05 -4.14
N LEU A 26 -4.45 -1.97 -4.43
CA LEU A 26 -5.47 -2.42 -3.49
C LEU A 26 -5.24 -3.88 -3.11
N SER A 27 -4.86 -4.69 -4.10
CA SER A 27 -4.61 -6.10 -3.88
C SER A 27 -3.45 -6.31 -2.92
N TYR A 28 -2.57 -5.32 -2.84
CA TYR A 28 -1.41 -5.40 -1.95
C TYR A 28 -1.84 -5.47 -0.50
N ILE A 29 -2.76 -4.59 -0.12
CA ILE A 29 -3.27 -4.55 1.25
C ILE A 29 -3.64 -5.94 1.75
N ASP A 30 -3.99 -6.82 0.81
CA ASP A 30 -4.36 -8.19 1.15
C ASP A 30 -3.33 -8.81 2.10
N VAL A 31 -2.07 -8.81 1.67
CA VAL A 31 -0.99 -9.38 2.47
C VAL A 31 -0.83 -8.62 3.79
N LEU A 32 -1.12 -7.32 3.74
CA LEU A 32 -1.01 -6.48 4.93
C LEU A 32 -2.15 -6.75 5.91
N LEU A 33 -3.25 -7.26 5.39
CA LEU A 33 -4.41 -7.57 6.21
C LEU A 33 -4.43 -9.05 6.59
N ASP A 34 -3.67 -9.85 5.86
CA ASP A 34 -3.59 -11.28 6.12
C ASP A 34 -2.33 -11.63 6.90
N LYS A 35 -2.46 -12.60 7.81
CA LYS A 35 -1.33 -13.03 8.63
C LYS A 35 -0.38 -13.91 7.84
N ASN A 36 -0.75 -14.20 6.59
CA ASN A 36 0.07 -15.04 5.73
C ASN A 36 1.34 -14.30 5.31
N ALA A 37 1.26 -12.99 5.23
CA ALA A 37 2.40 -12.17 4.85
C ALA A 37 3.44 -12.13 5.96
N ASP A 38 4.41 -11.23 5.82
CA ASP A 38 5.47 -11.10 6.82
C ASP A 38 5.69 -9.63 7.18
N GLN A 39 6.44 -9.40 8.26
CA GLN A 39 6.72 -8.04 8.71
C GLN A 39 7.39 -7.22 7.60
N ALA A 40 8.28 -7.88 6.85
CA ALA A 40 8.98 -7.21 5.76
C ALA A 40 8.05 -6.94 4.58
N THR A 41 6.93 -7.66 4.55
CA THR A 41 5.95 -7.49 3.47
C THR A 41 5.13 -6.22 3.68
N LYS A 42 4.91 -5.85 4.93
CA LYS A 42 4.14 -4.66 5.26
C LYS A 42 5.01 -3.41 5.21
N ASP A 43 6.25 -3.54 5.67
CA ASP A 43 7.19 -2.42 5.67
C ASP A 43 7.44 -1.93 4.25
N ASN A 44 7.16 -2.77 3.27
CA ASN A 44 7.35 -2.41 1.87
C ASN A 44 6.36 -1.33 1.44
N LEU A 45 5.17 -1.37 2.01
CA LEU A 45 4.14 -0.40 1.69
C LEU A 45 4.29 0.86 2.55
N ARG A 46 4.75 0.68 3.79
CA ARG A 46 4.93 1.79 4.69
C ARG A 46 6.01 2.75 4.17
N SER A 47 6.86 2.24 3.28
CA SER A 47 7.93 3.05 2.70
C SER A 47 7.43 3.84 1.50
N TYR A 48 6.30 3.42 0.95
CA TYR A 48 5.71 4.09 -0.21
C TYR A 48 5.19 5.48 0.17
N PHE A 49 4.27 5.51 1.12
CA PHE A 49 3.69 6.77 1.57
C PHE A 49 4.79 7.78 1.92
N ALA A 50 5.92 7.27 2.39
CA ALA A 50 7.05 8.13 2.75
C ALA A 50 7.56 8.91 1.54
N ASP A 51 7.52 8.27 0.38
CA ASP A 51 7.99 8.90 -0.85
C ASP A 51 6.90 9.79 -1.45
N LYS A 52 5.65 9.37 -1.27
CA LYS A 52 4.52 10.13 -1.79
C LYS A 52 4.28 11.39 -0.98
N GLY A 53 4.76 11.38 0.27
CA GLY A 53 4.59 12.54 1.13
C GLY A 53 3.28 12.50 1.90
N LEU A 54 2.99 11.36 2.52
CA LEU A 54 1.77 11.20 3.28
C LEU A 54 2.02 11.38 4.77
N HIS A 55 1.19 12.19 5.42
CA HIS A 55 1.33 12.45 6.85
C HIS A 55 1.47 11.15 7.63
N SER A 56 0.61 10.18 7.32
CA SER A 56 0.64 8.89 7.99
C SER A 56 -0.52 8.02 7.54
N ILE A 57 -0.71 6.90 8.23
CA ILE A 57 -1.79 5.96 7.89
C ILE A 57 -3.11 6.71 7.65
N LYS A 58 -3.38 7.71 8.49
CA LYS A 58 -4.59 8.50 8.37
C LYS A 58 -4.64 9.21 7.02
N ASP A 59 -3.59 9.97 6.71
CA ASP A 59 -3.51 10.70 5.45
C ASP A 59 -3.41 9.74 4.27
N ILE A 60 -3.02 8.50 4.56
CA ILE A 60 -2.88 7.49 3.52
C ILE A 60 -4.21 6.79 3.25
N ILE A 61 -4.97 6.56 4.30
CA ILE A 61 -6.27 5.91 4.18
C ILE A 61 -7.36 6.90 3.83
N ASN A 62 -7.26 8.10 4.40
CA ASN A 62 -8.25 9.16 4.15
C ASN A 62 -8.42 9.39 2.65
N LYS A 63 -7.32 9.31 1.91
CA LYS A 63 -7.35 9.50 0.46
C LYS A 63 -7.77 8.22 -0.26
N ALA A 64 -7.34 7.08 0.29
CA ALA A 64 -7.69 5.79 -0.30
C ALA A 64 -9.18 5.52 -0.20
N LYS A 65 -9.78 5.92 0.90
CA LYS A 65 -11.21 5.72 1.12
C LYS A 65 -12.03 6.63 0.21
N GLN A 66 -11.50 7.82 -0.07
CA GLN A 66 -12.18 8.78 -0.93
C GLN A 66 -12.55 8.14 -2.27
N ASP A 67 -11.65 7.31 -2.79
CA ASP A 67 -11.88 6.64 -4.06
C ASP A 67 -12.92 5.54 -3.91
N GLY A 68 -13.10 5.06 -2.69
CA GLY A 68 -14.05 3.99 -2.43
C GLY A 68 -13.38 2.69 -2.08
N PHE A 69 -12.16 2.77 -1.55
CA PHE A 69 -11.41 1.57 -1.17
C PHE A 69 -11.13 1.55 0.32
N ASP A 70 -11.45 0.42 0.96
CA ASP A 70 -11.24 0.27 2.39
C ASP A 70 -9.82 -0.20 2.68
N VAL A 71 -8.98 0.73 3.15
CA VAL A 71 -7.58 0.41 3.46
C VAL A 71 -7.30 0.62 4.93
N SER A 72 -8.35 0.56 5.75
CA SER A 72 -8.20 0.76 7.20
C SER A 72 -7.44 -0.41 7.82
N LYS A 73 -7.47 -1.56 7.17
CA LYS A 73 -6.78 -2.75 7.66
C LYS A 73 -5.35 -2.79 7.14
N TYR A 74 -4.96 -1.77 6.38
CA TYR A 74 -3.62 -1.68 5.82
C TYR A 74 -2.67 -0.98 6.79
N GLU A 75 -3.23 -0.34 7.80
CA GLU A 75 -2.44 0.36 8.80
C GLU A 75 -1.79 -0.61 9.77
N HIS A 76 -0.90 -1.47 9.24
CA HIS A 76 -0.21 -2.46 10.06
C HIS A 76 -1.20 -3.25 10.90
N VAL A 77 -2.43 -3.33 10.44
CA VAL A 77 -3.48 -4.06 11.15
C VAL A 77 -3.31 -3.92 12.67
N LYS A 78 -3.06 -2.69 13.10
CA LYS A 78 -2.88 -2.41 14.53
C LYS A 78 -4.19 -2.60 15.29
N LYS A 6 5.82 -2.99 -10.72
CA LYS A 6 6.14 -4.35 -11.09
C LYS A 6 5.47 -5.36 -10.14
N CYS A 7 4.16 -5.44 -10.22
CA CYS A 7 3.40 -6.36 -9.37
C CYS A 7 3.81 -7.80 -9.61
N TYR A 8 3.03 -8.74 -9.09
CA TYR A 8 3.31 -10.15 -9.26
C TYR A 8 2.27 -10.82 -10.15
N SER A 9 2.37 -12.14 -10.29
CA SER A 9 1.43 -12.90 -11.11
C SER A 9 0.29 -13.44 -10.27
N GLN A 10 -0.93 -13.20 -10.73
CA GLN A 10 -2.12 -13.68 -10.02
C GLN A 10 -3.40 -13.28 -10.77
N ASN A 11 -3.43 -12.04 -11.26
CA ASN A 11 -4.59 -11.54 -11.98
C ASN A 11 -4.17 -10.96 -13.33
N GLY A 12 -3.03 -11.42 -13.83
CA GLY A 12 -2.53 -10.94 -15.11
C GLY A 12 -1.28 -11.65 -15.56
N LEU A 13 -0.43 -12.02 -14.60
CA LEU A 13 0.81 -12.71 -14.90
C LEU A 13 1.70 -11.88 -15.83
N VAL A 14 1.56 -10.56 -15.73
CA VAL A 14 2.35 -9.66 -16.55
C VAL A 14 3.23 -8.76 -15.69
N LEU A 15 2.96 -8.74 -14.39
CA LEU A 15 3.73 -7.91 -13.46
C LEU A 15 3.59 -6.43 -13.80
N HIS A 16 2.92 -5.69 -12.91
CA HIS A 16 2.72 -4.26 -13.11
C HIS A 16 1.88 -3.67 -11.99
N CYS A 17 2.55 -3.05 -11.02
CA CYS A 17 1.87 -2.44 -9.88
C CYS A 17 2.01 -0.92 -9.92
N ASP A 18 1.01 -0.26 -10.48
CA ASP A 18 1.01 1.20 -10.58
C ASP A 18 1.10 1.83 -9.19
N ALA A 19 0.72 1.06 -8.17
CA ALA A 19 0.77 1.56 -6.80
C ALA A 19 -0.25 2.67 -6.58
N ASN A 20 -0.11 3.39 -5.47
CA ASN A 20 -1.01 4.49 -5.15
C ASN A 20 -2.39 3.96 -4.75
N PHE A 21 -3.13 3.46 -5.73
CA PHE A 21 -4.47 2.92 -5.47
C PHE A 21 -5.06 2.30 -6.74
N LEU A 22 -4.28 1.41 -7.36
CA LEU A 22 -4.72 0.75 -8.58
C LEU A 22 -5.38 -0.59 -8.25
N GLU A 23 -6.00 -1.20 -9.26
CA GLU A 23 -6.67 -2.48 -9.09
C GLU A 23 -5.73 -3.51 -8.46
N HIS A 24 -4.47 -3.45 -8.86
CA HIS A 24 -3.46 -4.37 -8.34
C HIS A 24 -3.01 -3.97 -6.94
N GLU A 25 -3.17 -2.68 -6.62
CA GLU A 25 -2.78 -2.17 -5.32
C GLU A 25 -3.78 -2.60 -4.25
N LEU A 26 -5.06 -2.59 -4.60
CA LEU A 26 -6.12 -2.98 -3.66
C LEU A 26 -5.91 -4.41 -3.19
N SER A 27 -5.48 -5.28 -4.09
CA SER A 27 -5.24 -6.68 -3.76
C SER A 27 -3.99 -6.84 -2.92
N TYR A 28 -3.12 -5.83 -2.96
CA TYR A 28 -1.87 -5.86 -2.20
C TYR A 28 -2.15 -5.87 -0.70
N ILE A 29 -3.02 -4.97 -0.25
CA ILE A 29 -3.38 -4.88 1.16
C ILE A 29 -3.70 -6.26 1.73
N ASP A 30 -4.16 -7.16 0.86
CA ASP A 30 -4.52 -8.51 1.28
C ASP A 30 -3.42 -9.11 2.15
N VAL A 31 -2.21 -9.14 1.63
CA VAL A 31 -1.07 -9.69 2.36
C VAL A 31 -0.84 -8.93 3.67
N LEU A 32 -1.15 -7.64 3.67
CA LEU A 32 -0.98 -6.81 4.85
C LEU A 32 -2.06 -7.11 5.89
N LEU A 33 -3.23 -7.55 5.41
CA LEU A 33 -4.34 -7.88 6.30
C LEU A 33 -4.22 -9.31 6.80
N ASP A 34 -3.52 -10.14 6.04
CA ASP A 34 -3.34 -11.54 6.41
C ASP A 34 -1.97 -11.76 7.05
N LYS A 35 -1.92 -12.65 8.03
CA LYS A 35 -0.68 -12.96 8.73
C LYS A 35 0.21 -13.86 7.89
N ASN A 36 -0.27 -14.22 6.71
CA ASN A 36 0.48 -15.09 5.81
C ASN A 36 1.69 -14.37 5.24
N ALA A 37 1.58 -13.05 5.11
CA ALA A 37 2.67 -12.24 4.58
C ALA A 37 3.82 -12.15 5.59
N ASP A 38 4.77 -11.26 5.30
CA ASP A 38 5.92 -11.07 6.18
C ASP A 38 6.04 -9.62 6.60
N GLN A 39 6.84 -9.37 7.64
CA GLN A 39 7.04 -8.02 8.14
C GLN A 39 7.57 -7.10 7.05
N ALA A 40 8.45 -7.64 6.21
CA ALA A 40 9.04 -6.87 5.11
C ALA A 40 8.00 -6.62 4.01
N THR A 41 6.94 -7.41 4.01
CA THR A 41 5.89 -7.27 3.00
C THR A 41 5.04 -6.02 3.27
N LYS A 42 4.72 -5.79 4.55
CA LYS A 42 3.93 -4.64 4.93
C LYS A 42 4.80 -3.40 5.08
N ASP A 43 6.02 -3.59 5.56
CA ASP A 43 6.96 -2.49 5.76
C ASP A 43 7.36 -1.88 4.42
N ASN A 44 7.17 -2.65 3.34
CA ASN A 44 7.51 -2.19 2.00
C ASN A 44 6.43 -1.27 1.45
N LEU A 45 5.18 -1.63 1.68
CA LEU A 45 4.05 -0.84 1.20
C LEU A 45 3.84 0.38 2.10
N ARG A 46 4.30 0.30 3.33
CA ARG A 46 4.16 1.40 4.28
C ARG A 46 5.09 2.56 3.92
N SER A 47 6.33 2.22 3.56
CA SER A 47 7.31 3.23 3.19
C SER A 47 6.79 4.12 2.08
N TYR A 48 5.79 3.63 1.35
CA TYR A 48 5.19 4.38 0.25
C TYR A 48 4.77 5.77 0.72
N PHE A 49 4.12 5.83 1.88
CA PHE A 49 3.65 7.10 2.44
C PHE A 49 4.82 8.06 2.64
N ALA A 50 6.03 7.51 2.71
CA ALA A 50 7.22 8.32 2.90
C ALA A 50 7.69 8.95 1.58
N ASP A 51 7.47 8.22 0.49
CA ASP A 51 7.86 8.70 -0.83
C ASP A 51 6.86 9.70 -1.37
N LYS A 52 5.62 9.60 -0.91
CA LYS A 52 4.55 10.49 -1.35
C LYS A 52 4.44 11.70 -0.42
N GLY A 53 4.95 11.55 0.81
CA GLY A 53 4.91 12.63 1.76
C GLY A 53 3.58 12.70 2.50
N LEU A 54 3.13 11.56 3.02
CA LEU A 54 1.88 11.50 3.76
C LEU A 54 2.08 11.86 5.23
N HIS A 55 1.17 12.67 5.76
CA HIS A 55 1.24 13.09 7.15
C HIS A 55 1.28 11.89 8.08
N SER A 56 0.42 10.89 7.81
CA SER A 56 0.37 9.70 8.63
C SER A 56 -0.76 8.77 8.15
N ILE A 57 -1.03 7.73 8.93
CA ILE A 57 -2.09 6.78 8.59
C ILE A 57 -3.36 7.49 8.18
N LYS A 58 -3.69 8.56 8.89
CA LYS A 58 -4.90 9.34 8.59
C LYS A 58 -4.83 9.90 7.17
N ASP A 59 -3.77 10.64 6.88
CA ASP A 59 -3.59 11.23 5.55
C ASP A 59 -3.37 10.16 4.50
N ILE A 60 -3.02 8.96 4.95
CA ILE A 60 -2.78 7.84 4.04
C ILE A 60 -4.07 7.13 3.69
N ILE A 61 -4.96 6.99 4.68
CA ILE A 61 -6.24 6.33 4.47
C ILE A 61 -7.28 7.31 3.93
N ASN A 62 -7.25 8.54 4.45
CA ASN A 62 -8.19 9.56 4.02
C ASN A 62 -8.23 9.67 2.50
N LYS A 63 -7.08 9.42 1.87
CA LYS A 63 -6.97 9.48 0.42
C LYS A 63 -7.61 8.26 -0.23
N ALA A 64 -7.06 7.09 0.06
CA ALA A 64 -7.58 5.84 -0.50
C ALA A 64 -9.09 5.74 -0.29
N LYS A 65 -9.56 6.22 0.85
CA LYS A 65 -10.98 6.18 1.17
C LYS A 65 -11.77 7.11 0.26
N GLN A 66 -11.28 8.33 0.12
CA GLN A 66 -11.94 9.33 -0.73
C GLN A 66 -12.08 8.81 -2.16
N ASP A 67 -11.19 7.92 -2.56
CA ASP A 67 -11.22 7.35 -3.89
C ASP A 67 -12.22 6.19 -3.97
N GLY A 68 -12.59 5.67 -2.81
CA GLY A 68 -13.53 4.57 -2.76
C GLY A 68 -12.88 3.26 -2.37
N PHE A 69 -11.71 3.35 -1.75
CA PHE A 69 -10.97 2.16 -1.33
C PHE A 69 -10.80 2.14 0.19
N ASP A 70 -11.16 1.02 0.80
CA ASP A 70 -11.05 0.86 2.25
C ASP A 70 -9.68 0.32 2.63
N VAL A 71 -8.71 1.20 2.78
CA VAL A 71 -7.36 0.82 3.14
C VAL A 71 -7.13 0.92 4.65
N SER A 72 -8.19 0.69 5.42
CA SER A 72 -8.12 0.77 6.87
C SER A 72 -7.42 -0.46 7.44
N LYS A 73 -7.49 -1.57 6.72
CA LYS A 73 -6.86 -2.81 7.14
C LYS A 73 -5.42 -2.89 6.66
N TYR A 74 -4.97 -1.83 5.98
CA TYR A 74 -3.61 -1.78 5.47
C TYR A 74 -2.66 -1.19 6.50
N GLU A 75 -3.22 -0.50 7.49
CA GLU A 75 -2.42 0.10 8.55
C GLU A 75 -1.92 -0.95 9.53
N HIS A 76 -1.04 -1.82 9.04
CA HIS A 76 -0.47 -2.88 9.87
C HIS A 76 -1.58 -3.62 10.63
N VAL A 77 -2.75 -3.72 10.01
CA VAL A 77 -3.88 -4.41 10.62
C VAL A 77 -3.84 -5.91 10.33
N LYS A 78 -2.79 -6.56 10.80
CA LYS A 78 -2.64 -8.00 10.59
C LYS A 78 -2.94 -8.77 11.88
N LYS A 6 8.13 3.51 -4.06
CA LYS A 6 9.31 2.67 -3.91
C LYS A 6 9.88 2.30 -5.28
N CYS A 7 9.10 1.56 -6.06
CA CYS A 7 9.53 1.15 -7.39
C CYS A 7 10.86 0.39 -7.32
N TYR A 8 10.78 -0.91 -7.13
CA TYR A 8 11.98 -1.75 -7.04
C TYR A 8 11.72 -3.14 -7.63
N SER A 9 12.75 -3.71 -8.23
CA SER A 9 12.64 -5.03 -8.84
C SER A 9 13.11 -6.12 -7.88
N GLN A 10 12.30 -7.16 -7.71
CA GLN A 10 12.64 -8.25 -6.82
C GLN A 10 11.68 -9.43 -7.01
N ASN A 11 10.40 -9.11 -7.21
CA ASN A 11 9.38 -10.14 -7.40
C ASN A 11 8.42 -9.74 -8.51
N GLY A 12 8.88 -8.90 -9.43
CA GLY A 12 8.04 -8.46 -10.52
C GLY A 12 8.84 -7.94 -11.70
N LEU A 13 9.93 -7.23 -11.41
CA LEU A 13 10.79 -6.68 -12.45
C LEU A 13 10.02 -5.69 -13.32
N VAL A 14 9.04 -5.02 -12.71
CA VAL A 14 8.24 -4.03 -13.44
C VAL A 14 7.79 -2.91 -12.49
N LEU A 15 8.62 -2.60 -11.50
CA LEU A 15 8.31 -1.55 -10.54
C LEU A 15 7.03 -1.88 -9.77
N HIS A 16 6.65 -0.99 -8.86
CA HIS A 16 5.44 -1.18 -8.06
C HIS A 16 4.54 0.05 -8.14
N CYS A 17 4.95 1.12 -7.45
CA CYS A 17 4.18 2.35 -7.44
C CYS A 17 3.85 2.80 -8.86
N ASP A 18 2.60 2.58 -9.27
CA ASP A 18 2.16 2.96 -10.61
C ASP A 18 1.51 4.35 -10.60
N ALA A 19 1.18 4.82 -9.40
CA ALA A 19 0.55 6.13 -9.25
C ALA A 19 0.44 6.52 -7.77
N ASN A 20 -0.41 5.79 -7.05
CA ASN A 20 -0.61 6.05 -5.63
C ASN A 20 -1.61 5.07 -5.03
N PHE A 21 -2.61 4.69 -5.83
CA PHE A 21 -3.63 3.75 -5.39
C PHE A 21 -4.23 2.98 -6.56
N LEU A 22 -3.35 2.45 -7.40
CA LEU A 22 -3.78 1.69 -8.58
C LEU A 22 -4.63 0.48 -8.16
N GLU A 23 -4.99 -0.34 -9.14
CA GLU A 23 -5.81 -1.51 -8.88
C GLU A 23 -4.97 -2.64 -8.27
N HIS A 24 -3.87 -2.97 -8.95
CA HIS A 24 -2.97 -4.03 -8.48
C HIS A 24 -2.57 -3.79 -7.02
N GLU A 25 -2.51 -2.52 -6.63
CA GLU A 25 -2.15 -2.18 -5.26
C GLU A 25 -3.22 -2.61 -4.27
N LEU A 26 -4.47 -2.52 -4.70
CA LEU A 26 -5.60 -2.90 -3.86
C LEU A 26 -5.50 -4.37 -3.44
N SER A 27 -5.25 -5.23 -4.42
CA SER A 27 -5.12 -6.67 -4.15
C SER A 27 -4.04 -6.93 -3.11
N TYR A 28 -2.94 -6.19 -3.20
CA TYR A 28 -1.83 -6.34 -2.27
C TYR A 28 -2.27 -6.07 -0.83
N ILE A 29 -2.95 -4.94 -0.64
CA ILE A 29 -3.43 -4.57 0.68
C ILE A 29 -4.11 -5.74 1.37
N ASP A 30 -4.67 -6.64 0.59
CA ASP A 30 -5.35 -7.81 1.12
C ASP A 30 -4.50 -8.50 2.19
N VAL A 31 -3.31 -8.93 1.79
CA VAL A 31 -2.39 -9.60 2.70
C VAL A 31 -1.97 -8.67 3.84
N LEU A 32 -1.84 -7.39 3.52
CA LEU A 32 -1.45 -6.39 4.51
C LEU A 32 -2.48 -6.29 5.62
N LEU A 33 -3.73 -6.56 5.29
CA LEU A 33 -4.82 -6.51 6.26
C LEU A 33 -4.79 -7.73 7.19
N ASP A 34 -4.20 -8.81 6.70
CA ASP A 34 -4.10 -10.05 7.47
C ASP A 34 -2.71 -10.20 8.07
N LYS A 35 -2.65 -10.76 9.27
CA LYS A 35 -1.38 -10.96 9.96
C LYS A 35 -0.58 -12.07 9.29
N ASN A 36 -1.21 -12.77 8.35
CA ASN A 36 -0.54 -13.85 7.62
C ASN A 36 0.54 -13.30 6.70
N ALA A 37 0.34 -12.07 6.23
CA ALA A 37 1.31 -11.44 5.34
C ALA A 37 2.73 -11.52 5.91
N ASP A 38 3.70 -11.14 5.09
CA ASP A 38 5.10 -11.18 5.51
C ASP A 38 5.59 -9.78 5.85
N GLN A 39 6.67 -9.71 6.64
CA GLN A 39 7.23 -8.43 7.03
C GLN A 39 7.65 -7.61 5.81
N ALA A 40 8.12 -8.30 4.78
CA ALA A 40 8.54 -7.64 3.55
C ALA A 40 7.35 -7.05 2.80
N THR A 41 6.16 -7.55 3.11
CA THR A 41 4.94 -7.08 2.46
C THR A 41 4.49 -5.75 3.05
N LYS A 42 4.67 -5.59 4.35
CA LYS A 42 4.28 -4.36 5.04
C LYS A 42 5.40 -3.32 4.95
N ASP A 43 6.65 -3.78 5.02
CA ASP A 43 7.80 -2.90 4.95
C ASP A 43 7.86 -2.18 3.60
N ASN A 44 7.33 -2.84 2.57
CA ASN A 44 7.32 -2.26 1.23
C ASN A 44 6.21 -1.24 1.08
N LEU A 45 5.05 -1.54 1.67
CA LEU A 45 3.91 -0.64 1.60
C LEU A 45 4.10 0.55 2.53
N ARG A 46 4.77 0.32 3.65
CA ARG A 46 5.02 1.38 4.62
C ARG A 46 5.93 2.45 4.03
N SER A 47 6.63 2.11 2.96
CA SER A 47 7.53 3.04 2.31
C SER A 47 6.78 3.92 1.31
N TYR A 48 5.60 3.47 0.91
CA TYR A 48 4.78 4.20 -0.06
C TYR A 48 4.36 5.55 0.52
N PHE A 49 3.62 5.51 1.64
CA PHE A 49 3.15 6.72 2.28
C PHE A 49 4.32 7.68 2.56
N ALA A 50 5.50 7.12 2.75
CA ALA A 50 6.69 7.91 3.03
C ALA A 50 7.18 8.61 1.76
N ASP A 51 6.97 7.97 0.62
CA ASP A 51 7.40 8.53 -0.66
C ASP A 51 6.43 9.61 -1.13
N LYS A 52 5.14 9.34 -0.99
CA LYS A 52 4.11 10.28 -1.40
C LYS A 52 4.04 11.46 -0.43
N GLY A 53 4.53 11.25 0.78
CA GLY A 53 4.52 12.31 1.78
C GLY A 53 3.21 12.38 2.54
N LEU A 54 2.74 11.23 3.02
CA LEU A 54 1.49 11.17 3.76
C LEU A 54 1.66 11.69 5.18
N HIS A 55 0.76 12.57 5.60
CA HIS A 55 0.82 13.15 6.95
C HIS A 55 0.92 12.05 8.00
N SER A 56 0.09 11.03 7.87
CA SER A 56 0.09 9.91 8.83
C SER A 56 -1.03 8.92 8.50
N ILE A 57 -1.22 7.94 9.38
CA ILE A 57 -2.25 6.93 9.19
C ILE A 57 -3.56 7.56 8.73
N LYS A 58 -3.85 8.74 9.26
CA LYS A 58 -5.08 9.45 8.91
C LYS A 58 -5.11 9.78 7.42
N ASP A 59 -4.13 10.55 6.97
CA ASP A 59 -4.04 10.94 5.56
C ASP A 59 -3.78 9.72 4.69
N ILE A 60 -3.36 8.63 5.31
CA ILE A 60 -3.08 7.39 4.57
C ILE A 60 -4.36 6.59 4.35
N ILE A 61 -5.20 6.53 5.38
CA ILE A 61 -6.45 5.78 5.30
C ILE A 61 -7.56 6.63 4.67
N ASN A 62 -7.58 7.91 5.02
CA ASN A 62 -8.57 8.82 4.47
C ASN A 62 -8.53 8.85 2.95
N LYS A 63 -7.34 8.63 2.39
CA LYS A 63 -7.16 8.62 0.95
C LYS A 63 -7.70 7.32 0.34
N ALA A 64 -7.10 6.20 0.73
CA ALA A 64 -7.52 4.90 0.23
C ALA A 64 -9.03 4.75 0.29
N LYS A 65 -9.64 5.29 1.35
CA LYS A 65 -11.08 5.22 1.52
C LYS A 65 -11.80 6.12 0.51
N GLN A 66 -11.42 7.38 0.48
CA GLN A 66 -12.02 8.34 -0.45
C GLN A 66 -11.85 7.88 -1.89
N ASP A 67 -10.86 7.04 -2.13
CA ASP A 67 -10.59 6.53 -3.46
C ASP A 67 -11.41 5.26 -3.74
N GLY A 68 -12.34 4.96 -2.84
CA GLY A 68 -13.18 3.79 -3.01
C GLY A 68 -12.40 2.50 -2.80
N PHE A 69 -11.33 2.57 -2.03
CA PHE A 69 -10.50 1.40 -1.76
C PHE A 69 -10.47 1.09 -0.27
N ASP A 70 -9.86 -0.04 0.08
CA ASP A 70 -9.76 -0.45 1.48
C ASP A 70 -8.59 0.24 2.18
N VAL A 71 -8.87 0.87 3.32
CA VAL A 71 -7.85 1.57 4.07
C VAL A 71 -7.08 0.61 4.97
N SER A 72 -7.32 -0.69 4.79
CA SER A 72 -6.66 -1.71 5.58
C SER A 72 -5.15 -1.70 5.33
N LYS A 73 -4.74 -0.99 4.29
CA LYS A 73 -3.32 -0.90 3.94
C LYS A 73 -2.53 -0.24 5.07
N TYR A 74 -3.24 0.36 6.01
CA TYR A 74 -2.60 1.03 7.14
C TYR A 74 -2.34 0.05 8.27
N GLU A 75 -2.59 -1.23 8.02
CA GLU A 75 -2.39 -2.27 9.02
C GLU A 75 -0.90 -2.53 9.24
N HIS A 76 -0.07 -1.93 8.39
CA HIS A 76 1.37 -2.10 8.49
C HIS A 76 1.89 -1.55 9.82
N VAL A 77 1.06 -0.75 10.48
CA VAL A 77 1.45 -0.17 11.77
C VAL A 77 1.32 -1.19 12.89
N LYS A 78 2.06 -2.28 12.77
CA LYS A 78 2.04 -3.34 13.78
C LYS A 78 3.44 -3.60 14.32
N LYS A 6 11.68 3.88 -5.69
CA LYS A 6 10.74 3.24 -6.61
C LYS A 6 11.38 3.02 -7.97
N CYS A 7 10.70 2.26 -8.83
CA CYS A 7 11.20 1.97 -10.16
C CYS A 7 12.62 1.43 -10.10
N TYR A 8 12.95 0.75 -9.00
CA TYR A 8 14.27 0.17 -8.83
C TYR A 8 14.18 -1.29 -8.42
N SER A 9 14.34 -2.18 -9.40
CA SER A 9 14.27 -3.62 -9.15
C SER A 9 15.59 -4.13 -8.60
N GLN A 10 15.56 -5.31 -7.98
CA GLN A 10 16.76 -5.91 -7.42
C GLN A 10 17.44 -4.97 -6.44
N ASN A 11 16.65 -4.07 -5.84
CA ASN A 11 17.19 -3.10 -4.89
C ASN A 11 16.27 -2.98 -3.68
N GLY A 12 14.97 -2.86 -3.93
CA GLY A 12 14.01 -2.74 -2.84
C GLY A 12 12.70 -3.43 -3.16
N LEU A 13 12.71 -4.29 -4.16
CA LEU A 13 11.52 -5.02 -4.56
C LEU A 13 10.37 -4.06 -4.88
N VAL A 14 10.73 -2.86 -5.33
CA VAL A 14 9.74 -1.84 -5.67
C VAL A 14 10.05 -1.20 -7.02
N LEU A 15 10.01 -2.00 -8.07
CA LEU A 15 10.29 -1.51 -9.41
C LEU A 15 9.02 -1.02 -10.10
N HIS A 16 8.26 -0.19 -9.39
CA HIS A 16 7.02 0.36 -9.92
C HIS A 16 6.73 1.74 -9.32
N CYS A 17 6.76 2.76 -10.15
CA CYS A 17 6.50 4.12 -9.70
C CYS A 17 5.37 4.76 -10.51
N ASP A 18 4.15 4.28 -10.26
CA ASP A 18 2.98 4.80 -10.97
C ASP A 18 2.31 5.90 -10.15
N ALA A 19 2.56 5.89 -8.84
CA ALA A 19 1.96 6.89 -7.95
C ALA A 19 0.45 6.97 -8.14
N ASN A 20 -0.27 6.06 -7.50
CA ASN A 20 -1.73 6.02 -7.60
C ASN A 20 -2.30 4.90 -6.73
N PHE A 21 -3.61 4.68 -6.86
CA PHE A 21 -4.28 3.64 -6.09
C PHE A 21 -5.11 2.74 -7.01
N LEU A 22 -4.44 2.08 -7.95
CA LEU A 22 -5.12 1.19 -8.88
C LEU A 22 -5.83 0.06 -8.15
N GLU A 23 -6.34 -0.91 -8.91
CA GLU A 23 -7.04 -2.04 -8.33
C GLU A 23 -6.05 -3.05 -7.74
N HIS A 24 -5.01 -3.36 -8.50
CA HIS A 24 -4.00 -4.31 -8.07
C HIS A 24 -3.48 -3.94 -6.69
N GLU A 25 -3.46 -2.64 -6.39
CA GLU A 25 -2.98 -2.16 -5.10
C GLU A 25 -3.96 -2.52 -3.99
N LEU A 26 -5.24 -2.40 -4.27
CA LEU A 26 -6.29 -2.71 -3.30
C LEU A 26 -6.13 -4.13 -2.78
N SER A 27 -5.81 -5.06 -3.68
CA SER A 27 -5.63 -6.46 -3.32
C SER A 27 -4.32 -6.66 -2.55
N TYR A 28 -3.42 -5.69 -2.66
CA TYR A 28 -2.14 -5.76 -1.98
C TYR A 28 -2.31 -5.74 -0.46
N ILE A 29 -3.12 -4.80 0.03
CA ILE A 29 -3.39 -4.68 1.45
C ILE A 29 -3.73 -6.04 2.06
N ASP A 30 -4.27 -6.93 1.24
CA ASP A 30 -4.65 -8.27 1.71
C ASP A 30 -3.52 -8.89 2.53
N VAL A 31 -2.33 -8.96 1.94
CA VAL A 31 -1.18 -9.54 2.63
C VAL A 31 -0.85 -8.75 3.89
N LEU A 32 -1.11 -7.45 3.86
CA LEU A 32 -0.83 -6.58 5.00
C LEU A 32 -1.82 -6.85 6.14
N LEU A 33 -3.02 -7.27 5.77
CA LEU A 33 -4.07 -7.55 6.75
C LEU A 33 -3.98 -9.00 7.23
N ASP A 34 -3.37 -9.84 6.41
CA ASP A 34 -3.21 -11.26 6.76
C ASP A 34 -1.82 -11.53 7.32
N LYS A 35 -1.75 -12.43 8.30
CA LYS A 35 -0.49 -12.79 8.92
C LYS A 35 0.32 -13.71 8.02
N ASN A 36 -0.27 -14.10 6.90
CA ASN A 36 0.41 -14.98 5.94
C ASN A 36 1.61 -14.28 5.32
N ALA A 37 1.53 -12.96 5.21
CA ALA A 37 2.62 -12.18 4.62
C ALA A 37 3.82 -12.14 5.56
N ASP A 38 4.78 -11.28 5.24
CA ASP A 38 5.98 -11.14 6.05
C ASP A 38 6.20 -9.69 6.48
N GLN A 39 7.05 -9.49 7.48
CA GLN A 39 7.34 -8.16 7.98
C GLN A 39 7.88 -7.25 6.87
N ALA A 40 8.68 -7.84 5.97
CA ALA A 40 9.25 -7.09 4.86
C ALA A 40 8.20 -6.76 3.82
N THR A 41 7.08 -7.48 3.86
CA THR A 41 5.98 -7.26 2.92
C THR A 41 5.28 -5.93 3.20
N LYS A 42 5.05 -5.65 4.47
CA LYS A 42 4.37 -4.41 4.86
C LYS A 42 5.35 -3.23 4.83
N ASP A 43 6.59 -3.50 5.20
CA ASP A 43 7.62 -2.47 5.22
C ASP A 43 7.79 -1.85 3.83
N ASN A 44 7.34 -2.57 2.81
CA ASN A 44 7.45 -2.10 1.43
C ASN A 44 6.40 -1.01 1.15
N LEU A 45 5.18 -1.26 1.58
CA LEU A 45 4.09 -0.30 1.38
C LEU A 45 4.19 0.85 2.37
N ARG A 46 4.55 0.53 3.61
CA ARG A 46 4.69 1.55 4.65
C ARG A 46 5.76 2.56 4.29
N SER A 47 6.63 2.19 3.36
CA SER A 47 7.71 3.07 2.92
C SER A 47 7.23 4.02 1.81
N TYR A 48 6.11 3.67 1.19
CA TYR A 48 5.54 4.47 0.12
C TYR A 48 5.10 5.84 0.65
N PHE A 49 4.22 5.82 1.64
CA PHE A 49 3.71 7.06 2.23
C PHE A 49 4.86 7.93 2.72
N ALA A 50 5.98 7.30 3.07
CA ALA A 50 7.15 8.02 3.56
C ALA A 50 7.93 8.64 2.40
N ASP A 51 7.72 8.10 1.20
CA ASP A 51 8.41 8.60 0.01
C ASP A 51 7.64 9.75 -0.62
N LYS A 52 6.32 9.75 -0.43
CA LYS A 52 5.47 10.80 -0.98
C LYS A 52 5.24 11.90 0.04
N GLY A 53 5.41 11.57 1.31
CA GLY A 53 5.22 12.55 2.37
C GLY A 53 3.79 12.58 2.88
N LEU A 54 3.36 11.47 3.47
CA LEU A 54 2.01 11.38 4.00
C LEU A 54 2.01 11.49 5.53
N HIS A 55 1.12 12.33 6.05
CA HIS A 55 1.02 12.54 7.50
C HIS A 55 1.08 11.20 8.23
N SER A 56 0.27 10.25 7.80
CA SER A 56 0.23 8.93 8.43
C SER A 56 -0.94 8.11 7.89
N ILE A 57 -1.22 7.00 8.55
CA ILE A 57 -2.31 6.12 8.14
C ILE A 57 -3.55 6.93 7.75
N LYS A 58 -3.82 7.98 8.50
CA LYS A 58 -4.98 8.84 8.24
C LYS A 58 -4.87 9.47 6.86
N ASP A 59 -3.77 10.15 6.60
CA ASP A 59 -3.56 10.81 5.31
C ASP A 59 -3.37 9.76 4.20
N ILE A 60 -3.05 8.54 4.60
CA ILE A 60 -2.84 7.45 3.65
C ILE A 60 -4.16 6.80 3.26
N ILE A 61 -5.06 6.67 4.24
CA ILE A 61 -6.37 6.07 3.99
C ILE A 61 -7.36 7.11 3.48
N ASN A 62 -7.28 8.32 4.04
CA ASN A 62 -8.18 9.40 3.63
C ASN A 62 -8.25 9.51 2.11
N LYS A 63 -7.15 9.21 1.45
CA LYS A 63 -7.09 9.27 0.00
C LYS A 63 -7.79 8.07 -0.64
N ALA A 64 -7.26 6.88 -0.38
CA ALA A 64 -7.84 5.65 -0.91
C ALA A 64 -9.34 5.60 -0.66
N LYS A 65 -9.76 6.05 0.52
CA LYS A 65 -11.18 6.06 0.87
C LYS A 65 -11.96 7.01 -0.02
N GLN A 66 -11.43 8.22 -0.18
CA GLN A 66 -12.09 9.23 -1.01
C GLN A 66 -12.32 8.70 -2.43
N ASP A 67 -11.45 7.78 -2.85
CA ASP A 67 -11.55 7.21 -4.19
C ASP A 67 -12.57 6.06 -4.21
N GLY A 68 -12.88 5.53 -3.03
CA GLY A 68 -13.82 4.44 -2.92
C GLY A 68 -13.17 3.13 -2.54
N PHE A 69 -11.98 3.21 -1.93
CA PHE A 69 -11.25 2.03 -1.51
C PHE A 69 -11.04 2.04 0.00
N ASP A 70 -11.41 0.94 0.66
CA ASP A 70 -11.25 0.82 2.10
C ASP A 70 -9.89 0.23 2.44
N VAL A 71 -8.89 1.10 2.57
CA VAL A 71 -7.54 0.66 2.91
C VAL A 71 -7.24 0.89 4.39
N SER A 72 -8.28 0.79 5.22
CA SER A 72 -8.12 0.99 6.65
C SER A 72 -7.47 -0.23 7.31
N LYS A 73 -7.52 -1.36 6.62
CA LYS A 73 -6.95 -2.60 7.13
C LYS A 73 -5.47 -2.71 6.75
N TYR A 74 -4.96 -1.68 6.08
CA TYR A 74 -3.56 -1.65 5.65
C TYR A 74 -2.66 -1.08 6.75
N GLU A 75 -3.29 -0.47 7.76
CA GLU A 75 -2.55 0.11 8.86
C GLU A 75 -2.02 -0.97 9.80
N HIS A 76 -1.12 -1.80 9.28
CA HIS A 76 -0.53 -2.87 10.07
C HIS A 76 -1.56 -3.47 11.03
N VAL A 77 -2.65 -3.98 10.47
CA VAL A 77 -3.71 -4.59 11.26
C VAL A 77 -3.41 -6.05 11.56
N LYS A 78 -2.23 -6.51 11.14
CA LYS A 78 -1.82 -7.88 11.36
C LYS A 78 -1.81 -8.22 12.86
N LYS A 6 6.63 -4.61 -4.64
CA LYS A 6 6.76 -3.52 -5.60
C LYS A 6 6.95 -4.07 -7.01
N CYS A 7 6.75 -3.21 -8.00
CA CYS A 7 6.89 -3.60 -9.40
C CYS A 7 8.24 -4.28 -9.64
N TYR A 8 8.23 -5.30 -10.48
CA TYR A 8 9.45 -6.04 -10.79
C TYR A 8 9.73 -6.02 -12.29
N SER A 9 10.96 -5.67 -12.65
CA SER A 9 11.36 -5.60 -14.06
C SER A 9 11.21 -6.96 -14.72
N GLN A 10 10.55 -6.99 -15.88
CA GLN A 10 10.35 -8.23 -16.62
C GLN A 10 9.58 -7.96 -17.91
N ASN A 11 8.54 -7.14 -17.82
CA ASN A 11 7.72 -6.81 -18.98
C ASN A 11 7.78 -5.31 -19.28
N GLY A 12 7.97 -4.51 -18.23
CA GLY A 12 8.03 -3.07 -18.41
C GLY A 12 9.37 -2.49 -17.97
N LEU A 13 9.97 -3.09 -16.95
CA LEU A 13 11.25 -2.64 -16.44
C LEU A 13 11.13 -1.23 -15.86
N VAL A 14 11.23 -1.13 -14.53
CA VAL A 14 11.13 0.16 -13.86
C VAL A 14 11.32 0.01 -12.36
N LEU A 15 10.84 -1.11 -11.82
CA LEU A 15 10.96 -1.37 -10.39
C LEU A 15 10.15 -0.36 -9.57
N HIS A 16 9.09 -0.84 -8.93
CA HIS A 16 8.23 0.02 -8.12
C HIS A 16 7.56 1.09 -8.99
N CYS A 17 6.28 0.87 -9.29
CA CYS A 17 5.52 1.81 -10.10
C CYS A 17 4.05 1.83 -9.68
N ASP A 18 3.82 1.86 -8.37
CA ASP A 18 2.45 1.89 -7.84
C ASP A 18 2.13 3.26 -7.26
N ALA A 19 2.63 4.31 -7.90
CA ALA A 19 2.38 5.68 -7.44
C ALA A 19 0.97 6.13 -7.81
N ASN A 20 -0.02 5.41 -7.31
CA ASN A 20 -1.41 5.75 -7.58
C ASN A 20 -2.35 4.84 -6.79
N PHE A 21 -3.64 4.86 -7.15
CA PHE A 21 -4.63 4.04 -6.47
C PHE A 21 -5.21 2.99 -7.41
N LEU A 22 -4.32 2.28 -8.11
CA LEU A 22 -4.74 1.24 -9.04
C LEU A 22 -5.58 0.19 -8.33
N GLU A 23 -6.12 -0.76 -9.11
CA GLU A 23 -6.94 -1.83 -8.56
C GLU A 23 -6.08 -2.90 -7.90
N HIS A 24 -5.09 -3.39 -8.64
CA HIS A 24 -4.19 -4.41 -8.13
C HIS A 24 -3.60 -4.00 -6.79
N GLU A 25 -3.44 -2.70 -6.59
CA GLU A 25 -2.88 -2.17 -5.34
C GLU A 25 -3.83 -2.44 -4.18
N LEU A 26 -5.13 -2.34 -4.44
CA LEU A 26 -6.13 -2.57 -3.40
C LEU A 26 -6.02 -3.98 -2.84
N SER A 27 -5.75 -4.94 -3.72
CA SER A 27 -5.63 -6.34 -3.31
C SER A 27 -4.32 -6.56 -2.54
N TYR A 28 -3.41 -5.60 -2.65
CA TYR A 28 -2.13 -5.69 -1.97
C TYR A 28 -2.31 -5.68 -0.45
N ILE A 29 -3.11 -4.74 0.03
CA ILE A 29 -3.37 -4.63 1.47
C ILE A 29 -3.72 -5.99 2.07
N ASP A 30 -4.27 -6.86 1.25
CA ASP A 30 -4.64 -8.20 1.70
C ASP A 30 -3.51 -8.85 2.50
N VAL A 31 -2.33 -8.89 1.89
CA VAL A 31 -1.17 -9.48 2.55
C VAL A 31 -0.83 -8.75 3.84
N LEU A 32 -1.09 -7.45 3.85
CA LEU A 32 -0.81 -6.62 5.03
C LEU A 32 -1.85 -6.86 6.12
N LEU A 33 -3.04 -7.28 5.71
CA LEU A 33 -4.12 -7.55 6.64
C LEU A 33 -4.10 -9.00 7.10
N ASP A 34 -3.49 -9.86 6.28
CA ASP A 34 -3.41 -11.28 6.61
C ASP A 34 -2.03 -11.62 7.18
N LYS A 35 -2.01 -12.55 8.12
CA LYS A 35 -0.76 -12.97 8.75
C LYS A 35 0.03 -13.88 7.83
N ASN A 36 -0.53 -14.17 6.65
CA ASN A 36 0.13 -15.03 5.68
C ASN A 36 1.37 -14.36 5.12
N ALA A 37 1.35 -13.03 5.06
CA ALA A 37 2.48 -12.27 4.53
C ALA A 37 3.63 -12.24 5.53
N ASP A 38 4.61 -11.39 5.26
CA ASP A 38 5.78 -11.27 6.14
C ASP A 38 5.97 -9.82 6.58
N GLN A 39 6.79 -9.62 7.60
CA GLN A 39 7.06 -8.28 8.11
C GLN A 39 7.64 -7.39 7.03
N ALA A 40 8.50 -7.95 6.19
CA ALA A 40 9.12 -7.20 5.11
C ALA A 40 8.08 -6.78 4.07
N THR A 41 6.93 -7.44 4.09
CA THR A 41 5.86 -7.12 3.15
C THR A 41 5.12 -5.85 3.55
N LYS A 42 5.14 -5.54 4.84
CA LYS A 42 4.48 -4.35 5.36
C LYS A 42 5.38 -3.13 5.21
N ASP A 43 6.67 -3.32 5.44
CA ASP A 43 7.64 -2.24 5.33
C ASP A 43 7.76 -1.76 3.88
N ASN A 44 7.34 -2.60 2.95
CA ASN A 44 7.40 -2.27 1.53
C ASN A 44 6.37 -1.19 1.17
N LEU A 45 5.18 -1.32 1.76
CA LEU A 45 4.11 -0.37 1.50
C LEU A 45 4.21 0.84 2.44
N ARG A 46 4.62 0.59 3.67
CA ARG A 46 4.77 1.64 4.66
C ARG A 46 5.85 2.63 4.24
N SER A 47 6.72 2.19 3.34
CA SER A 47 7.81 3.03 2.85
C SER A 47 7.34 3.92 1.70
N TYR A 48 6.22 3.55 1.09
CA TYR A 48 5.67 4.31 -0.01
C TYR A 48 5.18 5.68 0.45
N PHE A 49 4.24 5.68 1.39
CA PHE A 49 3.70 6.94 1.92
C PHE A 49 4.81 7.87 2.38
N ALA A 50 5.92 7.27 2.84
CA ALA A 50 7.06 8.04 3.32
C ALA A 50 7.67 8.87 2.19
N ASP A 51 7.60 8.34 0.97
CA ASP A 51 8.14 9.03 -0.19
C ASP A 51 7.17 10.08 -0.71
N LYS A 52 5.88 9.77 -0.65
CA LYS A 52 4.85 10.69 -1.11
C LYS A 52 4.68 11.85 -0.14
N GLY A 53 5.09 11.64 1.11
CA GLY A 53 4.98 12.68 2.12
C GLY A 53 3.62 12.68 2.79
N LEU A 54 3.15 11.52 3.21
CA LEU A 54 1.86 11.39 3.87
C LEU A 54 1.99 11.65 5.36
N HIS A 55 1.09 12.48 5.89
CA HIS A 55 1.09 12.81 7.31
C HIS A 55 1.16 11.54 8.17
N SER A 56 0.31 10.57 7.84
CA SER A 56 0.27 9.31 8.58
C SER A 56 -0.83 8.40 8.05
N ILE A 57 -1.06 7.29 8.73
CA ILE A 57 -2.08 6.34 8.33
C ILE A 57 -3.37 7.05 7.95
N LYS A 58 -3.69 8.12 8.67
CA LYS A 58 -4.89 8.90 8.42
C LYS A 58 -4.87 9.48 7.02
N ASP A 59 -3.87 10.33 6.75
CA ASP A 59 -3.73 10.96 5.44
C ASP A 59 -3.44 9.92 4.36
N ILE A 60 -3.04 8.73 4.78
CA ILE A 60 -2.74 7.65 3.86
C ILE A 60 -4.00 6.89 3.46
N ILE A 61 -4.87 6.64 4.43
CA ILE A 61 -6.12 5.93 4.18
C ILE A 61 -7.19 6.87 3.67
N ASN A 62 -7.21 8.10 4.19
CA ASN A 62 -8.18 9.10 3.78
C ASN A 62 -8.21 9.24 2.25
N LYS A 63 -7.07 8.97 1.62
CA LYS A 63 -6.96 9.07 0.17
C LYS A 63 -7.63 7.87 -0.51
N ALA A 64 -7.08 6.68 -0.27
CA ALA A 64 -7.63 5.47 -0.85
C ALA A 64 -9.13 5.38 -0.63
N LYS A 65 -9.60 5.90 0.50
CA LYS A 65 -11.01 5.87 0.84
C LYS A 65 -11.78 6.88 -0.02
N GLN A 66 -11.20 8.07 -0.20
CA GLN A 66 -11.84 9.11 -1.00
C GLN A 66 -12.17 8.60 -2.40
N ASP A 67 -11.39 7.65 -2.88
CA ASP A 67 -11.60 7.07 -4.20
C ASP A 67 -12.63 5.94 -4.15
N GLY A 68 -12.84 5.40 -2.95
CA GLY A 68 -13.79 4.31 -2.79
C GLY A 68 -13.11 3.00 -2.45
N PHE A 69 -11.92 3.07 -1.88
CA PHE A 69 -11.17 1.89 -1.50
C PHE A 69 -10.92 1.85 0.01
N ASP A 70 -11.26 0.73 0.62
CA ASP A 70 -11.07 0.57 2.06
C ASP A 70 -9.68 0.03 2.37
N VAL A 71 -8.76 0.94 2.70
CA VAL A 71 -7.39 0.56 3.02
C VAL A 71 -7.08 0.81 4.49
N SER A 72 -8.11 0.76 5.32
CA SER A 72 -7.95 0.98 6.75
C SER A 72 -7.32 -0.23 7.43
N LYS A 73 -7.38 -1.38 6.74
CA LYS A 73 -6.81 -2.61 7.28
C LYS A 73 -5.34 -2.74 6.88
N TYR A 74 -4.82 -1.72 6.21
CA TYR A 74 -3.42 -1.71 5.78
C TYR A 74 -2.52 -1.15 6.87
N GLU A 75 -3.14 -0.52 7.88
CA GLU A 75 -2.38 0.06 8.98
C GLU A 75 -1.88 -1.02 9.93
N HIS A 76 -1.00 -1.88 9.42
CA HIS A 76 -0.44 -2.96 10.22
C HIS A 76 -1.53 -3.71 10.97
N VAL A 77 -2.70 -3.81 10.34
CA VAL A 77 -3.83 -4.50 10.95
C VAL A 77 -3.73 -6.01 10.75
N LYS A 78 -2.71 -6.61 11.36
CA LYS A 78 -2.50 -8.04 11.26
C LYS A 78 -2.62 -8.71 12.62
N LYS A 6 5.71 5.37 -16.91
CA LYS A 6 4.67 5.69 -15.94
C LYS A 6 3.81 4.47 -15.63
N CYS A 7 3.75 3.54 -16.58
CA CYS A 7 2.97 2.32 -16.41
C CYS A 7 3.85 1.18 -15.93
N TYR A 8 4.91 1.51 -15.19
CA TYR A 8 5.82 0.51 -14.67
C TYR A 8 6.52 1.01 -13.41
N SER A 9 6.75 0.11 -12.47
CA SER A 9 7.40 0.45 -11.21
C SER A 9 8.76 1.11 -11.47
N GLN A 10 9.00 2.24 -10.83
CA GLN A 10 10.25 2.96 -11.00
C GLN A 10 11.35 2.35 -10.13
N ASN A 11 10.95 1.83 -8.97
CA ASN A 11 11.90 1.21 -8.04
C ASN A 11 11.19 0.22 -7.12
N GLY A 12 10.04 -0.27 -7.56
CA GLY A 12 9.28 -1.22 -6.76
C GLY A 12 7.82 -0.84 -6.63
N LEU A 13 7.53 0.43 -6.88
CA LEU A 13 6.15 0.92 -6.78
C LEU A 13 5.90 2.02 -7.81
N VAL A 14 4.74 2.67 -7.70
CA VAL A 14 4.38 3.74 -8.62
C VAL A 14 4.22 3.21 -10.05
N LEU A 15 3.55 2.08 -10.17
CA LEU A 15 3.33 1.46 -11.48
C LEU A 15 1.84 1.46 -11.83
N HIS A 16 1.52 0.97 -13.02
CA HIS A 16 0.13 0.91 -13.47
C HIS A 16 -0.47 2.31 -13.59
N CYS A 17 0.40 3.31 -13.73
CA CYS A 17 -0.05 4.69 -13.85
C CYS A 17 -0.99 5.06 -12.71
N ASP A 18 -1.65 6.21 -12.84
CA ASP A 18 -2.58 6.68 -11.82
C ASP A 18 -1.84 7.27 -10.63
N ALA A 19 -0.78 6.58 -10.20
CA ALA A 19 0.01 7.05 -9.07
C ALA A 19 -0.87 7.32 -7.85
N ASN A 20 -1.98 6.59 -7.76
CA ASN A 20 -2.91 6.76 -6.65
C ASN A 20 -3.20 5.41 -6.00
N PHE A 21 -3.96 4.58 -6.70
CA PHE A 21 -4.33 3.25 -6.19
C PHE A 21 -5.18 2.49 -7.21
N LEU A 22 -4.63 1.40 -7.73
CA LEU A 22 -5.33 0.59 -8.72
C LEU A 22 -6.11 -0.53 -8.03
N GLU A 23 -6.64 -1.45 -8.84
CA GLU A 23 -7.41 -2.58 -8.31
C GLU A 23 -6.48 -3.60 -7.66
N HIS A 24 -5.48 -4.04 -8.42
CA HIS A 24 -4.52 -5.02 -7.92
C HIS A 24 -3.94 -4.58 -6.57
N GLU A 25 -3.84 -3.27 -6.37
CA GLU A 25 -3.31 -2.72 -5.14
C GLU A 25 -4.25 -2.99 -3.97
N LEU A 26 -5.55 -2.93 -4.23
CA LEU A 26 -6.54 -3.18 -3.20
C LEU A 26 -6.40 -4.59 -2.61
N SER A 27 -6.07 -5.54 -3.47
CA SER A 27 -5.91 -6.93 -3.04
C SER A 27 -4.60 -7.11 -2.29
N TYR A 28 -3.71 -6.11 -2.40
CA TYR A 28 -2.42 -6.16 -1.73
C TYR A 28 -2.59 -6.18 -0.21
N ILE A 29 -3.42 -5.28 0.29
CA ILE A 29 -3.68 -5.19 1.72
C ILE A 29 -3.95 -6.57 2.32
N ASP A 30 -4.47 -7.47 1.50
CA ASP A 30 -4.77 -8.83 1.95
C ASP A 30 -3.59 -9.42 2.72
N VAL A 31 -2.42 -9.44 2.08
CA VAL A 31 -1.22 -9.98 2.71
C VAL A 31 -0.85 -9.18 3.96
N LEU A 32 -1.19 -7.89 3.96
CA LEU A 32 -0.90 -7.02 5.09
C LEU A 32 -1.82 -7.31 6.26
N LEU A 33 -3.01 -7.81 5.96
CA LEU A 33 -3.99 -8.14 6.98
C LEU A 33 -3.81 -9.57 7.47
N ASP A 34 -3.20 -10.39 6.64
CA ASP A 34 -2.95 -11.79 6.99
C ASP A 34 -1.52 -11.99 7.48
N LYS A 35 -1.35 -12.87 8.48
CA LYS A 35 -0.03 -13.15 9.03
C LYS A 35 0.76 -14.07 8.12
N ASN A 36 0.16 -14.45 7.00
CA ASN A 36 0.81 -15.33 6.03
C ASN A 36 1.94 -14.60 5.30
N ALA A 37 1.79 -13.29 5.16
CA ALA A 37 2.79 -12.48 4.50
C ALA A 37 4.07 -12.38 5.33
N ASP A 38 4.96 -11.49 4.93
CA ASP A 38 6.22 -11.29 5.65
C ASP A 38 6.41 -9.83 6.04
N GLN A 39 7.33 -9.58 6.97
CA GLN A 39 7.60 -8.22 7.43
C GLN A 39 8.02 -7.33 6.27
N ALA A 40 8.77 -7.89 5.34
CA ALA A 40 9.23 -7.14 4.17
C ALA A 40 8.09 -6.85 3.21
N THR A 41 7.00 -7.61 3.35
CA THR A 41 5.83 -7.44 2.49
C THR A 41 5.08 -6.16 2.84
N LYS A 42 4.95 -5.89 4.13
CA LYS A 42 4.25 -4.68 4.59
C LYS A 42 5.16 -3.47 4.51
N ASP A 43 6.44 -3.68 4.79
CA ASP A 43 7.43 -2.60 4.76
C ASP A 43 7.46 -1.93 3.39
N ASN A 44 6.97 -2.65 2.38
CA ASN A 44 6.94 -2.13 1.01
C ASN A 44 5.86 -1.06 0.86
N LEU A 45 4.65 -1.36 1.30
CA LEU A 45 3.54 -0.43 1.21
C LEU A 45 3.70 0.69 2.25
N ARG A 46 4.17 0.33 3.43
CA ARG A 46 4.36 1.31 4.50
C ARG A 46 5.42 2.34 4.12
N SER A 47 6.22 2.00 3.10
CA SER A 47 7.28 2.89 2.64
C SER A 47 6.73 3.91 1.64
N TYR A 48 5.57 3.60 1.08
CA TYR A 48 4.94 4.48 0.11
C TYR A 48 4.60 5.84 0.73
N PHE A 49 3.77 5.81 1.78
CA PHE A 49 3.37 7.03 2.46
C PHE A 49 4.59 7.83 2.91
N ALA A 50 5.68 7.13 3.18
CA ALA A 50 6.92 7.77 3.62
C ALA A 50 7.58 8.51 2.47
N ASP A 51 7.40 8.00 1.25
CA ASP A 51 7.98 8.61 0.06
C ASP A 51 7.26 9.90 -0.30
N LYS A 52 5.99 9.99 0.09
CA LYS A 52 5.19 11.17 -0.19
C LYS A 52 5.11 12.09 1.02
N GLY A 53 5.37 11.53 2.20
CA GLY A 53 5.32 12.31 3.42
C GLY A 53 3.91 12.60 3.89
N LEU A 54 3.18 11.54 4.23
CA LEU A 54 1.80 11.68 4.69
C LEU A 54 1.76 12.16 6.14
N HIS A 55 0.81 13.03 6.44
CA HIS A 55 0.66 13.57 7.79
C HIS A 55 0.49 12.45 8.80
N SER A 56 -0.29 11.44 8.44
CA SER A 56 -0.53 10.30 9.32
C SER A 56 -1.52 9.32 8.68
N ILE A 57 -1.89 8.29 9.44
CA ILE A 57 -2.84 7.30 8.95
C ILE A 57 -4.02 7.95 8.25
N LYS A 58 -4.49 9.06 8.79
CA LYS A 58 -5.61 9.78 8.21
C LYS A 58 -5.30 10.23 6.79
N ASP A 59 -4.24 11.03 6.64
CA ASP A 59 -3.83 11.52 5.34
C ASP A 59 -3.42 10.37 4.42
N ILE A 60 -3.17 9.21 5.02
CA ILE A 60 -2.76 8.03 4.26
C ILE A 60 -3.97 7.28 3.72
N ILE A 61 -4.98 7.12 4.56
CA ILE A 61 -6.20 6.43 4.16
C ILE A 61 -7.15 7.36 3.41
N ASN A 62 -7.23 8.60 3.87
CA ASN A 62 -8.10 9.59 3.24
C ASN A 62 -7.91 9.60 1.73
N LYS A 63 -6.68 9.37 1.29
CA LYS A 63 -6.36 9.35 -0.13
C LYS A 63 -7.11 8.21 -0.83
N ALA A 64 -6.81 6.98 -0.45
CA ALA A 64 -7.44 5.82 -1.04
C ALA A 64 -8.96 5.85 -0.83
N LYS A 65 -9.37 6.06 0.41
CA LYS A 65 -10.78 6.13 0.75
C LYS A 65 -11.52 7.09 -0.18
N GLN A 66 -10.96 8.29 -0.33
CA GLN A 66 -11.56 9.30 -1.19
C GLN A 66 -11.78 8.75 -2.60
N ASP A 67 -10.74 8.16 -3.17
CA ASP A 67 -10.81 7.60 -4.52
C ASP A 67 -11.85 6.49 -4.58
N GLY A 68 -12.18 5.92 -3.42
CA GLY A 68 -13.16 4.85 -3.38
C GLY A 68 -12.54 3.51 -2.99
N PHE A 69 -11.33 3.56 -2.43
CA PHE A 69 -10.63 2.36 -2.03
C PHE A 69 -10.37 2.36 -0.53
N ASP A 70 -10.72 1.26 0.13
CA ASP A 70 -10.52 1.14 1.57
C ASP A 70 -9.15 0.52 1.88
N VAL A 71 -8.21 1.38 2.25
CA VAL A 71 -6.86 0.93 2.57
C VAL A 71 -6.54 1.14 4.05
N SER A 72 -7.59 1.18 4.88
CA SER A 72 -7.43 1.38 6.31
C SER A 72 -6.89 0.12 6.97
N LYS A 73 -6.97 -1.00 6.27
CA LYS A 73 -6.50 -2.28 6.79
C LYS A 73 -5.02 -2.47 6.48
N TYR A 74 -4.41 -1.45 5.86
CA TYR A 74 -3.00 -1.52 5.51
C TYR A 74 -2.13 -1.03 6.66
N GLU A 75 -2.76 -0.40 7.64
CA GLU A 75 -2.03 0.12 8.81
C GLU A 75 -1.77 -1.00 9.82
N HIS A 76 -1.11 -2.05 9.37
CA HIS A 76 -0.79 -3.19 10.24
C HIS A 76 -2.05 -3.71 10.92
N VAL A 77 -3.20 -3.45 10.31
CA VAL A 77 -4.47 -3.90 10.87
C VAL A 77 -4.47 -3.82 12.39
N LYS A 78 -3.97 -2.70 12.92
CA LYS A 78 -3.91 -2.49 14.35
C LYS A 78 -5.27 -2.04 14.90
N LYS A 6 6.30 -2.37 -13.60
CA LYS A 6 7.29 -3.43 -13.40
C LYS A 6 8.68 -2.84 -13.19
N CYS A 7 8.78 -1.86 -12.30
CA CYS A 7 10.05 -1.20 -12.00
C CYS A 7 11.00 -2.16 -11.29
N TYR A 8 12.20 -2.30 -11.83
CA TYR A 8 13.20 -3.19 -11.24
C TYR A 8 13.39 -2.89 -9.76
N SER A 9 14.07 -3.80 -9.07
CA SER A 9 14.32 -3.64 -7.64
C SER A 9 15.12 -2.37 -7.36
N GLN A 10 14.76 -1.68 -6.29
CA GLN A 10 15.45 -0.45 -5.91
C GLN A 10 14.93 0.09 -4.59
N ASN A 11 13.63 -0.03 -4.38
CA ASN A 11 13.00 0.43 -3.15
C ASN A 11 11.86 -0.49 -2.73
N GLY A 12 11.95 -1.75 -3.14
CA GLY A 12 10.91 -2.71 -2.80
C GLY A 12 11.41 -4.15 -2.91
N LEU A 13 10.94 -4.85 -3.94
CA LEU A 13 11.34 -6.23 -4.16
C LEU A 13 11.93 -6.42 -5.56
N VAL A 14 11.06 -6.40 -6.57
CA VAL A 14 11.49 -6.57 -7.95
C VAL A 14 10.32 -6.46 -8.91
N LEU A 15 10.45 -5.59 -9.91
CA LEU A 15 9.40 -5.39 -10.90
C LEU A 15 8.10 -4.94 -10.23
N HIS A 16 7.91 -3.62 -10.16
CA HIS A 16 6.72 -3.06 -9.55
C HIS A 16 6.68 -1.54 -9.72
N CYS A 17 5.89 -1.08 -10.69
CA CYS A 17 5.77 0.35 -10.97
C CYS A 17 4.32 0.81 -10.83
N ASP A 18 3.55 0.08 -10.04
CA ASP A 18 2.14 0.41 -9.83
C ASP A 18 1.96 1.29 -8.61
N ALA A 19 2.86 2.26 -8.43
CA ALA A 19 2.81 3.17 -7.30
C ALA A 19 1.56 4.05 -7.37
N ASN A 20 0.47 3.56 -6.80
CA ASN A 20 -0.79 4.30 -6.79
C ASN A 20 -1.85 3.57 -5.97
N PHE A 21 -3.10 4.02 -6.10
CA PHE A 21 -4.20 3.41 -5.38
C PHE A 21 -5.27 2.89 -6.33
N LEU A 22 -4.83 2.17 -7.35
CA LEU A 22 -5.74 1.61 -8.35
C LEU A 22 -6.47 0.39 -7.79
N GLU A 23 -7.21 -0.30 -8.66
CA GLU A 23 -7.96 -1.48 -8.25
C GLU A 23 -7.02 -2.64 -7.95
N HIS A 24 -5.96 -2.76 -8.76
CA HIS A 24 -4.99 -3.84 -8.59
C HIS A 24 -4.24 -3.68 -7.26
N GLU A 25 -3.84 -2.45 -6.96
CA GLU A 25 -3.11 -2.18 -5.73
C GLU A 25 -3.87 -2.73 -4.52
N LEU A 26 -5.19 -2.67 -4.58
CA LEU A 26 -6.02 -3.16 -3.49
C LEU A 26 -5.71 -4.62 -3.17
N SER A 27 -5.17 -5.33 -4.15
CA SER A 27 -4.82 -6.74 -3.97
C SER A 27 -3.61 -6.88 -3.05
N TYR A 28 -2.72 -5.89 -3.08
CA TYR A 28 -1.53 -5.90 -2.26
C TYR A 28 -1.89 -5.88 -0.78
N ILE A 29 -2.74 -4.94 -0.39
CA ILE A 29 -3.17 -4.82 1.00
C ILE A 29 -3.58 -6.18 1.56
N ASP A 30 -4.04 -7.06 0.69
CA ASP A 30 -4.46 -8.40 1.10
C ASP A 30 -3.44 -9.04 2.03
N VAL A 31 -2.20 -9.13 1.55
CA VAL A 31 -1.12 -9.71 2.35
C VAL A 31 -0.89 -8.93 3.63
N LEU A 32 -1.13 -7.62 3.57
CA LEU A 32 -0.95 -6.76 4.74
C LEU A 32 -2.05 -7.00 5.77
N LEU A 33 -3.22 -7.42 5.30
CA LEU A 33 -4.35 -7.70 6.18
C LEU A 33 -4.30 -9.13 6.71
N ASP A 34 -3.57 -9.99 5.98
CA ASP A 34 -3.45 -11.39 6.38
C ASP A 34 -2.12 -11.63 7.09
N LYS A 35 -2.15 -12.51 8.09
CA LYS A 35 -0.95 -12.83 8.85
C LYS A 35 -0.04 -13.77 8.07
N ASN A 36 -0.51 -14.19 6.90
CA ASN A 36 0.26 -15.10 6.06
C ASN A 36 1.48 -14.40 5.48
N ALA A 37 1.38 -13.09 5.30
CA ALA A 37 2.48 -12.30 4.75
C ALA A 37 3.60 -12.17 5.77
N ASP A 38 4.56 -11.30 5.48
CA ASP A 38 5.69 -11.08 6.37
C ASP A 38 5.85 -9.60 6.70
N GLN A 39 6.56 -9.31 7.79
CA GLN A 39 6.77 -7.93 8.22
C GLN A 39 7.44 -7.11 7.12
N ALA A 40 8.39 -7.74 6.43
CA ALA A 40 9.11 -7.07 5.35
C ALA A 40 8.18 -6.74 4.18
N THR A 41 7.03 -7.41 4.15
CA THR A 41 6.06 -7.20 3.09
C THR A 41 5.27 -5.90 3.32
N LYS A 42 4.88 -5.67 4.57
CA LYS A 42 4.14 -4.47 4.92
C LYS A 42 5.07 -3.30 5.21
N ASP A 43 6.24 -3.61 5.77
CA ASP A 43 7.22 -2.59 6.09
C ASP A 43 7.70 -1.88 4.82
N ASN A 44 7.76 -2.61 3.72
CA ASN A 44 8.19 -2.05 2.45
C ASN A 44 7.09 -1.21 1.82
N LEU A 45 5.85 -1.68 1.93
CA LEU A 45 4.71 -0.97 1.38
C LEU A 45 4.36 0.26 2.21
N ARG A 46 4.66 0.19 3.50
CA ARG A 46 4.38 1.30 4.41
C ARG A 46 5.28 2.49 4.09
N SER A 47 6.55 2.20 3.76
CA SER A 47 7.51 3.25 3.44
C SER A 47 7.01 4.11 2.28
N TYR A 48 6.07 3.57 1.52
CA TYR A 48 5.52 4.29 0.37
C TYR A 48 5.03 5.66 0.78
N PHE A 49 4.31 5.73 1.90
CA PHE A 49 3.78 6.99 2.40
C PHE A 49 4.91 8.00 2.63
N ALA A 50 6.13 7.49 2.77
CA ALA A 50 7.29 8.35 2.98
C ALA A 50 7.82 8.91 1.67
N ASP A 51 7.58 8.18 0.58
CA ASP A 51 8.02 8.62 -0.73
C ASP A 51 7.11 9.71 -1.29
N LYS A 52 5.85 9.69 -0.86
CA LYS A 52 4.88 10.67 -1.32
C LYS A 52 4.75 11.82 -0.32
N GLY A 53 5.11 11.54 0.94
CA GLY A 53 5.03 12.55 1.98
C GLY A 53 3.64 12.64 2.58
N LEU A 54 3.20 11.57 3.22
CA LEU A 54 1.89 11.53 3.85
C LEU A 54 1.96 11.93 5.32
N HIS A 55 1.05 12.79 5.76
CA HIS A 55 1.02 13.25 7.14
C HIS A 55 1.05 12.06 8.10
N SER A 56 0.25 11.04 7.81
CA SER A 56 0.19 9.85 8.64
C SER A 56 -0.88 8.89 8.14
N ILE A 57 -1.13 7.84 8.92
CA ILE A 57 -2.13 6.85 8.56
C ILE A 57 -3.42 7.50 8.08
N LYS A 58 -3.78 8.61 8.72
CA LYS A 58 -4.99 9.35 8.36
C LYS A 58 -4.90 9.87 6.93
N ASP A 59 -3.85 10.61 6.63
CA ASP A 59 -3.64 11.17 5.30
C ASP A 59 -3.35 10.06 4.30
N ILE A 60 -2.99 8.89 4.80
CA ILE A 60 -2.68 7.75 3.94
C ILE A 60 -3.95 6.99 3.57
N ILE A 61 -4.87 6.87 4.53
CA ILE A 61 -6.12 6.16 4.31
C ILE A 61 -7.16 7.09 3.70
N ASN A 62 -7.17 8.34 4.16
CA ASN A 62 -8.13 9.32 3.66
C ASN A 62 -8.11 9.39 2.14
N LYS A 63 -6.91 9.39 1.57
CA LYS A 63 -6.75 9.45 0.12
C LYS A 63 -7.28 8.18 -0.54
N ALA A 64 -7.13 7.05 0.15
CA ALA A 64 -7.60 5.77 -0.35
C ALA A 64 -9.12 5.67 -0.27
N LYS A 65 -9.66 5.80 0.93
CA LYS A 65 -11.09 5.74 1.14
C LYS A 65 -11.83 6.65 0.17
N GLN A 66 -11.29 7.84 -0.05
CA GLN A 66 -11.90 8.81 -0.96
C GLN A 66 -12.13 8.18 -2.33
N ASP A 67 -11.11 7.51 -2.85
CA ASP A 67 -11.21 6.86 -4.15
C ASP A 67 -12.29 5.78 -4.15
N GLY A 68 -12.64 5.31 -2.96
CA GLY A 68 -13.65 4.27 -2.84
C GLY A 68 -13.07 2.94 -2.42
N PHE A 69 -11.84 2.95 -1.92
CA PHE A 69 -11.17 1.74 -1.49
C PHE A 69 -10.85 1.80 0.01
N ASP A 70 -11.21 0.74 0.73
CA ASP A 70 -10.96 0.68 2.16
C ASP A 70 -9.57 0.11 2.43
N VAL A 71 -8.65 0.99 2.83
CA VAL A 71 -7.28 0.58 3.13
C VAL A 71 -6.99 0.66 4.62
N SER A 72 -8.06 0.58 5.42
CA SER A 72 -7.93 0.65 6.87
C SER A 72 -7.20 -0.58 7.41
N LYS A 73 -7.26 -1.67 6.65
CA LYS A 73 -6.61 -2.92 7.05
C LYS A 73 -5.17 -2.96 6.53
N TYR A 74 -4.76 -1.91 5.85
CA TYR A 74 -3.41 -1.83 5.31
C TYR A 74 -2.45 -1.20 6.32
N GLU A 75 -3.00 -0.43 7.25
CA GLU A 75 -2.20 0.22 8.28
C GLU A 75 -1.77 -0.78 9.35
N HIS A 76 -0.88 -1.71 8.96
CA HIS A 76 -0.39 -2.72 9.88
C HIS A 76 -1.54 -3.43 10.59
N VAL A 77 -2.43 -4.05 9.81
CA VAL A 77 -3.58 -4.76 10.36
C VAL A 77 -3.57 -6.22 9.94
N LYS A 78 -2.38 -6.81 9.87
CA LYS A 78 -2.24 -8.21 9.47
C LYS A 78 -2.70 -9.14 10.60
N LYS A 6 13.62 4.15 -5.20
CA LYS A 6 12.28 3.58 -5.30
C LYS A 6 12.11 2.82 -6.61
N CYS A 7 10.89 2.36 -6.87
CA CYS A 7 10.59 1.63 -8.09
C CYS A 7 11.52 0.43 -8.23
N TYR A 8 12.00 -0.09 -7.10
CA TYR A 8 12.90 -1.23 -7.11
C TYR A 8 12.13 -2.53 -7.32
N SER A 9 12.86 -3.62 -7.54
CA SER A 9 12.25 -4.91 -7.77
C SER A 9 12.21 -5.73 -6.48
N GLN A 10 11.04 -6.27 -6.16
CA GLN A 10 10.87 -7.07 -4.95
C GLN A 10 10.65 -8.54 -5.30
N ASN A 11 10.07 -8.79 -6.47
CA ASN A 11 9.80 -10.15 -6.90
C ASN A 11 9.64 -10.21 -8.43
N GLY A 12 10.22 -9.23 -9.11
CA GLY A 12 10.11 -9.19 -10.56
C GLY A 12 9.63 -7.84 -11.07
N LEU A 13 10.07 -6.77 -10.41
CA LEU A 13 9.68 -5.42 -10.80
C LEU A 13 8.15 -5.29 -10.85
N VAL A 14 7.52 -5.36 -9.68
CA VAL A 14 6.07 -5.25 -9.60
C VAL A 14 5.66 -4.03 -8.79
N LEU A 15 6.64 -3.39 -8.15
CA LEU A 15 6.39 -2.21 -7.33
C LEU A 15 6.07 -1.00 -8.21
N HIS A 16 7.10 -0.45 -8.84
CA HIS A 16 6.95 0.70 -9.71
C HIS A 16 6.18 1.82 -9.00
N CYS A 17 6.89 2.55 -8.14
CA CYS A 17 6.29 3.64 -7.38
C CYS A 17 5.54 4.60 -8.33
N ASP A 18 4.22 4.50 -8.32
CA ASP A 18 3.39 5.35 -9.17
C ASP A 18 2.62 6.36 -8.33
N ALA A 19 2.60 6.14 -7.02
CA ALA A 19 1.90 7.04 -6.10
C ALA A 19 0.46 7.27 -6.56
N ASN A 20 -0.42 6.35 -6.22
CA ASN A 20 -1.83 6.46 -6.59
C ASN A 20 -2.67 5.39 -5.89
N PHE A 21 -3.92 5.25 -6.31
CA PHE A 21 -4.82 4.27 -5.71
C PHE A 21 -5.35 3.31 -6.77
N LEU A 22 -4.45 2.84 -7.64
CA LEU A 22 -4.83 1.91 -8.70
C LEU A 22 -5.45 0.65 -8.12
N GLU A 23 -6.14 -0.10 -8.97
CA GLU A 23 -6.79 -1.34 -8.54
C GLU A 23 -5.76 -2.47 -8.40
N HIS A 24 -4.89 -2.59 -9.40
CA HIS A 24 -3.86 -3.62 -9.39
C HIS A 24 -3.03 -3.56 -8.11
N GLU A 25 -2.97 -2.37 -7.51
CA GLU A 25 -2.21 -2.18 -6.28
C GLU A 25 -2.99 -2.72 -5.07
N LEU A 26 -4.31 -2.64 -5.16
CA LEU A 26 -5.16 -3.11 -4.07
C LEU A 26 -4.94 -4.60 -3.81
N SER A 27 -4.58 -5.34 -4.86
CA SER A 27 -4.34 -6.77 -4.75
C SER A 27 -3.23 -7.05 -3.74
N TYR A 28 -2.19 -6.23 -3.77
CA TYR A 28 -1.06 -6.38 -2.86
C TYR A 28 -1.51 -6.28 -1.41
N ILE A 29 -2.32 -5.26 -1.12
CA ILE A 29 -2.81 -5.04 0.23
C ILE A 29 -3.38 -6.32 0.82
N ASP A 30 -3.84 -7.22 -0.04
CA ASP A 30 -4.40 -8.49 0.39
C ASP A 30 -3.52 -9.14 1.46
N VAL A 31 -2.25 -9.33 1.14
CA VAL A 31 -1.30 -9.94 2.07
C VAL A 31 -1.15 -9.08 3.34
N LEU A 32 -1.26 -7.78 3.16
CA LEU A 32 -1.14 -6.85 4.29
C LEU A 32 -2.32 -7.00 5.24
N LEU A 33 -3.48 -7.38 4.70
CA LEU A 33 -4.68 -7.56 5.50
C LEU A 33 -4.69 -8.92 6.17
N ASP A 34 -3.94 -9.87 5.61
CA ASP A 34 -3.87 -11.21 6.14
C ASP A 34 -2.59 -11.40 6.96
N LYS A 35 -2.69 -12.17 8.04
CA LYS A 35 -1.55 -12.42 8.90
C LYS A 35 -0.64 -13.48 8.31
N ASN A 36 -1.02 -14.00 7.15
CA ASN A 36 -0.24 -15.03 6.46
C ASN A 36 1.04 -14.42 5.86
N ALA A 37 0.96 -13.15 5.49
CA ALA A 37 2.11 -12.46 4.92
C ALA A 37 3.26 -12.38 5.91
N ASP A 38 4.28 -11.59 5.57
CA ASP A 38 5.45 -11.43 6.42
C ASP A 38 5.66 -9.96 6.79
N GLN A 39 6.49 -9.71 7.79
CA GLN A 39 6.77 -8.36 8.24
C GLN A 39 7.31 -7.51 7.09
N ALA A 40 8.15 -8.12 6.26
CA ALA A 40 8.74 -7.42 5.12
C ALA A 40 7.69 -7.14 4.05
N THR A 41 6.59 -7.89 4.10
CA THR A 41 5.50 -7.73 3.13
C THR A 41 4.64 -6.53 3.46
N LYS A 42 4.55 -6.22 4.75
CA LYS A 42 3.74 -5.09 5.21
C LYS A 42 4.54 -3.78 5.14
N ASP A 43 5.83 -3.87 5.47
CA ASP A 43 6.69 -2.70 5.44
C ASP A 43 6.73 -2.09 4.04
N ASN A 44 6.41 -2.90 3.04
CA ASN A 44 6.39 -2.43 1.65
C ASN A 44 5.35 -1.34 1.45
N LEU A 45 4.26 -1.42 2.20
CA LEU A 45 3.19 -0.44 2.10
C LEU A 45 3.48 0.77 2.98
N ARG A 46 4.23 0.56 4.06
CA ARG A 46 4.58 1.64 4.97
C ARG A 46 5.57 2.61 4.32
N SER A 47 6.24 2.15 3.26
CA SER A 47 7.21 2.96 2.55
C SER A 47 6.52 3.83 1.50
N TYR A 48 5.31 3.44 1.13
CA TYR A 48 4.54 4.19 0.13
C TYR A 48 4.25 5.60 0.61
N PHE A 49 3.52 5.71 1.71
CA PHE A 49 3.17 7.01 2.28
C PHE A 49 4.41 7.87 2.46
N ALA A 50 5.55 7.23 2.70
CA ALA A 50 6.81 7.94 2.90
C ALA A 50 7.34 8.49 1.58
N ASP A 51 7.20 7.70 0.52
CA ASP A 51 7.66 8.10 -0.80
C ASP A 51 6.77 9.19 -1.39
N LYS A 52 5.52 9.21 -0.94
CA LYS A 52 4.55 10.21 -1.41
C LYS A 52 4.52 11.42 -0.49
N GLY A 53 4.96 11.23 0.75
CA GLY A 53 4.98 12.32 1.70
C GLY A 53 3.60 12.61 2.28
N LEU A 54 3.01 11.60 2.92
CA LEU A 54 1.69 11.76 3.51
C LEU A 54 1.77 12.48 4.86
N HIS A 55 0.87 13.43 5.07
CA HIS A 55 0.86 14.19 6.32
C HIS A 55 0.86 13.26 7.52
N SER A 56 0.07 12.19 7.44
CA SER A 56 -0.02 11.23 8.54
C SER A 56 -1.08 10.17 8.24
N ILE A 57 -1.34 9.31 9.22
CA ILE A 57 -2.34 8.26 9.06
C ILE A 57 -3.62 8.80 8.44
N LYS A 58 -4.03 9.99 8.88
CA LYS A 58 -5.24 10.61 8.37
C LYS A 58 -5.12 10.85 6.87
N ASP A 59 -4.07 11.53 6.46
CA ASP A 59 -3.85 11.82 5.04
C ASP A 59 -3.59 10.55 4.26
N ILE A 60 -3.24 9.48 4.97
CA ILE A 60 -2.96 8.20 4.34
C ILE A 60 -4.24 7.40 4.13
N ILE A 61 -5.13 7.45 5.11
CA ILE A 61 -6.40 6.74 5.04
C ILE A 61 -7.44 7.54 4.27
N ASN A 62 -7.49 8.85 4.55
CA ASN A 62 -8.44 9.73 3.90
C ASN A 62 -8.33 9.62 2.38
N LYS A 63 -7.13 9.28 1.89
CA LYS A 63 -6.90 9.13 0.46
C LYS A 63 -7.23 7.73 0.00
N ALA A 64 -6.49 6.75 0.53
CA ALA A 64 -6.71 5.35 0.17
C ALA A 64 -8.19 4.97 0.30
N LYS A 65 -8.87 5.57 1.26
CA LYS A 65 -10.28 5.30 1.48
C LYS A 65 -11.15 6.09 0.50
N GLN A 66 -10.71 7.30 0.17
CA GLN A 66 -11.45 8.15 -0.76
C GLN A 66 -11.70 7.43 -2.07
N ASP A 67 -10.73 6.61 -2.49
CA ASP A 67 -10.84 5.87 -3.73
C ASP A 67 -11.85 4.72 -3.59
N GLY A 68 -12.08 4.30 -2.36
CA GLY A 68 -13.01 3.22 -2.10
C GLY A 68 -12.33 1.96 -1.62
N PHE A 69 -11.12 2.11 -1.09
CA PHE A 69 -10.35 0.98 -0.59
C PHE A 69 -10.07 1.12 0.90
N ASP A 70 -10.36 0.05 1.65
CA ASP A 70 -10.15 0.07 3.09
C ASP A 70 -8.66 0.24 3.42
N VAL A 71 -8.36 1.30 4.18
CA VAL A 71 -6.98 1.58 4.56
C VAL A 71 -6.70 1.10 5.99
N SER A 72 -7.70 0.51 6.61
CA SER A 72 -7.56 0.01 7.97
C SER A 72 -6.61 -1.17 8.03
N LYS A 73 -6.54 -1.91 6.92
CA LYS A 73 -5.67 -3.08 6.84
C LYS A 73 -4.26 -2.68 6.39
N TYR A 74 -4.05 -1.38 6.19
CA TYR A 74 -2.76 -0.88 5.75
C TYR A 74 -1.86 -0.60 6.96
N GLU A 75 -2.47 -0.46 8.12
CA GLU A 75 -1.71 -0.20 9.35
C GLU A 75 -1.28 -1.51 10.02
N HIS A 76 -0.70 -2.40 9.23
CA HIS A 76 -0.25 -3.69 9.75
C HIS A 76 -1.37 -4.42 10.47
N VAL A 77 -2.61 -4.07 10.13
CA VAL A 77 -3.77 -4.68 10.74
C VAL A 77 -3.63 -4.73 12.26
N LYS A 78 -3.99 -3.63 12.92
CA LYS A 78 -3.91 -3.55 14.38
C LYS A 78 -5.26 -3.19 14.97
N LYS A 6 3.78 -1.23 -6.38
CA LYS A 6 5.16 -1.66 -6.23
C LYS A 6 6.09 -0.48 -6.02
N CYS A 7 7.14 -0.70 -5.24
CA CYS A 7 8.12 0.35 -4.96
C CYS A 7 9.44 -0.24 -4.47
N TYR A 8 9.73 -1.46 -4.91
CA TYR A 8 10.95 -2.13 -4.51
C TYR A 8 12.13 -1.69 -5.38
N SER A 9 12.94 -0.78 -4.85
CA SER A 9 14.10 -0.26 -5.57
C SER A 9 15.34 -1.10 -5.28
N GLN A 10 16.03 -1.51 -6.34
CA GLN A 10 17.24 -2.32 -6.19
C GLN A 10 18.45 -1.60 -6.78
N ASN A 11 18.22 -0.79 -7.80
CA ASN A 11 19.28 -0.04 -8.44
C ASN A 11 18.73 1.14 -9.24
N GLY A 12 17.55 1.61 -8.83
CA GLY A 12 16.94 2.73 -9.51
C GLY A 12 16.10 2.30 -10.72
N LEU A 13 15.73 1.03 -10.74
CA LEU A 13 14.94 0.48 -11.84
C LEU A 13 13.46 0.80 -11.66
N VAL A 14 13.05 0.98 -10.41
CA VAL A 14 11.66 1.30 -10.10
C VAL A 14 10.74 0.17 -10.51
N LEU A 15 10.33 -0.65 -9.54
CA LEU A 15 9.43 -1.77 -9.82
C LEU A 15 8.17 -1.30 -10.53
N HIS A 16 7.43 -0.41 -9.90
CA HIS A 16 6.20 0.13 -10.47
C HIS A 16 5.59 1.20 -9.57
N CYS A 17 6.42 2.15 -9.16
CA CYS A 17 5.97 3.24 -8.30
C CYS A 17 5.05 4.18 -9.05
N ASP A 18 3.76 3.85 -9.09
CA ASP A 18 2.77 4.67 -9.78
C ASP A 18 2.11 5.65 -8.81
N ALA A 19 2.17 5.33 -7.52
CA ALA A 19 1.59 6.20 -6.50
C ALA A 19 0.13 6.52 -6.83
N ASN A 20 -0.62 5.49 -7.23
CA ASN A 20 -2.03 5.68 -7.57
C ASN A 20 -2.92 4.84 -6.67
N PHE A 21 -4.20 4.75 -7.02
CA PHE A 21 -5.16 3.98 -6.25
C PHE A 21 -5.97 3.05 -7.15
N LEU A 22 -5.29 2.43 -8.11
CA LEU A 22 -5.94 1.51 -9.03
C LEU A 22 -6.20 0.16 -8.39
N GLU A 23 -6.87 -0.73 -9.11
CA GLU A 23 -7.17 -2.06 -8.60
C GLU A 23 -5.90 -2.77 -8.14
N HIS A 24 -4.80 -2.52 -8.86
CA HIS A 24 -3.52 -3.14 -8.53
C HIS A 24 -3.06 -2.72 -7.14
N GLU A 25 -3.52 -1.56 -6.70
CA GLU A 25 -3.15 -1.04 -5.38
C GLU A 25 -4.00 -1.67 -4.29
N LEU A 26 -5.20 -2.12 -4.66
CA LEU A 26 -6.11 -2.75 -3.70
C LEU A 26 -5.59 -4.12 -3.28
N SER A 27 -4.78 -4.73 -4.14
CA SER A 27 -4.22 -6.04 -3.85
C SER A 27 -3.25 -5.98 -2.68
N TYR A 28 -2.44 -4.93 -2.64
CA TYR A 28 -1.47 -4.76 -1.58
C TYR A 28 -2.15 -4.76 -0.21
N ILE A 29 -3.27 -4.05 -0.11
CA ILE A 29 -4.02 -3.98 1.14
C ILE A 29 -4.28 -5.37 1.71
N ASP A 30 -4.31 -6.37 0.82
CA ASP A 30 -4.54 -7.74 1.24
C ASP A 30 -3.28 -8.34 1.88
N VAL A 31 -2.13 -8.07 1.27
CA VAL A 31 -0.87 -8.58 1.78
C VAL A 31 -0.72 -8.29 3.26
N LEU A 32 -1.01 -7.07 3.66
CA LEU A 32 -0.91 -6.67 5.07
C LEU A 32 -2.13 -7.13 5.85
N LEU A 33 -3.25 -7.29 5.15
CA LEU A 33 -4.49 -7.73 5.78
C LEU A 33 -4.43 -9.21 6.14
N ASP A 34 -3.58 -9.95 5.43
CA ASP A 34 -3.43 -11.38 5.67
C ASP A 34 -2.20 -11.66 6.53
N LYS A 35 -2.31 -12.64 7.41
CA LYS A 35 -1.20 -13.00 8.30
C LYS A 35 -0.10 -13.72 7.52
N ASN A 36 -0.38 -14.03 6.26
CA ASN A 36 0.59 -14.72 5.42
C ASN A 36 1.81 -13.84 5.15
N ALA A 37 1.61 -12.53 5.19
CA ALA A 37 2.70 -11.59 4.97
C ALA A 37 3.83 -11.80 5.96
N ASP A 38 4.84 -10.94 5.90
CA ASP A 38 5.99 -11.05 6.80
C ASP A 38 6.35 -9.68 7.37
N GLN A 39 7.20 -9.68 8.40
CA GLN A 39 7.62 -8.44 9.03
C GLN A 39 8.26 -7.49 8.03
N ALA A 40 9.00 -8.06 7.07
CA ALA A 40 9.66 -7.26 6.05
C ALA A 40 8.66 -6.78 5.00
N THR A 41 7.50 -7.43 4.95
CA THR A 41 6.46 -7.07 4.00
C THR A 41 5.79 -5.77 4.39
N LYS A 42 5.43 -5.65 5.66
CA LYS A 42 4.77 -4.45 6.18
C LYS A 42 5.74 -3.27 6.18
N ASP A 43 7.00 -3.55 6.49
CA ASP A 43 8.02 -2.51 6.54
C ASP A 43 8.25 -1.90 5.16
N ASN A 44 7.86 -2.65 4.12
CA ASN A 44 8.03 -2.19 2.75
C ASN A 44 6.91 -1.23 2.36
N LEU A 45 5.67 -1.67 2.53
CA LEU A 45 4.52 -0.85 2.19
C LEU A 45 4.49 0.43 3.02
N ARG A 46 4.95 0.32 4.27
CA ARG A 46 4.99 1.46 5.18
C ARG A 46 5.96 2.52 4.66
N SER A 47 6.85 2.12 3.77
CA SER A 47 7.84 3.04 3.20
C SER A 47 7.27 3.79 2.01
N TYR A 48 6.17 3.28 1.45
CA TYR A 48 5.52 3.90 0.31
C TYR A 48 5.02 5.30 0.66
N PHE A 49 4.13 5.38 1.65
CA PHE A 49 3.58 6.65 2.08
C PHE A 49 4.68 7.66 2.34
N ALA A 50 5.84 7.17 2.77
CA ALA A 50 6.98 8.03 3.07
C ALA A 50 7.51 8.68 1.80
N ASP A 51 7.52 7.93 0.71
CA ASP A 51 8.01 8.43 -0.56
C ASP A 51 6.90 9.17 -1.31
N LYS A 52 5.67 8.79 -1.05
CA LYS A 52 4.52 9.41 -1.69
C LYS A 52 4.26 10.81 -1.12
N GLY A 53 4.74 11.04 0.11
CA GLY A 53 4.55 12.32 0.75
C GLY A 53 3.34 12.34 1.65
N LEU A 54 3.09 11.22 2.34
CA LEU A 54 1.94 11.12 3.25
C LEU A 54 2.39 11.30 4.69
N HIS A 55 1.46 11.75 5.53
CA HIS A 55 1.76 11.95 6.94
C HIS A 55 1.77 10.63 7.69
N SER A 56 0.86 9.74 7.33
CA SER A 56 0.76 8.43 7.98
C SER A 56 -0.44 7.65 7.44
N ILE A 57 -0.73 6.52 8.08
CA ILE A 57 -1.84 5.68 7.67
C ILE A 57 -3.10 6.51 7.41
N LYS A 58 -3.29 7.54 8.23
CA LYS A 58 -4.45 8.41 8.09
C LYS A 58 -4.45 9.09 6.73
N ASP A 59 -3.40 9.86 6.46
CA ASP A 59 -3.28 10.57 5.18
C ASP A 59 -3.28 9.59 4.01
N ILE A 60 -3.01 8.32 4.32
CA ILE A 60 -2.97 7.28 3.29
C ILE A 60 -4.36 6.72 3.02
N ILE A 61 -5.08 6.39 4.09
CA ILE A 61 -6.43 5.85 3.97
C ILE A 61 -7.42 6.94 3.56
N ASN A 62 -7.24 8.14 4.12
CA ASN A 62 -8.12 9.26 3.83
C ASN A 62 -8.32 9.41 2.32
N LYS A 63 -7.27 9.10 1.56
CA LYS A 63 -7.33 9.20 0.11
C LYS A 63 -8.12 8.03 -0.49
N ALA A 64 -7.61 6.82 -0.28
CA ALA A 64 -8.27 5.62 -0.80
C ALA A 64 -9.75 5.61 -0.43
N LYS A 65 -10.06 5.99 0.80
CA LYS A 65 -11.44 6.02 1.27
C LYS A 65 -12.26 7.01 0.47
N GLN A 66 -11.72 8.21 0.28
CA GLN A 66 -12.40 9.25 -0.48
C GLN A 66 -12.80 8.75 -1.86
N ASP A 67 -11.96 7.89 -2.44
CA ASP A 67 -12.22 7.34 -3.76
C ASP A 67 -13.28 6.25 -3.69
N GLY A 68 -13.45 5.69 -2.50
CA GLY A 68 -14.44 4.63 -2.32
C GLY A 68 -13.79 3.28 -2.04
N PHE A 69 -12.55 3.31 -1.58
CA PHE A 69 -11.83 2.08 -1.27
C PHE A 69 -11.45 2.03 0.21
N ASP A 70 -11.76 0.91 0.86
CA ASP A 70 -11.45 0.73 2.27
C ASP A 70 -10.06 0.13 2.46
N VAL A 71 -9.08 0.98 2.73
CA VAL A 71 -7.71 0.53 2.94
C VAL A 71 -7.25 0.80 4.36
N SER A 72 -8.19 0.87 5.29
CA SER A 72 -7.88 1.12 6.68
C SER A 72 -7.27 -0.11 7.33
N LYS A 73 -7.38 -1.25 6.66
CA LYS A 73 -6.84 -2.50 7.18
C LYS A 73 -5.37 -2.67 6.77
N TYR A 74 -4.83 -1.64 6.11
CA TYR A 74 -3.44 -1.68 5.67
C TYR A 74 -2.51 -1.16 6.76
N GLU A 75 -3.10 -0.65 7.83
CA GLU A 75 -2.32 -0.11 8.95
C GLU A 75 -1.73 -1.23 9.78
N HIS A 76 -0.81 -2.00 9.19
CA HIS A 76 -0.17 -3.10 9.87
C HIS A 76 -1.16 -3.84 10.78
N VAL A 77 -2.36 -4.09 10.25
CA VAL A 77 -3.39 -4.78 11.01
C VAL A 77 -3.11 -6.28 11.08
N LYS A 78 -1.97 -6.64 11.65
CA LYS A 78 -1.58 -8.04 11.79
C LYS A 78 -0.75 -8.26 13.04
N LYS A 6 12.80 5.23 -10.29
CA LYS A 6 11.35 5.22 -10.22
C LYS A 6 10.74 5.63 -11.56
N CYS A 7 9.47 5.28 -11.76
CA CYS A 7 8.76 5.62 -12.99
C CYS A 7 9.49 5.05 -14.20
N TYR A 8 10.18 3.92 -13.99
CA TYR A 8 10.92 3.28 -15.06
C TYR A 8 11.00 1.76 -14.84
N SER A 9 10.74 1.00 -15.90
CA SER A 9 10.78 -0.45 -15.82
C SER A 9 12.13 -0.94 -15.33
N GLN A 10 12.12 -1.81 -14.33
CA GLN A 10 13.35 -2.36 -13.77
C GLN A 10 13.08 -3.67 -13.03
N ASN A 11 12.01 -4.34 -13.42
CA ASN A 11 11.64 -5.61 -12.81
C ASN A 11 10.37 -6.18 -13.44
N GLY A 12 9.46 -5.29 -13.83
CA GLY A 12 8.22 -5.72 -14.45
C GLY A 12 7.00 -5.11 -13.78
N LEU A 13 7.08 -3.82 -13.48
CA LEU A 13 5.97 -3.12 -12.84
C LEU A 13 5.42 -2.03 -13.75
N VAL A 14 6.29 -1.47 -14.59
CA VAL A 14 5.89 -0.42 -15.51
C VAL A 14 5.38 0.81 -14.76
N LEU A 15 6.23 1.83 -14.65
CA LEU A 15 5.88 3.05 -13.96
C LEU A 15 5.55 2.78 -12.49
N HIS A 16 6.53 3.00 -11.63
CA HIS A 16 6.35 2.78 -10.20
C HIS A 16 5.32 3.75 -9.62
N CYS A 17 5.66 5.04 -9.63
CA CYS A 17 4.77 6.07 -9.12
C CYS A 17 3.38 5.94 -9.72
N ASP A 18 2.44 5.44 -8.92
CA ASP A 18 1.07 5.26 -9.38
C ASP A 18 0.09 5.89 -8.39
N ALA A 19 0.61 6.70 -7.48
CA ALA A 19 -0.22 7.37 -6.48
C ALA A 19 -0.80 6.35 -5.50
N ASN A 20 -0.34 5.12 -5.59
CA ASN A 20 -0.83 4.05 -4.71
C ASN A 20 -2.35 4.09 -4.59
N PHE A 21 -3.03 3.62 -5.63
CA PHE A 21 -4.49 3.61 -5.64
C PHE A 21 -5.02 2.90 -6.90
N LEU A 22 -4.24 1.95 -7.40
CA LEU A 22 -4.63 1.20 -8.59
C LEU A 22 -5.37 -0.08 -8.21
N GLU A 23 -5.67 -0.90 -9.22
CA GLU A 23 -6.38 -2.15 -8.99
C GLU A 23 -5.44 -3.21 -8.40
N HIS A 24 -4.31 -3.42 -9.06
CA HIS A 24 -3.33 -4.41 -8.62
C HIS A 24 -2.91 -4.12 -7.18
N GLU A 25 -3.01 -2.85 -6.77
CA GLU A 25 -2.64 -2.46 -5.42
C GLU A 25 -3.62 -3.02 -4.39
N LEU A 26 -4.91 -2.92 -4.71
CA LEU A 26 -5.95 -3.42 -3.82
C LEU A 26 -5.67 -4.85 -3.40
N SER A 27 -5.31 -5.69 -4.36
CA SER A 27 -5.01 -7.09 -4.09
C SER A 27 -3.86 -7.22 -3.10
N TYR A 28 -2.82 -6.43 -3.30
CA TYR A 28 -1.65 -6.45 -2.43
C TYR A 28 -2.05 -6.20 -0.99
N ILE A 29 -2.91 -5.20 -0.77
CA ILE A 29 -3.37 -4.86 0.56
C ILE A 29 -3.86 -6.09 1.31
N ASP A 30 -4.36 -7.07 0.56
CA ASP A 30 -4.86 -8.31 1.16
C ASP A 30 -3.83 -8.90 2.10
N VAL A 31 -2.58 -8.94 1.66
CA VAL A 31 -1.49 -9.49 2.47
C VAL A 31 -1.29 -8.68 3.74
N LEU A 32 -1.56 -7.38 3.66
CA LEU A 32 -1.41 -6.49 4.80
C LEU A 32 -2.46 -6.78 5.86
N LEU A 33 -3.56 -7.42 5.45
CA LEU A 33 -4.64 -7.75 6.36
C LEU A 33 -4.52 -9.19 6.84
N ASP A 34 -3.74 -9.99 6.11
CA ASP A 34 -3.54 -11.39 6.46
C ASP A 34 -2.21 -11.58 7.19
N LYS A 35 -2.21 -12.48 8.16
CA LYS A 35 -1.00 -12.76 8.93
C LYS A 35 -0.05 -13.68 8.17
N ASN A 36 -0.46 -14.05 6.96
CA ASN A 36 0.35 -14.93 6.11
C ASN A 36 1.49 -14.17 5.47
N ALA A 37 1.27 -12.86 5.24
CA ALA A 37 2.29 -12.02 4.63
C ALA A 37 3.54 -11.96 5.49
N ASP A 38 4.45 -11.05 5.15
CA ASP A 38 5.70 -10.90 5.89
C ASP A 38 5.99 -9.42 6.15
N GLN A 39 6.96 -9.16 7.02
CA GLN A 39 7.34 -7.80 7.36
C GLN A 39 7.73 -7.02 6.11
N ALA A 40 8.41 -7.68 5.19
CA ALA A 40 8.85 -7.04 3.94
C ALA A 40 7.66 -6.83 3.01
N THR A 41 6.58 -7.58 3.24
CA THR A 41 5.39 -7.48 2.41
C THR A 41 4.58 -6.24 2.77
N LYS A 42 4.52 -5.93 4.06
CA LYS A 42 3.78 -4.77 4.53
C LYS A 42 4.61 -3.50 4.41
N ASP A 43 5.92 -3.63 4.65
CA ASP A 43 6.82 -2.49 4.55
C ASP A 43 6.79 -1.87 3.16
N ASN A 44 6.30 -2.65 2.19
CA ASN A 44 6.21 -2.16 0.81
C ASN A 44 5.19 -1.04 0.69
N LEU A 45 4.14 -1.10 1.51
CA LEU A 45 3.10 -0.09 1.50
C LEU A 45 3.46 1.08 2.39
N ARG A 46 4.13 0.79 3.50
CA ARG A 46 4.55 1.83 4.44
C ARG A 46 5.67 2.68 3.85
N SER A 47 6.33 2.15 2.83
CA SER A 47 7.43 2.86 2.18
C SER A 47 6.89 3.90 1.18
N TYR A 48 5.65 3.71 0.77
CA TYR A 48 5.02 4.63 -0.17
C TYR A 48 4.68 5.96 0.50
N PHE A 49 3.79 5.91 1.48
CA PHE A 49 3.39 7.11 2.20
C PHE A 49 4.60 7.88 2.71
N ALA A 50 5.69 7.17 2.93
CA ALA A 50 6.92 7.77 3.43
C ALA A 50 7.67 8.48 2.30
N ASP A 51 7.78 7.80 1.15
CA ASP A 51 8.47 8.36 -0.01
C ASP A 51 7.80 9.66 -0.45
N LYS A 52 6.57 9.87 -0.03
CA LYS A 52 5.83 11.07 -0.38
C LYS A 52 5.64 11.97 0.82
N GLY A 53 5.75 11.40 2.02
CA GLY A 53 5.60 12.17 3.24
C GLY A 53 4.15 12.53 3.52
N LEU A 54 3.35 11.52 3.85
CA LEU A 54 1.94 11.72 4.15
C LEU A 54 1.77 12.52 5.44
N HIS A 55 0.80 13.45 5.44
CA HIS A 55 0.54 14.27 6.62
C HIS A 55 0.44 13.41 7.88
N SER A 56 -0.15 12.23 7.73
CA SER A 56 -0.32 11.32 8.86
C SER A 56 -1.21 10.14 8.48
N ILE A 57 -1.52 9.30 9.46
CA ILE A 57 -2.36 8.13 9.22
C ILE A 57 -3.63 8.52 8.48
N LYS A 58 -4.21 9.66 8.84
CA LYS A 58 -5.43 10.14 8.19
C LYS A 58 -5.19 10.39 6.71
N ASP A 59 -4.15 11.15 6.39
CA ASP A 59 -3.83 11.47 5.01
C ASP A 59 -3.39 10.21 4.26
N ILE A 60 -3.02 9.17 5.00
CA ILE A 60 -2.59 7.92 4.42
C ILE A 60 -3.77 7.04 4.04
N ILE A 61 -4.78 7.01 4.91
CA ILE A 61 -5.98 6.22 4.67
C ILE A 61 -7.00 7.00 3.84
N ASN A 62 -7.14 8.28 4.14
CA ASN A 62 -8.08 9.14 3.43
C ASN A 62 -7.91 8.99 1.92
N LYS A 63 -6.67 8.86 1.47
CA LYS A 63 -6.38 8.70 0.05
C LYS A 63 -7.09 7.48 -0.52
N ALA A 64 -6.73 6.30 -0.03
CA ALA A 64 -7.34 5.06 -0.49
C ALA A 64 -8.84 5.07 -0.24
N LYS A 65 -9.25 5.36 0.99
CA LYS A 65 -10.66 5.40 1.35
C LYS A 65 -11.44 6.29 0.38
N GLN A 66 -10.90 7.46 0.10
CA GLN A 66 -11.55 8.40 -0.81
C GLN A 66 -11.80 7.75 -2.17
N ASP A 67 -10.75 7.14 -2.73
CA ASP A 67 -10.86 6.48 -4.02
C ASP A 67 -11.85 5.32 -3.97
N GLY A 68 -12.10 4.83 -2.76
CA GLY A 68 -13.03 3.72 -2.59
C GLY A 68 -12.32 2.44 -2.18
N PHE A 69 -11.14 2.57 -1.59
CA PHE A 69 -10.37 1.42 -1.15
C PHE A 69 -10.17 1.43 0.36
N ASP A 70 -10.35 0.28 0.99
CA ASP A 70 -10.19 0.16 2.43
C ASP A 70 -8.74 -0.12 2.80
N VAL A 71 -8.12 0.81 3.51
CA VAL A 71 -6.73 0.66 3.93
C VAL A 71 -6.53 1.18 5.35
N SER A 72 -7.61 1.29 6.10
CA SER A 72 -7.55 1.77 7.47
C SER A 72 -7.02 0.69 8.42
N LYS A 73 -7.67 -0.47 8.40
CA LYS A 73 -7.28 -1.58 9.24
C LYS A 73 -6.24 -2.45 8.54
N TYR A 74 -5.88 -2.07 7.32
CA TYR A 74 -4.90 -2.82 6.54
C TYR A 74 -3.50 -2.23 6.70
N GLU A 75 -3.28 -1.55 7.82
CA GLU A 75 -1.99 -0.94 8.10
C GLU A 75 -1.35 -1.55 9.34
N HIS A 76 -0.17 -2.13 9.17
CA HIS A 76 0.56 -2.75 10.27
C HIS A 76 -0.41 -3.48 11.20
N VAL A 77 -1.37 -4.19 10.62
CA VAL A 77 -2.35 -4.92 11.41
C VAL A 77 -1.92 -6.38 11.60
N LYS A 78 -0.74 -6.71 11.11
CA LYS A 78 -0.20 -8.06 11.23
C LYS A 78 -0.21 -8.52 12.68
N LYS A 6 8.49 3.05 -12.55
CA LYS A 6 7.44 2.46 -11.72
C LYS A 6 6.91 1.19 -12.37
N CYS A 7 5.85 0.64 -11.79
CA CYS A 7 5.24 -0.58 -12.29
C CYS A 7 6.25 -1.73 -12.32
N TYR A 8 6.29 -2.49 -11.23
CA TYR A 8 7.21 -3.62 -11.13
C TYR A 8 6.92 -4.45 -9.88
N SER A 9 7.61 -5.58 -9.74
CA SER A 9 7.43 -6.46 -8.61
C SER A 9 8.47 -6.18 -7.53
N GLN A 10 8.01 -6.01 -6.29
CA GLN A 10 8.90 -5.74 -5.17
C GLN A 10 8.68 -6.74 -4.03
N ASN A 11 7.41 -7.11 -3.83
CA ASN A 11 7.06 -8.05 -2.77
C ASN A 11 6.46 -9.33 -3.36
N GLY A 12 5.88 -9.20 -4.55
CA GLY A 12 5.28 -10.35 -5.20
C GLY A 12 4.44 -9.95 -6.40
N LEU A 13 4.90 -8.94 -7.14
CA LEU A 13 4.19 -8.47 -8.31
C LEU A 13 2.81 -7.93 -7.94
N VAL A 14 2.75 -6.64 -7.64
CA VAL A 14 1.49 -5.99 -7.27
C VAL A 14 1.13 -4.88 -8.24
N LEU A 15 2.08 -4.54 -9.11
CA LEU A 15 1.86 -3.48 -10.09
C LEU A 15 1.35 -2.21 -9.43
N HIS A 16 2.28 -1.37 -8.99
CA HIS A 16 1.93 -0.11 -8.34
C HIS A 16 2.64 1.07 -9.01
N CYS A 17 1.87 1.94 -9.65
CA CYS A 17 2.43 3.10 -10.33
C CYS A 17 1.36 4.17 -10.53
N ASP A 18 1.73 5.24 -11.22
CA ASP A 18 0.80 6.34 -11.48
C ASP A 18 0.39 7.03 -10.18
N ALA A 19 1.13 6.75 -9.11
CA ALA A 19 0.84 7.34 -7.82
C ALA A 19 -0.64 7.21 -7.46
N ASN A 20 -1.24 6.12 -7.92
CA ASN A 20 -2.66 5.86 -7.65
C ASN A 20 -2.83 4.57 -6.86
N PHE A 21 -4.09 4.20 -6.62
CA PHE A 21 -4.40 2.99 -5.88
C PHE A 21 -5.42 2.13 -6.62
N LEU A 22 -5.18 1.93 -7.92
CA LEU A 22 -6.06 1.13 -8.75
C LEU A 22 -6.20 -0.29 -8.19
N GLU A 23 -6.92 -1.13 -8.93
CA GLU A 23 -7.13 -2.51 -8.50
C GLU A 23 -5.80 -3.19 -8.16
N HIS A 24 -4.81 -2.97 -9.01
CA HIS A 24 -3.49 -3.56 -8.80
C HIS A 24 -2.97 -3.23 -7.41
N GLU A 25 -3.39 -2.09 -6.88
CA GLU A 25 -2.95 -1.66 -5.55
C GLU A 25 -3.87 -2.23 -4.48
N LEU A 26 -5.16 -2.32 -4.79
CA LEU A 26 -6.14 -2.84 -3.83
C LEU A 26 -5.73 -4.23 -3.34
N SER A 27 -4.99 -4.96 -4.18
CA SER A 27 -4.53 -6.29 -3.83
C SER A 27 -3.54 -6.25 -2.67
N TYR A 28 -2.70 -5.22 -2.67
CA TYR A 28 -1.70 -5.06 -1.61
C TYR A 28 -2.36 -5.01 -0.24
N ILE A 29 -3.43 -4.22 -0.13
CA ILE A 29 -4.15 -4.10 1.13
C ILE A 29 -4.47 -5.46 1.73
N ASP A 30 -4.56 -6.47 0.87
CA ASP A 30 -4.85 -7.82 1.32
C ASP A 30 -3.61 -8.48 1.93
N VAL A 31 -2.47 -8.30 1.28
CA VAL A 31 -1.22 -8.86 1.75
C VAL A 31 -0.97 -8.50 3.22
N LEU A 32 -1.10 -7.22 3.53
CA LEU A 32 -0.90 -6.73 4.89
C LEU A 32 -2.08 -7.10 5.78
N LEU A 33 -3.24 -7.28 5.16
CA LEU A 33 -4.46 -7.63 5.89
C LEU A 33 -4.46 -9.11 6.29
N ASP A 34 -3.62 -9.89 5.60
CA ASP A 34 -3.53 -11.32 5.88
C ASP A 34 -2.31 -11.61 6.75
N LYS A 35 -2.46 -12.58 7.65
CA LYS A 35 -1.37 -12.97 8.55
C LYS A 35 -0.24 -13.64 7.79
N ASN A 36 -0.50 -13.97 6.52
CA ASN A 36 0.49 -14.62 5.67
C ASN A 36 1.67 -13.69 5.41
N ALA A 37 1.41 -12.39 5.42
CA ALA A 37 2.45 -11.40 5.19
C ALA A 37 3.58 -11.54 6.20
N ASP A 38 4.54 -10.63 6.14
CA ASP A 38 5.69 -10.66 7.04
C ASP A 38 6.09 -9.25 7.45
N GLN A 39 6.95 -9.15 8.46
CA GLN A 39 7.42 -7.86 8.94
C GLN A 39 8.07 -7.06 7.81
N ALA A 40 8.79 -7.76 6.94
CA ALA A 40 9.45 -7.11 5.82
C ALA A 40 8.46 -6.73 4.73
N THR A 41 7.29 -7.36 4.75
CA THR A 41 6.26 -7.09 3.76
C THR A 41 5.64 -5.71 3.98
N LYS A 42 5.35 -5.40 5.23
CA LYS A 42 4.76 -4.10 5.58
C LYS A 42 5.78 -2.98 5.47
N ASP A 43 7.02 -3.28 5.87
CA ASP A 43 8.09 -2.30 5.82
C ASP A 43 8.28 -1.77 4.40
N ASN A 44 7.86 -2.56 3.42
CA ASN A 44 7.99 -2.18 2.02
C ASN A 44 6.81 -1.30 1.60
N LEU A 45 5.60 -1.79 1.80
CA LEU A 45 4.39 -1.05 1.45
C LEU A 45 4.31 0.26 2.22
N ARG A 46 4.82 0.25 3.45
CA ARG A 46 4.81 1.44 4.29
C ARG A 46 5.79 2.49 3.77
N SER A 47 6.87 2.03 3.16
CA SER A 47 7.89 2.92 2.62
C SER A 47 7.30 3.80 1.52
N TYR A 48 6.14 3.41 1.01
CA TYR A 48 5.48 4.17 -0.05
C TYR A 48 5.01 5.52 0.46
N PHE A 49 4.25 5.51 1.55
CA PHE A 49 3.74 6.75 2.14
C PHE A 49 4.88 7.69 2.52
N ALA A 50 6.06 7.12 2.74
CA ALA A 50 7.23 7.91 3.10
C ALA A 50 7.84 8.58 1.89
N ASP A 51 7.58 8.02 0.71
CA ASP A 51 8.10 8.57 -0.53
C ASP A 51 7.21 9.70 -1.05
N LYS A 52 5.89 9.51 -0.90
CA LYS A 52 4.93 10.51 -1.34
C LYS A 52 4.80 11.64 -0.33
N GLY A 53 5.16 11.36 0.92
CA GLY A 53 5.08 12.36 1.96
C GLY A 53 3.72 12.38 2.65
N LEU A 54 3.30 11.21 3.13
CA LEU A 54 2.02 11.10 3.82
C LEU A 54 2.19 11.22 5.33
N HIS A 55 1.31 12.00 5.96
CA HIS A 55 1.37 12.18 7.41
C HIS A 55 1.41 10.85 8.13
N SER A 56 0.51 9.95 7.76
CA SER A 56 0.44 8.63 8.37
C SER A 56 -0.75 7.84 7.84
N ILE A 57 -1.05 6.71 8.49
CA ILE A 57 -2.16 5.87 8.09
C ILE A 57 -3.40 6.71 7.76
N LYS A 58 -3.62 7.75 8.55
CA LYS A 58 -4.76 8.64 8.35
C LYS A 58 -4.72 9.27 6.96
N ASP A 59 -3.65 10.02 6.68
CA ASP A 59 -3.48 10.68 5.39
C ASP A 59 -3.30 9.65 4.28
N ILE A 60 -2.99 8.42 4.66
CA ILE A 60 -2.78 7.34 3.69
C ILE A 60 -4.11 6.70 3.31
N ILE A 61 -4.98 6.52 4.29
CA ILE A 61 -6.29 5.91 4.06
C ILE A 61 -7.30 6.95 3.60
N ASN A 62 -7.21 8.16 4.16
CA ASN A 62 -8.12 9.24 3.81
C ASN A 62 -8.24 9.38 2.30
N LYS A 63 -7.17 9.04 1.59
CA LYS A 63 -7.15 9.12 0.14
C LYS A 63 -7.93 7.98 -0.49
N ALA A 64 -7.44 6.75 -0.28
CA ALA A 64 -8.09 5.57 -0.82
C ALA A 64 -9.58 5.55 -0.46
N LYS A 65 -9.89 5.92 0.78
CA LYS A 65 -11.27 5.94 1.25
C LYS A 65 -12.10 6.92 0.43
N GLN A 66 -11.57 8.12 0.20
CA GLN A 66 -12.27 9.13 -0.57
C GLN A 66 -12.71 8.58 -1.92
N ASP A 67 -11.79 7.90 -2.60
CA ASP A 67 -12.08 7.31 -3.91
C ASP A 67 -13.13 6.22 -3.79
N GLY A 68 -13.28 5.67 -2.59
CA GLY A 68 -14.26 4.62 -2.37
C GLY A 68 -13.60 3.27 -2.12
N PHE A 69 -12.35 3.30 -1.66
CA PHE A 69 -11.61 2.07 -1.39
C PHE A 69 -11.22 1.99 0.09
N ASP A 70 -11.52 0.85 0.71
CA ASP A 70 -11.20 0.65 2.12
C ASP A 70 -9.78 0.11 2.28
N VAL A 71 -8.87 0.96 2.72
CA VAL A 71 -7.48 0.57 2.91
C VAL A 71 -7.03 0.85 4.35
N SER A 72 -7.99 0.89 5.26
CA SER A 72 -7.70 1.16 6.67
C SER A 72 -7.13 -0.09 7.34
N LYS A 73 -7.27 -1.23 6.67
CA LYS A 73 -6.76 -2.50 7.20
C LYS A 73 -5.32 -2.71 6.79
N TYR A 74 -4.74 -1.74 6.10
CA TYR A 74 -3.35 -1.83 5.66
C TYR A 74 -2.40 -1.28 6.71
N GLU A 75 -2.97 -0.61 7.72
CA GLU A 75 -2.17 -0.03 8.79
C GLU A 75 -1.72 -1.10 9.79
N HIS A 76 -0.97 -2.08 9.28
CA HIS A 76 -0.48 -3.17 10.11
C HIS A 76 -1.63 -3.87 10.84
N VAL A 77 -2.84 -3.71 10.31
CA VAL A 77 -4.02 -4.32 10.91
C VAL A 77 -4.05 -4.10 12.41
N LYS A 78 -4.18 -2.84 12.82
CA LYS A 78 -4.22 -2.49 14.24
C LYS A 78 -5.55 -1.84 14.59
N LYS A 6 8.57 5.06 -16.25
CA LYS A 6 7.46 4.25 -15.73
C LYS A 6 6.18 4.55 -16.49
N CYS A 7 5.11 3.85 -16.12
CA CYS A 7 3.81 4.04 -16.76
C CYS A 7 3.89 3.73 -18.24
N TYR A 8 4.84 2.88 -18.62
CA TYR A 8 5.03 2.51 -20.01
C TYR A 8 5.87 1.24 -20.13
N SER A 9 5.80 0.58 -21.29
CA SER A 9 6.55 -0.64 -21.52
C SER A 9 8.05 -0.36 -21.56
N GLN A 10 8.82 -1.13 -20.80
CA GLN A 10 10.27 -0.97 -20.76
C GLN A 10 10.95 -2.24 -20.28
N ASN A 11 10.26 -3.37 -20.46
CA ASN A 11 10.81 -4.66 -20.04
C ASN A 11 9.83 -5.79 -20.38
N GLY A 12 8.54 -5.49 -20.28
CA GLY A 12 7.53 -6.50 -20.57
C GLY A 12 6.13 -6.03 -20.22
N LEU A 13 6.04 -5.17 -19.21
CA LEU A 13 4.75 -4.64 -18.77
C LEU A 13 4.23 -3.58 -19.74
N VAL A 14 3.00 -3.14 -19.51
CA VAL A 14 2.39 -2.12 -20.36
C VAL A 14 1.55 -1.14 -19.54
N LEU A 15 2.12 0.04 -19.28
CA LEU A 15 1.42 1.06 -18.50
C LEU A 15 1.15 0.58 -17.08
N HIS A 16 2.06 0.90 -16.17
CA HIS A 16 1.92 0.50 -14.78
C HIS A 16 0.98 1.45 -14.04
N CYS A 17 1.43 2.68 -13.84
CA CYS A 17 0.63 3.68 -13.14
C CYS A 17 0.15 3.15 -11.79
N ASP A 18 0.96 2.30 -11.17
CA ASP A 18 0.62 1.72 -9.88
C ASP A 18 1.23 2.54 -8.74
N ALA A 19 1.23 3.86 -8.91
CA ALA A 19 1.78 4.76 -7.89
C ALA A 19 0.67 5.58 -7.24
N ASN A 20 -0.45 4.94 -6.95
CA ASN A 20 -1.58 5.62 -6.32
C ASN A 20 -2.47 4.62 -5.58
N PHE A 21 -3.28 3.87 -6.34
CA PHE A 21 -4.17 2.88 -5.75
C PHE A 21 -4.99 2.19 -6.84
N LEU A 22 -4.30 1.65 -7.84
CA LEU A 22 -4.97 0.96 -8.94
C LEU A 22 -5.60 -0.34 -8.46
N GLU A 23 -6.44 -0.93 -9.32
CA GLU A 23 -7.10 -2.19 -8.98
C GLU A 23 -6.10 -3.22 -8.48
N HIS A 24 -5.00 -3.39 -9.22
CA HIS A 24 -3.98 -4.35 -8.85
C HIS A 24 -3.29 -3.93 -7.55
N GLU A 25 -3.33 -2.64 -7.25
CA GLU A 25 -2.71 -2.12 -6.04
C GLU A 25 -3.52 -2.52 -4.80
N LEU A 26 -4.83 -2.62 -4.96
CA LEU A 26 -5.71 -2.99 -3.87
C LEU A 26 -5.42 -4.41 -3.39
N SER A 27 -5.23 -5.32 -4.33
CA SER A 27 -4.95 -6.72 -4.01
C SER A 27 -3.75 -6.81 -3.06
N TYR A 28 -2.84 -5.85 -3.17
CA TYR A 28 -1.65 -5.82 -2.33
C TYR A 28 -2.02 -5.59 -0.86
N ILE A 29 -2.90 -4.63 -0.64
CA ILE A 29 -3.33 -4.31 0.73
C ILE A 29 -3.79 -5.56 1.47
N ASP A 30 -4.36 -6.51 0.72
CA ASP A 30 -4.84 -7.75 1.31
C ASP A 30 -3.74 -8.42 2.13
N VAL A 31 -2.52 -8.40 1.61
CA VAL A 31 -1.38 -9.00 2.29
C VAL A 31 -1.11 -8.31 3.62
N LEU A 32 -1.49 -7.05 3.71
CA LEU A 32 -1.29 -6.28 4.93
C LEU A 32 -2.26 -6.71 6.02
N LEU A 33 -3.36 -7.34 5.60
CA LEU A 33 -4.38 -7.80 6.53
C LEU A 33 -4.33 -9.32 6.67
N ASP A 34 -3.67 -9.97 5.72
CA ASP A 34 -3.55 -11.43 5.73
C ASP A 34 -2.24 -11.86 6.37
N LYS A 35 -2.28 -12.96 7.12
CA LYS A 35 -1.09 -13.48 7.78
C LYS A 35 -0.16 -14.14 6.78
N ASN A 36 -0.62 -14.28 5.54
CA ASN A 36 0.18 -14.91 4.49
C ASN A 36 1.40 -14.06 4.15
N ALA A 37 1.28 -12.75 4.35
CA ALA A 37 2.37 -11.82 4.08
C ALA A 37 3.42 -11.87 5.17
N ASP A 38 4.33 -10.91 5.16
CA ASP A 38 5.40 -10.85 6.15
C ASP A 38 5.52 -9.44 6.73
N GLN A 39 6.18 -9.33 7.88
CA GLN A 39 6.36 -8.04 8.53
C GLN A 39 7.08 -7.06 7.61
N ALA A 40 8.02 -7.58 6.83
CA ALA A 40 8.79 -6.74 5.90
C ALA A 40 7.93 -6.33 4.71
N THR A 41 6.83 -7.03 4.50
CA THR A 41 5.92 -6.72 3.40
C THR A 41 5.21 -5.40 3.62
N LYS A 42 4.60 -5.24 4.79
CA LYS A 42 3.88 -4.02 5.12
C LYS A 42 4.85 -2.84 5.25
N ASP A 43 6.04 -3.11 5.78
CA ASP A 43 7.05 -2.07 5.95
C ASP A 43 7.51 -1.55 4.60
N ASN A 44 7.28 -2.33 3.55
CA ASN A 44 7.68 -1.94 2.20
C ASN A 44 6.63 -1.03 1.56
N LEU A 45 5.37 -1.45 1.64
CA LEU A 45 4.27 -0.68 1.08
C LEU A 45 3.99 0.57 1.92
N ARG A 46 4.21 0.46 3.22
CA ARG A 46 3.98 1.56 4.14
C ARG A 46 4.97 2.69 3.88
N SER A 47 6.21 2.34 3.61
CA SER A 47 7.26 3.32 3.33
C SER A 47 6.87 4.23 2.17
N TYR A 48 5.93 3.76 1.35
CA TYR A 48 5.46 4.52 0.20
C TYR A 48 5.04 5.92 0.62
N PHE A 49 4.29 6.01 1.71
CA PHE A 49 3.82 7.29 2.22
C PHE A 49 4.99 8.24 2.49
N ALA A 50 6.18 7.66 2.67
CA ALA A 50 7.37 8.44 2.94
C ALA A 50 8.02 8.91 1.64
N ASP A 51 7.71 8.23 0.55
CA ASP A 51 8.27 8.57 -0.76
C ASP A 51 7.42 9.63 -1.45
N LYS A 52 6.16 9.72 -1.05
CA LYS A 52 5.24 10.70 -1.63
C LYS A 52 5.03 11.88 -0.67
N GLY A 53 5.29 11.66 0.60
CA GLY A 53 5.13 12.70 1.59
C GLY A 53 3.72 12.74 2.17
N LEU A 54 3.40 11.77 2.99
CA LEU A 54 2.08 11.69 3.61
C LEU A 54 2.16 11.99 5.11
N HIS A 55 1.23 12.80 5.60
CA HIS A 55 1.20 13.16 7.01
C HIS A 55 1.33 11.93 7.90
N SER A 56 0.52 10.92 7.62
CA SER A 56 0.55 9.68 8.39
C SER A 56 -0.60 8.76 7.99
N ILE A 57 -0.82 7.72 8.79
CA ILE A 57 -1.89 6.77 8.52
C ILE A 57 -3.16 7.48 8.09
N LYS A 58 -3.45 8.61 8.72
CA LYS A 58 -4.64 9.39 8.40
C LYS A 58 -4.62 9.83 6.94
N ASP A 59 -3.56 10.54 6.55
CA ASP A 59 -3.42 11.02 5.19
C ASP A 59 -3.21 9.85 4.22
N ILE A 60 -2.83 8.70 4.77
CA ILE A 60 -2.60 7.51 3.95
C ILE A 60 -3.90 6.79 3.66
N ILE A 61 -4.77 6.73 4.66
CA ILE A 61 -6.07 6.07 4.51
C ILE A 61 -7.11 7.01 3.93
N ASN A 62 -7.08 8.26 4.38
CA ASN A 62 -8.02 9.26 3.91
C ASN A 62 -8.09 9.27 2.37
N LYS A 63 -6.97 8.94 1.75
CA LYS A 63 -6.90 8.92 0.29
C LYS A 63 -7.49 7.62 -0.26
N ALA A 64 -6.89 6.50 0.10
CA ALA A 64 -7.37 5.19 -0.35
C ALA A 64 -8.87 5.06 -0.13
N LYS A 65 -9.35 5.61 0.98
CA LYS A 65 -10.77 5.54 1.30
C LYS A 65 -11.59 6.42 0.36
N GLN A 66 -11.12 7.65 0.15
CA GLN A 66 -11.81 8.58 -0.73
C GLN A 66 -12.01 7.97 -2.12
N ASP A 67 -11.08 7.12 -2.53
CA ASP A 67 -11.16 6.47 -3.84
C ASP A 67 -12.15 5.31 -3.81
N GLY A 68 -12.41 4.81 -2.60
CA GLY A 68 -13.33 3.69 -2.46
C GLY A 68 -12.63 2.41 -2.05
N PHE A 69 -11.47 2.54 -1.44
CA PHE A 69 -10.69 1.39 -1.00
C PHE A 69 -10.51 1.39 0.51
N ASP A 70 -10.74 0.24 1.13
CA ASP A 70 -10.61 0.12 2.58
C ASP A 70 -9.17 -0.23 2.96
N VAL A 71 -8.48 0.71 3.59
CA VAL A 71 -7.11 0.50 4.01
C VAL A 71 -6.88 0.99 5.43
N SER A 72 -7.97 1.08 6.19
CA SER A 72 -7.89 1.55 7.58
C SER A 72 -7.38 0.43 8.49
N LYS A 73 -8.04 -0.72 8.43
CA LYS A 73 -7.65 -1.87 9.24
C LYS A 73 -6.50 -2.64 8.60
N TYR A 74 -6.05 -2.16 7.45
CA TYR A 74 -4.95 -2.80 6.73
C TYR A 74 -3.64 -2.06 6.94
N GLU A 75 -3.60 -1.26 8.01
CA GLU A 75 -2.39 -0.50 8.33
C GLU A 75 -1.90 -0.81 9.74
N HIS A 76 -0.76 -1.49 9.83
CA HIS A 76 -0.19 -1.86 11.12
C HIS A 76 -1.22 -2.56 11.99
N VAL A 77 -1.97 -3.48 11.39
CA VAL A 77 -2.99 -4.22 12.11
C VAL A 77 -3.58 -5.32 11.24
N LYS A 78 -3.46 -6.57 11.71
CA LYS A 78 -3.99 -7.71 10.98
C LYS A 78 -4.11 -8.93 11.88
N LYS A 6 6.29 -4.53 -4.43
CA LYS A 6 6.27 -3.27 -5.16
C LYS A 6 7.12 -2.22 -4.46
N CYS A 7 7.53 -1.21 -5.21
CA CYS A 7 8.36 -0.13 -4.66
C CYS A 7 9.63 -0.68 -4.04
N TYR A 8 10.07 -1.84 -4.54
CA TYR A 8 11.29 -2.46 -4.02
C TYR A 8 11.83 -3.48 -5.03
N SER A 9 12.95 -4.10 -4.67
CA SER A 9 13.58 -5.10 -5.53
C SER A 9 12.97 -6.49 -5.30
N GLN A 10 13.24 -7.40 -6.23
CA GLN A 10 12.71 -8.76 -6.13
C GLN A 10 11.19 -8.76 -5.98
N ASN A 11 10.54 -7.86 -6.72
CA ASN A 11 9.09 -7.75 -6.67
C ASN A 11 8.58 -6.76 -7.72
N GLY A 12 9.29 -5.64 -7.85
CA GLY A 12 8.90 -4.63 -8.82
C GLY A 12 10.05 -4.20 -9.70
N LEU A 13 11.03 -5.08 -9.86
CA LEU A 13 12.19 -4.79 -10.69
C LEU A 13 13.06 -3.71 -10.05
N VAL A 14 12.60 -2.46 -10.12
CA VAL A 14 13.32 -1.34 -9.54
C VAL A 14 12.37 -0.28 -9.00
N LEU A 15 11.70 -0.60 -7.89
CA LEU A 15 10.76 0.32 -7.28
C LEU A 15 9.68 0.74 -8.28
N HIS A 16 8.56 0.03 -8.25
CA HIS A 16 7.45 0.33 -9.16
C HIS A 16 6.93 1.75 -8.92
N CYS A 17 6.21 1.93 -7.81
CA CYS A 17 5.65 3.23 -7.46
C CYS A 17 4.85 3.80 -8.63
N ASP A 18 3.58 3.44 -8.70
CA ASP A 18 2.70 3.92 -9.76
C ASP A 18 2.02 5.23 -9.35
N ALA A 19 1.94 5.47 -8.05
CA ALA A 19 1.31 6.68 -7.53
C ALA A 19 -0.08 6.87 -8.12
N ASN A 20 -1.05 6.12 -7.57
CA ASN A 20 -2.42 6.21 -8.05
C ASN A 20 -3.37 5.47 -7.11
N PHE A 21 -4.62 5.29 -7.54
CA PHE A 21 -5.62 4.59 -6.74
C PHE A 21 -6.37 3.58 -7.58
N LEU A 22 -5.63 2.75 -8.32
CA LEU A 22 -6.24 1.73 -9.17
C LEU A 22 -6.51 0.47 -8.38
N GLU A 23 -6.98 -0.57 -9.08
CA GLU A 23 -7.27 -1.85 -8.43
C GLU A 23 -5.99 -2.63 -8.17
N HIS A 24 -5.01 -2.49 -9.06
CA HIS A 24 -3.74 -3.19 -8.92
C HIS A 24 -3.10 -2.88 -7.57
N GLU A 25 -3.43 -1.72 -7.02
CA GLU A 25 -2.88 -1.32 -5.73
C GLU A 25 -3.66 -1.95 -4.59
N LEU A 26 -4.94 -2.22 -4.82
CA LEU A 26 -5.79 -2.83 -3.80
C LEU A 26 -5.30 -4.23 -3.45
N SER A 27 -4.56 -4.84 -4.37
CA SER A 27 -4.03 -6.18 -4.15
C SER A 27 -3.09 -6.22 -2.96
N TYR A 28 -2.10 -5.33 -2.97
CA TYR A 28 -1.13 -5.25 -1.88
C TYR A 28 -1.83 -5.16 -0.53
N ILE A 29 -2.87 -4.34 -0.46
CA ILE A 29 -3.63 -4.16 0.77
C ILE A 29 -4.06 -5.51 1.35
N ASP A 30 -4.22 -6.50 0.48
CA ASP A 30 -4.62 -7.83 0.90
C ASP A 30 -3.47 -8.55 1.58
N VAL A 31 -2.27 -8.39 1.04
CA VAL A 31 -1.08 -9.04 1.60
C VAL A 31 -0.97 -8.77 3.09
N LEU A 32 -1.14 -7.51 3.49
CA LEU A 32 -1.06 -7.12 4.89
C LEU A 32 -2.26 -7.64 5.67
N LEU A 33 -3.38 -7.81 4.97
CA LEU A 33 -4.61 -8.29 5.59
C LEU A 33 -4.48 -9.77 5.94
N ASP A 34 -3.51 -10.44 5.33
CA ASP A 34 -3.28 -11.87 5.58
C ASP A 34 -2.15 -12.07 6.58
N LYS A 35 -2.28 -13.09 7.41
CA LYS A 35 -1.27 -13.39 8.41
C LYS A 35 0.07 -13.73 7.75
N ASN A 36 0.02 -14.03 6.45
CA ASN A 36 1.22 -14.37 5.70
C ASN A 36 2.17 -13.18 5.61
N ALA A 37 1.60 -11.98 5.63
CA ALA A 37 2.38 -10.75 5.56
C ALA A 37 3.47 -10.74 6.63
N ASP A 38 4.72 -10.83 6.19
CA ASP A 38 5.86 -10.83 7.11
C ASP A 38 6.23 -9.40 7.50
N GLN A 39 7.10 -9.28 8.50
CA GLN A 39 7.53 -7.97 8.98
C GLN A 39 8.15 -7.16 7.85
N ALA A 40 8.87 -7.85 6.96
CA ALA A 40 9.52 -7.19 5.82
C ALA A 40 8.50 -6.82 4.75
N THR A 41 7.34 -7.47 4.80
CA THR A 41 6.28 -7.20 3.83
C THR A 41 5.49 -5.94 4.19
N LYS A 42 5.37 -5.69 5.49
CA LYS A 42 4.64 -4.52 5.97
C LYS A 42 5.54 -3.29 5.98
N ASP A 43 6.81 -3.50 6.32
CA ASP A 43 7.78 -2.40 6.36
C ASP A 43 8.06 -1.88 4.96
N ASN A 44 7.77 -2.69 3.95
CA ASN A 44 7.99 -2.30 2.56
C ASN A 44 6.80 -1.52 2.01
N LEU A 45 5.60 -1.98 2.34
CA LEU A 45 4.39 -1.32 1.88
C LEU A 45 4.16 0.00 2.62
N ARG A 46 4.50 0.01 3.91
CA ARG A 46 4.33 1.20 4.73
C ARG A 46 5.25 2.32 4.25
N SER A 47 6.46 1.95 3.83
CA SER A 47 7.43 2.93 3.35
C SER A 47 6.85 3.75 2.19
N TYR A 48 5.82 3.20 1.56
CA TYR A 48 5.18 3.88 0.43
C TYR A 48 4.79 5.30 0.81
N PHE A 49 4.17 5.46 1.98
CA PHE A 49 3.75 6.77 2.45
C PHE A 49 4.94 7.72 2.57
N ALA A 50 6.13 7.15 2.70
CA ALA A 50 7.34 7.94 2.83
C ALA A 50 7.90 8.31 1.46
N ASP A 51 7.55 7.53 0.45
CA ASP A 51 8.01 7.77 -0.91
C ASP A 51 7.07 8.72 -1.64
N LYS A 52 5.84 8.79 -1.17
CA LYS A 52 4.83 9.67 -1.78
C LYS A 52 4.66 10.94 -0.95
N GLY A 53 5.08 10.90 0.30
CA GLY A 53 4.96 12.05 1.17
C GLY A 53 3.61 12.14 1.83
N LEU A 54 3.33 11.22 2.76
CA LEU A 54 2.07 11.19 3.47
C LEU A 54 2.26 11.52 4.95
N HIS A 55 1.31 12.27 5.52
CA HIS A 55 1.37 12.64 6.92
C HIS A 55 1.38 11.41 7.82
N SER A 56 0.49 10.47 7.54
CA SER A 56 0.39 9.25 8.31
C SER A 56 -0.78 8.39 7.85
N ILE A 57 -1.10 7.36 8.62
CA ILE A 57 -2.21 6.46 8.28
C ILE A 57 -3.43 7.25 7.83
N LYS A 58 -3.68 8.38 8.48
CA LYS A 58 -4.81 9.23 8.14
C LYS A 58 -4.73 9.70 6.70
N ASP A 59 -3.66 10.42 6.38
CA ASP A 59 -3.46 10.93 5.03
C ASP A 59 -3.24 9.79 4.05
N ILE A 60 -2.94 8.61 4.57
CA ILE A 60 -2.71 7.43 3.73
C ILE A 60 -4.03 6.75 3.37
N ILE A 61 -4.92 6.67 4.35
CA ILE A 61 -6.23 6.04 4.13
C ILE A 61 -7.23 7.04 3.55
N ASN A 62 -7.16 8.28 4.02
CA ASN A 62 -8.07 9.32 3.54
C ASN A 62 -8.13 9.33 2.02
N LYS A 63 -7.03 8.98 1.38
CA LYS A 63 -6.96 8.93 -0.07
C LYS A 63 -7.84 7.81 -0.63
N ALA A 64 -7.48 6.57 -0.29
CA ALA A 64 -8.23 5.41 -0.75
C ALA A 64 -9.70 5.50 -0.33
N LYS A 65 -9.92 5.81 0.95
CA LYS A 65 -11.27 5.94 1.49
C LYS A 65 -12.11 6.88 0.63
N GLN A 66 -11.56 8.05 0.34
CA GLN A 66 -12.27 9.04 -0.46
C GLN A 66 -12.70 8.45 -1.80
N ASP A 67 -11.76 7.78 -2.47
CA ASP A 67 -12.04 7.16 -3.76
C ASP A 67 -13.14 6.09 -3.63
N GLY A 68 -13.32 5.60 -2.41
CA GLY A 68 -14.33 4.58 -2.17
C GLY A 68 -13.72 3.23 -1.85
N PHE A 69 -12.44 3.23 -1.49
CA PHE A 69 -11.75 1.99 -1.15
C PHE A 69 -11.25 2.02 0.29
N ASP A 70 -11.55 0.96 1.03
CA ASP A 70 -11.14 0.85 2.43
C ASP A 70 -9.74 0.26 2.55
N VAL A 71 -8.78 1.09 2.93
CA VAL A 71 -7.40 0.65 3.08
C VAL A 71 -6.88 0.90 4.50
N SER A 72 -7.81 1.09 5.43
CA SER A 72 -7.45 1.35 6.82
C SER A 72 -7.04 0.07 7.52
N LYS A 73 -7.34 -1.07 6.89
CA LYS A 73 -7.00 -2.37 7.46
C LYS A 73 -5.56 -2.75 7.14
N TYR A 74 -4.85 -1.84 6.46
CA TYR A 74 -3.46 -2.09 6.09
C TYR A 74 -2.52 -1.65 7.21
N GLU A 75 -3.09 -1.20 8.32
CA GLU A 75 -2.30 -0.75 9.46
C GLU A 75 -1.74 -1.94 10.24
N HIS A 76 -0.94 -2.76 9.57
CA HIS A 76 -0.34 -3.92 10.19
C HIS A 76 -1.39 -4.74 10.95
N VAL A 77 -2.44 -5.15 10.23
CA VAL A 77 -3.51 -5.92 10.84
C VAL A 77 -3.17 -7.40 10.85
N LYS A 78 -1.97 -7.74 10.40
CA LYS A 78 -1.52 -9.13 10.37
C LYS A 78 -1.68 -9.79 11.73
N LYS A 6 1.84 -1.48 -13.96
CA LYS A 6 1.06 -1.70 -15.17
C LYS A 6 1.59 -0.86 -16.32
N CYS A 7 1.73 0.44 -16.08
CA CYS A 7 2.22 1.36 -17.09
C CYS A 7 3.69 1.09 -17.42
N TYR A 8 4.11 1.47 -18.62
CA TYR A 8 5.48 1.26 -19.05
C TYR A 8 6.07 2.52 -19.66
N SER A 9 7.38 2.51 -19.90
CA SER A 9 8.06 3.66 -20.48
C SER A 9 7.72 3.80 -21.96
N GLN A 10 7.57 5.05 -22.41
CA GLN A 10 7.24 5.32 -23.80
C GLN A 10 7.18 6.82 -24.06
N ASN A 11 6.69 7.57 -23.07
CA ASN A 11 6.58 9.02 -23.19
C ASN A 11 7.72 9.72 -22.44
N GLY A 12 8.23 9.06 -21.41
CA GLY A 12 9.31 9.64 -20.63
C GLY A 12 9.33 9.12 -19.20
N LEU A 13 9.64 7.83 -19.05
CA LEU A 13 9.70 7.22 -17.73
C LEU A 13 8.41 7.47 -16.95
N VAL A 14 7.35 6.76 -17.33
CA VAL A 14 6.06 6.92 -16.67
C VAL A 14 5.49 5.57 -16.26
N LEU A 15 6.37 4.58 -16.10
CA LEU A 15 5.97 3.24 -15.70
C LEU A 15 5.16 3.27 -14.41
N HIS A 16 4.12 2.44 -14.34
CA HIS A 16 3.27 2.37 -13.15
C HIS A 16 2.56 3.71 -12.92
N CYS A 17 1.31 3.78 -13.35
CA CYS A 17 0.52 5.00 -13.19
C CYS A 17 -0.29 4.96 -11.89
N ASP A 18 0.39 4.66 -10.79
CA ASP A 18 -0.26 4.58 -9.49
C ASP A 18 -0.13 5.90 -8.74
N ALA A 19 -0.18 7.01 -9.47
CA ALA A 19 -0.06 8.33 -8.88
C ALA A 19 -1.19 8.59 -7.88
N ASN A 20 -2.31 7.89 -8.08
CA ASN A 20 -3.46 8.05 -7.20
C ASN A 20 -3.71 6.78 -6.40
N PHE A 21 -4.25 5.76 -7.07
CA PHE A 21 -4.54 4.48 -6.42
C PHE A 21 -5.13 3.49 -7.42
N LEU A 22 -4.37 2.43 -7.70
CA LEU A 22 -4.82 1.40 -8.63
C LEU A 22 -5.48 0.24 -7.89
N GLU A 23 -5.84 -0.80 -8.64
CA GLU A 23 -6.48 -1.97 -8.06
C GLU A 23 -5.46 -2.86 -7.35
N HIS A 24 -4.24 -2.85 -7.86
CA HIS A 24 -3.17 -3.66 -7.28
C HIS A 24 -2.73 -3.08 -5.94
N GLU A 25 -3.05 -1.81 -5.70
CA GLU A 25 -2.68 -1.15 -4.46
C GLU A 25 -3.68 -1.48 -3.35
N LEU A 26 -4.95 -1.21 -3.61
CA LEU A 26 -6.00 -1.48 -2.63
C LEU A 26 -6.02 -2.96 -2.25
N SER A 27 -5.70 -3.81 -3.20
CA SER A 27 -5.67 -5.25 -2.96
C SER A 27 -4.44 -5.65 -2.16
N TYR A 28 -3.44 -4.78 -2.17
CA TYR A 28 -2.20 -5.03 -1.45
C TYR A 28 -2.46 -5.22 0.04
N ILE A 29 -3.25 -4.33 0.61
CA ILE A 29 -3.58 -4.39 2.03
C ILE A 29 -3.99 -5.81 2.43
N ASP A 30 -4.52 -6.56 1.48
CA ASP A 30 -4.94 -7.94 1.74
C ASP A 30 -3.88 -8.69 2.52
N VAL A 31 -2.67 -8.73 1.97
CA VAL A 31 -1.56 -9.43 2.62
C VAL A 31 -1.25 -8.82 3.97
N LEU A 32 -1.37 -7.50 4.06
CA LEU A 32 -1.09 -6.78 5.31
C LEU A 32 -2.14 -7.11 6.36
N LEU A 33 -3.32 -7.51 5.92
CA LEU A 33 -4.41 -7.85 6.82
C LEU A 33 -4.30 -9.30 7.27
N ASP A 34 -3.65 -10.12 6.46
CA ASP A 34 -3.47 -11.53 6.79
C ASP A 34 -2.07 -11.80 7.32
N LYS A 35 -1.97 -12.72 8.28
CA LYS A 35 -0.68 -13.07 8.88
C LYS A 35 0.20 -13.81 7.88
N ASN A 36 -0.36 -14.12 6.72
CA ASN A 36 0.38 -14.84 5.68
C ASN A 36 1.50 -13.98 5.12
N ALA A 37 1.30 -12.66 5.15
CA ALA A 37 2.31 -11.73 4.65
C ALA A 37 3.63 -11.90 5.38
N ASP A 38 4.59 -11.05 5.06
CA ASP A 38 5.91 -11.10 5.68
C ASP A 38 6.38 -9.72 6.09
N GLN A 39 7.42 -9.67 6.92
CA GLN A 39 7.97 -8.40 7.39
C GLN A 39 8.40 -7.53 6.21
N ALA A 40 8.94 -8.17 5.18
CA ALA A 40 9.40 -7.45 3.99
C ALA A 40 8.22 -6.95 3.17
N THR A 41 7.05 -7.54 3.39
CA THR A 41 5.84 -7.16 2.67
C THR A 41 5.27 -5.86 3.21
N LYS A 42 5.34 -5.69 4.53
CA LYS A 42 4.83 -4.49 5.17
C LYS A 42 5.77 -3.31 4.95
N ASP A 43 7.07 -3.58 4.95
CA ASP A 43 8.08 -2.55 4.74
C ASP A 43 8.01 -2.00 3.32
N ASN A 44 7.42 -2.78 2.42
CA ASN A 44 7.29 -2.38 1.03
C ASN A 44 6.19 -1.34 0.86
N LEU A 45 5.08 -1.54 1.57
CA LEU A 45 3.95 -0.62 1.49
C LEU A 45 4.14 0.54 2.46
N ARG A 46 4.64 0.24 3.66
CA ARG A 46 4.86 1.26 4.67
C ARG A 46 5.85 2.31 4.18
N SER A 47 6.63 1.95 3.17
CA SER A 47 7.63 2.85 2.62
C SER A 47 6.99 3.77 1.56
N TYR A 48 5.84 3.38 1.06
CA TYR A 48 5.13 4.16 0.06
C TYR A 48 4.76 5.53 0.60
N PHE A 49 3.99 5.54 1.69
CA PHE A 49 3.56 6.78 2.31
C PHE A 49 4.76 7.65 2.68
N ALA A 50 5.87 7.00 3.03
CA ALA A 50 7.09 7.71 3.40
C ALA A 50 7.75 8.34 2.19
N ASP A 51 7.60 7.70 1.04
CA ASP A 51 8.19 8.21 -0.20
C ASP A 51 7.32 9.30 -0.81
N LYS A 52 6.02 9.22 -0.55
CA LYS A 52 5.08 10.21 -1.07
C LYS A 52 4.94 11.39 -0.11
N GLY A 53 5.26 11.15 1.16
CA GLY A 53 5.16 12.19 2.16
C GLY A 53 3.75 12.37 2.68
N LEU A 54 3.19 11.30 3.23
CA LEU A 54 1.83 11.33 3.77
C LEU A 54 1.82 11.87 5.20
N HIS A 55 0.92 12.80 5.47
CA HIS A 55 0.81 13.38 6.80
C HIS A 55 0.78 12.29 7.87
N SER A 56 0.02 11.24 7.62
CA SER A 56 -0.10 10.13 8.56
C SER A 56 -1.13 9.12 8.09
N ILE A 57 -1.43 8.14 8.94
CA ILE A 57 -2.40 7.10 8.60
C ILE A 57 -3.66 7.72 7.99
N LYS A 58 -4.11 8.83 8.57
CA LYS A 58 -5.31 9.51 8.09
C LYS A 58 -5.13 9.96 6.64
N ASP A 59 -4.06 10.69 6.37
CA ASP A 59 -3.78 11.18 5.03
C ASP A 59 -3.47 10.02 4.09
N ILE A 60 -3.15 8.87 4.67
CA ILE A 60 -2.82 7.69 3.88
C ILE A 60 -4.08 6.93 3.47
N ILE A 61 -5.03 6.83 4.41
CA ILE A 61 -6.29 6.13 4.16
C ILE A 61 -7.29 7.05 3.47
N ASN A 62 -7.33 8.30 3.90
CA ASN A 62 -8.24 9.29 3.32
C ASN A 62 -8.18 9.27 1.81
N LYS A 63 -6.99 8.99 1.27
CA LYS A 63 -6.79 8.94 -0.18
C LYS A 63 -7.40 7.67 -0.75
N ALA A 64 -6.88 6.52 -0.34
CA ALA A 64 -7.37 5.24 -0.82
C ALA A 64 -8.89 5.15 -0.69
N LYS A 65 -9.41 5.70 0.40
CA LYS A 65 -10.85 5.67 0.64
C LYS A 65 -11.58 6.59 -0.34
N GLN A 66 -11.00 7.76 -0.60
CA GLN A 66 -11.60 8.73 -1.51
C GLN A 66 -11.88 8.08 -2.86
N ASP A 67 -10.99 7.20 -3.30
CA ASP A 67 -11.14 6.51 -4.57
C ASP A 67 -12.28 5.49 -4.51
N GLY A 68 -12.61 5.08 -3.29
CA GLY A 68 -13.68 4.09 -3.11
C GLY A 68 -13.16 2.74 -2.68
N PHE A 69 -11.93 2.72 -2.16
CA PHE A 69 -11.32 1.47 -1.71
C PHE A 69 -11.01 1.54 -0.21
N ASP A 70 -11.39 0.49 0.50
CA ASP A 70 -11.15 0.41 1.94
C ASP A 70 -9.76 -0.14 2.24
N VAL A 71 -8.88 0.71 2.75
CA VAL A 71 -7.52 0.30 3.08
C VAL A 71 -7.27 0.41 4.57
N SER A 72 -8.34 0.46 5.36
CA SER A 72 -8.22 0.56 6.80
C SER A 72 -7.63 -0.72 7.40
N LYS A 73 -7.57 -1.77 6.58
CA LYS A 73 -7.01 -3.04 7.02
C LYS A 73 -5.50 -3.05 6.90
N TYR A 74 -4.93 -1.90 6.54
CA TYR A 74 -3.49 -1.78 6.40
C TYR A 74 -2.82 -1.45 7.74
N GLU A 75 -3.45 -1.87 8.82
CA GLU A 75 -2.94 -1.62 10.16
C GLU A 75 -1.77 -2.55 10.47
N HIS A 76 -0.75 -2.52 9.61
CA HIS A 76 0.42 -3.36 9.81
C HIS A 76 1.65 -2.75 9.13
N VAL A 77 1.60 -1.44 8.90
CA VAL A 77 2.70 -0.73 8.26
C VAL A 77 3.48 0.09 9.28
N LYS A 78 4.29 -0.58 10.08
CA LYS A 78 5.10 0.08 11.09
C LYS A 78 6.43 -0.61 11.27
N LYS A 6 4.94 -6.64 -10.82
CA LYS A 6 3.73 -5.82 -10.77
C LYS A 6 3.60 -4.96 -12.02
N CYS A 7 4.74 -4.47 -12.51
CA CYS A 7 4.76 -3.64 -13.71
C CYS A 7 6.19 -3.42 -14.20
N TYR A 8 7.05 -4.40 -13.95
CA TYR A 8 8.45 -4.30 -14.36
C TYR A 8 8.56 -3.86 -15.81
N SER A 9 9.58 -3.05 -16.10
CA SER A 9 9.81 -2.55 -17.45
C SER A 9 9.90 -3.70 -18.45
N GLN A 10 9.64 -3.39 -19.72
CA GLN A 10 9.70 -4.40 -20.77
C GLN A 10 9.38 -3.79 -22.13
N ASN A 11 8.48 -2.82 -22.13
CA ASN A 11 8.07 -2.15 -23.37
C ASN A 11 7.46 -0.78 -23.07
N GLY A 12 7.82 -0.22 -21.92
CA GLY A 12 7.30 1.08 -21.54
C GLY A 12 6.17 0.98 -20.52
N LEU A 13 6.22 -0.05 -19.70
CA LEU A 13 5.20 -0.26 -18.67
C LEU A 13 5.60 0.42 -17.37
N VAL A 14 6.87 0.78 -17.26
CA VAL A 14 7.38 1.45 -16.06
C VAL A 14 7.30 0.53 -14.85
N LEU A 15 8.46 0.16 -14.32
CA LEU A 15 8.54 -0.73 -13.16
C LEU A 15 7.59 -0.25 -12.06
N HIS A 16 6.54 -1.02 -11.82
CA HIS A 16 5.56 -0.68 -10.79
C HIS A 16 4.84 0.62 -11.14
N CYS A 17 3.62 0.48 -11.64
CA CYS A 17 2.82 1.65 -12.01
C CYS A 17 1.47 1.65 -11.29
N ASP A 18 1.44 1.00 -10.12
CA ASP A 18 0.22 0.93 -9.34
C ASP A 18 0.22 1.97 -8.22
N ALA A 19 0.78 3.14 -8.51
CA ALA A 19 0.85 4.22 -7.54
C ALA A 19 -0.52 4.87 -7.34
N ASN A 20 -0.58 5.86 -6.45
CA ASN A 20 -1.83 6.55 -6.17
C ASN A 20 -2.81 5.63 -5.44
N PHE A 21 -3.41 4.72 -6.18
CA PHE A 21 -4.37 3.78 -5.60
C PHE A 21 -4.90 2.82 -6.67
N LEU A 22 -4.00 2.28 -7.47
CA LEU A 22 -4.37 1.35 -8.53
C LEU A 22 -5.10 0.14 -7.96
N GLU A 23 -5.60 -0.71 -8.85
CA GLU A 23 -6.32 -1.91 -8.43
C GLU A 23 -5.35 -2.99 -7.95
N HIS A 24 -4.36 -3.28 -8.77
CA HIS A 24 -3.36 -4.29 -8.44
C HIS A 24 -2.79 -4.06 -7.04
N GLU A 25 -2.73 -2.79 -6.65
CA GLU A 25 -2.20 -2.42 -5.34
C GLU A 25 -3.14 -2.88 -4.22
N LEU A 26 -4.44 -2.72 -4.46
CA LEU A 26 -5.44 -3.12 -3.47
C LEU A 26 -5.25 -4.57 -3.05
N SER A 27 -5.09 -5.46 -4.03
CA SER A 27 -4.89 -6.88 -3.76
C SER A 27 -3.72 -7.10 -2.81
N TYR A 28 -2.76 -6.17 -2.83
CA TYR A 28 -1.59 -6.25 -1.98
C TYR A 28 -1.91 -5.77 -0.57
N ILE A 29 -2.81 -4.80 -0.46
CA ILE A 29 -3.21 -4.26 0.84
C ILE A 29 -3.81 -5.35 1.72
N ASP A 30 -4.37 -6.37 1.10
CA ASP A 30 -4.98 -7.48 1.82
C ASP A 30 -3.94 -8.22 2.67
N VAL A 31 -2.71 -8.28 2.15
CA VAL A 31 -1.62 -8.96 2.86
C VAL A 31 -1.28 -8.24 4.16
N LEU A 32 -1.53 -6.94 4.19
CA LEU A 32 -1.25 -6.13 5.37
C LEU A 32 -2.21 -6.47 6.50
N LEU A 33 -3.31 -7.13 6.15
CA LEU A 33 -4.32 -7.52 7.13
C LEU A 33 -4.16 -8.99 7.53
N ASP A 34 -3.44 -9.74 6.71
CA ASP A 34 -3.21 -11.16 6.98
C ASP A 34 -1.83 -11.38 7.59
N LYS A 35 -1.73 -12.33 8.51
CA LYS A 35 -0.47 -12.65 9.17
C LYS A 35 0.43 -13.47 8.25
N ASN A 36 -0.07 -13.77 7.05
CA ASN A 36 0.70 -14.55 6.09
C ASN A 36 1.76 -13.70 5.41
N ALA A 37 1.48 -12.40 5.29
CA ALA A 37 2.42 -11.47 4.66
C ALA A 37 3.68 -11.32 5.50
N ASP A 38 4.83 -11.20 4.82
CA ASP A 38 6.10 -11.04 5.50
C ASP A 38 6.34 -9.58 5.89
N GLN A 39 7.35 -9.35 6.72
CA GLN A 39 7.68 -8.00 7.17
C GLN A 39 7.96 -7.09 5.98
N ALA A 40 8.60 -7.64 4.95
CA ALA A 40 8.91 -6.88 3.75
C ALA A 40 7.67 -6.63 2.91
N THR A 41 6.63 -7.43 3.14
CA THR A 41 5.39 -7.30 2.40
C THR A 41 4.60 -6.07 2.85
N LYS A 42 4.61 -5.82 4.16
CA LYS A 42 3.90 -4.68 4.72
C LYS A 42 4.73 -3.41 4.58
N ASP A 43 6.04 -3.54 4.72
CA ASP A 43 6.94 -2.40 4.61
C ASP A 43 6.81 -1.73 3.25
N ASN A 44 6.26 -2.47 2.28
CA ASN A 44 6.08 -1.95 0.94
C ASN A 44 5.05 -0.82 0.92
N LEU A 45 4.05 -0.93 1.79
CA LEU A 45 3.00 0.08 1.87
C LEU A 45 3.42 1.22 2.78
N ARG A 46 4.25 0.91 3.77
CA ARG A 46 4.72 1.92 4.72
C ARG A 46 5.82 2.77 4.09
N SER A 47 6.52 2.21 3.11
CA SER A 47 7.60 2.92 2.43
C SER A 47 7.05 3.74 1.26
N TYR A 48 5.85 3.39 0.81
CA TYR A 48 5.22 4.10 -0.30
C TYR A 48 4.80 5.51 0.11
N PHE A 49 4.06 5.60 1.22
CA PHE A 49 3.60 6.89 1.72
C PHE A 49 4.77 7.75 2.18
N ALA A 50 5.85 7.08 2.59
CA ALA A 50 7.04 7.79 3.05
C ALA A 50 7.67 8.60 1.93
N ASP A 51 7.45 8.17 0.69
CA ASP A 51 8.01 8.85 -0.47
C ASP A 51 7.12 10.03 -0.87
N LYS A 52 5.82 9.88 -0.69
CA LYS A 52 4.87 10.94 -1.03
C LYS A 52 4.82 12.00 0.07
N GLY A 53 5.21 11.61 1.28
CA GLY A 53 5.20 12.53 2.39
C GLY A 53 3.84 12.61 3.07
N LEU A 54 3.31 11.44 3.45
CA LEU A 54 2.01 11.37 4.11
C LEU A 54 2.13 11.80 5.57
N HIS A 55 1.13 12.52 6.06
CA HIS A 55 1.12 12.99 7.44
C HIS A 55 1.15 11.81 8.40
N SER A 56 0.37 10.77 8.09
CA SER A 56 0.31 9.58 8.94
C SER A 56 -0.71 8.59 8.39
N ILE A 57 -0.93 7.52 9.14
CA ILE A 57 -1.88 6.49 8.74
C ILE A 57 -3.18 7.11 8.22
N LYS A 58 -3.62 8.17 8.89
CA LYS A 58 -4.85 8.85 8.50
C LYS A 58 -4.75 9.38 7.07
N ASP A 59 -3.77 10.25 6.83
CA ASP A 59 -3.55 10.82 5.51
C ASP A 59 -3.18 9.74 4.50
N ILE A 60 -2.78 8.57 5.01
CA ILE A 60 -2.39 7.46 4.15
C ILE A 60 -3.61 6.65 3.71
N ILE A 61 -4.52 6.42 4.64
CA ILE A 61 -5.73 5.67 4.35
C ILE A 61 -6.81 6.57 3.76
N ASN A 62 -6.90 7.79 4.27
CA ASN A 62 -7.89 8.75 3.79
C ASN A 62 -7.85 8.86 2.27
N LYS A 63 -6.66 9.09 1.74
CA LYS A 63 -6.47 9.22 0.30
C LYS A 63 -6.95 7.96 -0.43
N ALA A 64 -6.74 6.81 0.19
CA ALA A 64 -7.16 5.54 -0.39
C ALA A 64 -8.67 5.44 -0.47
N LYS A 65 -9.34 5.81 0.62
CA LYS A 65 -10.79 5.76 0.68
C LYS A 65 -11.42 6.74 -0.32
N GLN A 66 -10.70 7.83 -0.58
CA GLN A 66 -11.18 8.84 -1.52
C GLN A 66 -11.49 8.22 -2.88
N ASP A 67 -10.73 7.19 -3.24
CA ASP A 67 -10.94 6.50 -4.52
C ASP A 67 -12.06 5.47 -4.40
N GLY A 68 -12.37 5.07 -3.18
CA GLY A 68 -13.41 4.08 -2.97
C GLY A 68 -12.87 2.76 -2.47
N PHE A 69 -11.67 2.79 -1.89
CA PHE A 69 -11.04 1.58 -1.38
C PHE A 69 -10.82 1.67 0.13
N ASP A 70 -11.27 0.65 0.85
CA ASP A 70 -11.12 0.62 2.30
C ASP A 70 -9.77 0.03 2.69
N VAL A 71 -8.87 0.88 3.18
CA VAL A 71 -7.55 0.45 3.60
C VAL A 71 -7.27 0.84 5.04
N SER A 72 -8.32 1.21 5.76
CA SER A 72 -8.19 1.62 7.15
C SER A 72 -8.04 0.40 8.06
N LYS A 73 -8.58 -0.72 7.61
CA LYS A 73 -8.51 -1.96 8.38
C LYS A 73 -7.24 -2.75 8.05
N TYR A 74 -6.68 -2.47 6.87
CA TYR A 74 -5.47 -3.15 6.44
C TYR A 74 -4.23 -2.31 6.76
N GLU A 75 -4.33 -1.49 7.80
CA GLU A 75 -3.23 -0.63 8.20
C GLU A 75 -2.63 -1.11 9.53
N HIS A 76 -1.32 -1.33 9.53
CA HIS A 76 -0.63 -1.79 10.73
C HIS A 76 -1.34 -3.00 11.34
N VAL A 77 -1.43 -4.08 10.57
CA VAL A 77 -2.07 -5.30 11.03
C VAL A 77 -1.27 -6.53 10.65
N LYS A 78 -0.04 -6.60 11.15
CA LYS A 78 0.84 -7.73 10.87
C LYS A 78 1.19 -8.48 12.15
N LYS A 6 11.24 -3.14 -6.11
CA LYS A 6 10.02 -2.35 -6.09
C LYS A 6 9.26 -2.50 -7.40
N CYS A 7 9.98 -2.53 -8.51
CA CYS A 7 9.39 -2.67 -9.82
C CYS A 7 9.58 -4.08 -10.37
N TYR A 8 9.73 -5.04 -9.46
CA TYR A 8 9.92 -6.43 -9.84
C TYR A 8 9.19 -7.37 -8.89
N SER A 9 8.99 -8.61 -9.33
CA SER A 9 8.30 -9.60 -8.51
C SER A 9 8.99 -9.77 -7.16
N GLN A 10 8.21 -9.71 -6.09
CA GLN A 10 8.74 -9.86 -4.74
C GLN A 10 8.38 -11.22 -4.16
N ASN A 11 7.25 -11.76 -4.60
CA ASN A 11 6.79 -13.06 -4.12
C ASN A 11 5.84 -13.71 -5.12
N GLY A 12 5.95 -13.31 -6.38
CA GLY A 12 5.10 -13.86 -7.43
C GLY A 12 4.47 -12.78 -8.28
N LEU A 13 4.15 -11.64 -7.67
CA LEU A 13 3.54 -10.54 -8.40
C LEU A 13 4.47 -9.32 -8.42
N VAL A 14 4.58 -8.70 -9.59
CA VAL A 14 5.44 -7.53 -9.76
C VAL A 14 4.65 -6.24 -9.51
N LEU A 15 5.14 -5.44 -8.58
CA LEU A 15 4.49 -4.17 -8.24
C LEU A 15 4.64 -3.16 -9.37
N HIS A 16 5.80 -3.20 -10.03
CA HIS A 16 6.08 -2.29 -11.13
C HIS A 16 5.94 -0.83 -10.69
N CYS A 17 6.14 -0.59 -9.40
CA CYS A 17 6.03 0.75 -8.85
C CYS A 17 4.97 1.56 -9.60
N ASP A 18 3.78 0.99 -9.75
CA ASP A 18 2.69 1.66 -10.45
C ASP A 18 2.32 2.96 -9.75
N ALA A 19 2.68 3.06 -8.48
CA ALA A 19 2.39 4.26 -7.69
C ALA A 19 0.91 4.62 -7.78
N ASN A 20 0.07 3.82 -7.12
CA ASN A 20 -1.37 4.06 -7.12
C ASN A 20 -2.08 3.04 -6.24
N PHE A 21 -3.41 3.02 -6.32
CA PHE A 21 -4.21 2.09 -5.54
C PHE A 21 -5.31 1.46 -6.39
N LEU A 22 -4.90 0.81 -7.47
CA LEU A 22 -5.84 0.16 -8.38
C LEU A 22 -6.22 -1.22 -7.86
N GLU A 23 -7.16 -1.87 -8.54
CA GLU A 23 -7.62 -3.20 -8.16
C GLU A 23 -6.43 -4.14 -7.99
N HIS A 24 -5.49 -4.08 -8.93
CA HIS A 24 -4.31 -4.93 -8.88
C HIS A 24 -3.52 -4.70 -7.60
N GLU A 25 -3.60 -3.49 -7.07
CA GLU A 25 -2.90 -3.15 -5.84
C GLU A 25 -3.74 -3.49 -4.61
N LEU A 26 -5.06 -3.50 -4.79
CA LEU A 26 -5.98 -3.81 -3.70
C LEU A 26 -5.81 -5.26 -3.24
N SER A 27 -5.33 -6.11 -4.13
CA SER A 27 -5.13 -7.51 -3.83
C SER A 27 -3.96 -7.69 -2.86
N TYR A 28 -2.95 -6.83 -2.99
CA TYR A 28 -1.78 -6.89 -2.13
C TYR A 28 -2.16 -6.72 -0.67
N ILE A 29 -3.01 -5.74 -0.39
CA ILE A 29 -3.46 -5.48 0.97
C ILE A 29 -3.87 -6.76 1.68
N ASP A 30 -4.31 -7.74 0.89
CA ASP A 30 -4.73 -9.03 1.43
C ASP A 30 -3.76 -9.51 2.50
N VAL A 31 -2.49 -9.67 2.12
CA VAL A 31 -1.47 -10.13 3.04
C VAL A 31 -1.26 -9.13 4.18
N LEU A 32 -1.40 -7.84 3.86
CA LEU A 32 -1.23 -6.79 4.85
C LEU A 32 -2.29 -6.89 5.95
N LEU A 33 -3.43 -7.47 5.60
CA LEU A 33 -4.53 -7.63 6.55
C LEU A 33 -4.38 -8.94 7.33
N ASP A 34 -3.63 -9.87 6.76
CA ASP A 34 -3.40 -11.16 7.41
C ASP A 34 -2.04 -11.20 8.10
N LYS A 35 -1.98 -11.91 9.22
CA LYS A 35 -0.74 -12.01 9.98
C LYS A 35 0.38 -12.57 9.11
N ASN A 36 0.01 -13.22 8.01
CA ASN A 36 0.98 -13.80 7.10
C ASN A 36 1.82 -12.71 6.43
N ALA A 37 1.36 -11.47 6.54
CA ALA A 37 2.06 -10.34 5.95
C ALA A 37 3.55 -10.43 6.20
N ASP A 38 4.35 -10.27 5.15
CA ASP A 38 5.80 -10.33 5.25
C ASP A 38 6.39 -8.95 5.48
N GLN A 39 7.44 -8.87 6.29
CA GLN A 39 8.09 -7.61 6.59
C GLN A 39 8.47 -6.88 5.30
N ALA A 40 8.73 -7.64 4.25
CA ALA A 40 9.10 -7.07 2.96
C ALA A 40 7.88 -6.48 2.26
N THR A 41 6.72 -7.10 2.44
CA THR A 41 5.49 -6.64 1.84
C THR A 41 4.97 -5.38 2.52
N LYS A 42 5.21 -5.28 3.82
CA LYS A 42 4.77 -4.12 4.59
C LYS A 42 5.79 -2.98 4.49
N ASP A 43 7.06 -3.34 4.45
CA ASP A 43 8.13 -2.36 4.35
C ASP A 43 8.11 -1.67 2.98
N ASN A 44 7.47 -2.31 2.02
CA ASN A 44 7.38 -1.77 0.67
C ASN A 44 6.19 -0.82 0.54
N LEU A 45 5.05 -1.23 1.09
CA LEU A 45 3.84 -0.42 1.03
C LEU A 45 3.91 0.72 2.06
N ARG A 46 4.37 0.40 3.26
CA ARG A 46 4.49 1.40 4.32
C ARG A 46 5.55 2.43 3.99
N SER A 47 6.42 2.10 3.03
CA SER A 47 7.49 3.00 2.62
C SER A 47 6.95 4.09 1.70
N TYR A 48 5.77 3.86 1.14
CA TYR A 48 5.16 4.82 0.24
C TYR A 48 4.84 6.12 0.96
N PHE A 49 4.00 6.02 1.99
CA PHE A 49 3.61 7.19 2.78
C PHE A 49 4.84 7.90 3.34
N ALA A 50 5.91 7.15 3.54
CA ALA A 50 7.16 7.71 4.08
C ALA A 50 7.98 8.35 2.97
N ASP A 51 7.73 7.92 1.73
CA ASP A 51 8.46 8.45 0.59
C ASP A 51 7.83 9.75 0.09
N LYS A 52 6.55 9.94 0.40
CA LYS A 52 5.83 11.13 -0.01
C LYS A 52 5.66 12.10 1.16
N GLY A 53 5.74 11.56 2.38
CA GLY A 53 5.61 12.38 3.57
C GLY A 53 4.16 12.56 3.99
N LEU A 54 3.54 11.46 4.45
CA LEU A 54 2.15 11.50 4.88
C LEU A 54 2.06 11.74 6.38
N HIS A 55 1.08 12.56 6.79
CA HIS A 55 0.89 12.87 8.20
C HIS A 55 0.83 11.60 9.04
N SER A 56 -0.01 10.66 8.62
CA SER A 56 -0.15 9.39 9.34
C SER A 56 -1.26 8.54 8.74
N ILE A 57 -1.65 7.50 9.46
CA ILE A 57 -2.70 6.61 8.99
C ILE A 57 -3.85 7.39 8.37
N LYS A 58 -4.18 8.53 8.97
CA LYS A 58 -5.26 9.38 8.47
C LYS A 58 -4.99 9.80 7.03
N ASP A 59 -3.88 10.51 6.82
CA ASP A 59 -3.52 10.97 5.48
C ASP A 59 -3.17 9.79 4.57
N ILE A 60 -2.89 8.64 5.19
CA ILE A 60 -2.55 7.44 4.43
C ILE A 60 -3.80 6.77 3.88
N ILE A 61 -4.85 6.72 4.69
CA ILE A 61 -6.10 6.09 4.29
C ILE A 61 -6.99 7.09 3.56
N ASN A 62 -7.00 8.33 4.04
CA ASN A 62 -7.81 9.38 3.44
C ASN A 62 -7.63 9.41 1.92
N LYS A 63 -6.44 9.02 1.47
CA LYS A 63 -6.13 9.00 0.04
C LYS A 63 -7.03 8.01 -0.69
N ALA A 64 -6.87 6.73 -0.36
CA ALA A 64 -7.66 5.68 -0.99
C ALA A 64 -9.14 5.84 -0.67
N LYS A 65 -9.44 6.10 0.60
CA LYS A 65 -10.82 6.28 1.04
C LYS A 65 -11.54 7.30 0.17
N GLN A 66 -10.89 8.44 -0.06
CA GLN A 66 -11.47 9.50 -0.88
C GLN A 66 -11.82 8.98 -2.28
N ASP A 67 -10.85 8.31 -2.90
CA ASP A 67 -11.07 7.76 -4.24
C ASP A 67 -12.19 6.72 -4.24
N GLY A 68 -12.49 6.19 -3.06
CA GLY A 68 -13.53 5.20 -2.94
C GLY A 68 -12.99 3.80 -2.69
N PHE A 69 -11.79 3.73 -2.13
CA PHE A 69 -11.15 2.46 -1.84
C PHE A 69 -10.90 2.29 -0.35
N ASP A 70 -11.08 1.07 0.15
CA ASP A 70 -10.88 0.79 1.57
C ASP A 70 -9.40 0.59 1.87
N VAL A 71 -8.89 1.36 2.81
CA VAL A 71 -7.49 1.28 3.21
C VAL A 71 -7.34 1.14 4.72
N SER A 72 -8.46 0.93 5.39
CA SER A 72 -8.46 0.78 6.84
C SER A 72 -7.82 -0.54 7.26
N LYS A 73 -7.90 -1.52 6.38
CA LYS A 73 -7.33 -2.84 6.64
C LYS A 73 -5.88 -2.91 6.18
N TYR A 74 -5.47 -1.93 5.37
CA TYR A 74 -4.10 -1.88 4.86
C TYR A 74 -3.20 -1.07 5.80
N GLU A 75 -3.81 -0.25 6.63
CA GLU A 75 -3.06 0.57 7.58
C GLU A 75 -2.60 -0.26 8.78
N HIS A 76 -1.82 -1.29 8.49
CA HIS A 76 -1.31 -2.16 9.56
C HIS A 76 -2.43 -2.55 10.53
N VAL A 77 -3.53 -3.07 9.99
CA VAL A 77 -4.65 -3.48 10.81
C VAL A 77 -4.40 -4.84 11.47
N LYS A 78 -3.24 -5.42 11.18
CA LYS A 78 -2.87 -6.71 11.74
C LYS A 78 -2.98 -6.68 13.27
#